data_4KDC
# 
_entry.id   4KDC 
# 
_audit_conform.dict_name       mmcif_pdbx.dic 
_audit_conform.dict_version    5.387 
_audit_conform.dict_location   http://mmcif.pdb.org/dictionaries/ascii/mmcif_pdbx.dic 
# 
loop_
_database_2.database_id 
_database_2.database_code 
_database_2.pdbx_database_accession 
_database_2.pdbx_DOI 
PDB   4KDC         pdb_00004kdc 10.2210/pdb4kdc/pdb 
RCSB  RCSB079195   ?            ?                   
WWPDB D_1000079195 ?            ?                   
# 
loop_
_pdbx_audit_revision_history.ordinal 
_pdbx_audit_revision_history.data_content_type 
_pdbx_audit_revision_history.major_revision 
_pdbx_audit_revision_history.minor_revision 
_pdbx_audit_revision_history.revision_date 
1 'Structure model' 1 0 2014-04-30 
2 'Structure model' 1 1 2018-01-24 
3 'Structure model' 1 2 2024-02-28 
# 
_pdbx_audit_revision_details.ordinal             1 
_pdbx_audit_revision_details.revision_ordinal    1 
_pdbx_audit_revision_details.data_content_type   'Structure model' 
_pdbx_audit_revision_details.provider            repository 
_pdbx_audit_revision_details.type                'Initial release' 
_pdbx_audit_revision_details.description         ? 
_pdbx_audit_revision_details.details             ? 
# 
loop_
_pdbx_audit_revision_group.ordinal 
_pdbx_audit_revision_group.revision_ordinal 
_pdbx_audit_revision_group.data_content_type 
_pdbx_audit_revision_group.group 
1 2 'Structure model' 'Database references' 
2 3 'Structure model' 'Data collection'     
3 3 'Structure model' 'Database references' 
# 
loop_
_pdbx_audit_revision_category.ordinal 
_pdbx_audit_revision_category.revision_ordinal 
_pdbx_audit_revision_category.data_content_type 
_pdbx_audit_revision_category.category 
1 2 'Structure model' citation           
2 2 'Structure model' citation_author    
3 3 'Structure model' chem_comp_atom     
4 3 'Structure model' chem_comp_bond     
5 3 'Structure model' database_2         
6 3 'Structure model' struct_ref_seq_dif 
# 
loop_
_pdbx_audit_revision_item.ordinal 
_pdbx_audit_revision_item.revision_ordinal 
_pdbx_audit_revision_item.data_content_type 
_pdbx_audit_revision_item.item 
1  2 'Structure model' '_citation.country'                   
2  2 'Structure model' '_citation.journal_abbrev'            
3  2 'Structure model' '_citation.journal_id_ASTM'           
4  2 'Structure model' '_citation.journal_id_CSD'            
5  2 'Structure model' '_citation.journal_id_ISSN'           
6  2 'Structure model' '_citation.journal_volume'            
7  2 'Structure model' '_citation.page_first'                
8  2 'Structure model' '_citation.page_last'                 
9  2 'Structure model' '_citation.pdbx_database_id_DOI'      
10 2 'Structure model' '_citation.pdbx_database_id_PubMed'   
11 2 'Structure model' '_citation.title'                     
12 2 'Structure model' '_citation.year'                      
13 3 'Structure model' '_database_2.pdbx_DOI'                
14 3 'Structure model' '_database_2.pdbx_database_accession' 
15 3 'Structure model' '_struct_ref_seq_dif.details'         
# 
_pdbx_database_status.status_code                     REL 
_pdbx_database_status.entry_id                        4KDC 
_pdbx_database_status.recvd_initial_deposition_date   2013-04-24 
_pdbx_database_status.deposit_site                    RCSB 
_pdbx_database_status.process_site                    RCSB 
_pdbx_database_status.status_code_sf                  REL 
_pdbx_database_status.status_code_mr                  ? 
_pdbx_database_status.SG_entry                        ? 
_pdbx_database_status.status_code_cs                  ? 
_pdbx_database_status.methods_development_category    ? 
_pdbx_database_status.pdb_format_compatible           Y 
_pdbx_database_status.status_code_nmr_data            ? 
# 
_pdbx_database_related.db_name        PDB 
_pdbx_database_related.db_id          4KDR 
_pdbx_database_related.details        . 
_pdbx_database_related.content_type   unspecified 
# 
loop_
_audit_author.name 
_audit_author.pdbx_ordinal 
'Zhu, Y.'  1 
'Teng, M.' 2 
'Li, X.'   3 
# 
_citation.id                        primary 
_citation.title                     
'Structural and biochemical studies reveal UbiG/Coq3 as a class of novel membrane-binding proteins.' 
_citation.journal_abbrev            'Biochem. J.' 
_citation.journal_volume            470 
_citation.page_first                105 
_citation.page_last                 114 
_citation.year                      2015 
_citation.journal_id_ASTM           BIJOAK 
_citation.country                   UK 
_citation.journal_id_ISSN           1470-8728 
_citation.journal_id_CSD            0043 
_citation.book_publisher            ? 
_citation.pdbx_database_id_PubMed   26251450 
_citation.pdbx_database_id_DOI      10.1042/BJ20150329 
# 
loop_
_citation_author.citation_id 
_citation_author.name 
_citation_author.ordinal 
_citation_author.identifier_ORCID 
primary 'Zhu, Y.'   1 ? 
primary 'Wu, B.'    2 ? 
primary 'Zhang, X.' 3 ? 
primary 'Fan, X.'   4 ? 
primary 'Niu, L.'   5 ? 
primary 'Li, X.'    6 ? 
primary 'Wang, J.'  7 ? 
primary 'Teng, M.'  8 ? 
# 
loop_
_entity.id 
_entity.type 
_entity.src_method 
_entity.pdbx_description 
_entity.formula_weight 
_entity.pdbx_number_of_molecules 
_entity.pdbx_ec 
_entity.pdbx_mutation 
_entity.pdbx_fragment 
_entity.details 
1 polymer man '3-demethylubiquinone-9 3-methyltransferase' 27420.348 1  '2.1.1.64, 2.1.1.222' ? ? ? 
2 water   nat water                                        18.015    75 ?                     ? ? ? 
# 
_entity_name_com.entity_id   1 
_entity_name_com.name        
'2-polyprenyl-6-hydroxyphenyl methylase, 3,4-dihydroxy-5-hexaprenylbenzoate methyltransferase, DHHB methyltransferase' 
# 
_entity_poly.entity_id                      1 
_entity_poly.type                           'polypeptide(L)' 
_entity_poly.nstd_linkage                   no 
_entity_poly.nstd_monomer                   no 
_entity_poly.pdbx_seq_one_letter_code       
;HHHHHHMNAEKSPVNHNVDHEEIAKFEAVASRWWDLEGEFKPLHRINPLRLGYIAERAGGLFGKKVLDVGCGGGILAESM
AREGATVTGLDMGFEPLQVAKLHALESGIQVDYVQETVEEHAAKHAGQYDVVTCMEMLEHVPDPQSVVRACAQLVKPGGD
VFFSTLNRNGKSWLMAVVGAEYILRMVPKGTHDVKKFIKPAELLGWVDQTSLKERHITGLHYNPITNTFKLGPGVDVNYM
LHTQNK
;
_entity_poly.pdbx_seq_one_letter_code_can   
;HHHHHHMNAEKSPVNHNVDHEEIAKFEAVASRWWDLEGEFKPLHRINPLRLGYIAERAGGLFGKKVLDVGCGGGILAESM
AREGATVTGLDMGFEPLQVAKLHALESGIQVDYVQETVEEHAAKHAGQYDVVTCMEMLEHVPDPQSVVRACAQLVKPGGD
VFFSTLNRNGKSWLMAVVGAEYILRMVPKGTHDVKKFIKPAELLGWVDQTSLKERHITGLHYNPITNTFKLGPGVDVNYM
LHTQNK
;
_entity_poly.pdbx_strand_id                 A 
_entity_poly.pdbx_target_identifier         ? 
# 
_pdbx_entity_nonpoly.entity_id   2 
_pdbx_entity_nonpoly.name        water 
_pdbx_entity_nonpoly.comp_id     HOH 
# 
loop_
_entity_poly_seq.entity_id 
_entity_poly_seq.num 
_entity_poly_seq.mon_id 
_entity_poly_seq.hetero 
1 1   HIS n 
1 2   HIS n 
1 3   HIS n 
1 4   HIS n 
1 5   HIS n 
1 6   HIS n 
1 7   MET n 
1 8   ASN n 
1 9   ALA n 
1 10  GLU n 
1 11  LYS n 
1 12  SER n 
1 13  PRO n 
1 14  VAL n 
1 15  ASN n 
1 16  HIS n 
1 17  ASN n 
1 18  VAL n 
1 19  ASP n 
1 20  HIS n 
1 21  GLU n 
1 22  GLU n 
1 23  ILE n 
1 24  ALA n 
1 25  LYS n 
1 26  PHE n 
1 27  GLU n 
1 28  ALA n 
1 29  VAL n 
1 30  ALA n 
1 31  SER n 
1 32  ARG n 
1 33  TRP n 
1 34  TRP n 
1 35  ASP n 
1 36  LEU n 
1 37  GLU n 
1 38  GLY n 
1 39  GLU n 
1 40  PHE n 
1 41  LYS n 
1 42  PRO n 
1 43  LEU n 
1 44  HIS n 
1 45  ARG n 
1 46  ILE n 
1 47  ASN n 
1 48  PRO n 
1 49  LEU n 
1 50  ARG n 
1 51  LEU n 
1 52  GLY n 
1 53  TYR n 
1 54  ILE n 
1 55  ALA n 
1 56  GLU n 
1 57  ARG n 
1 58  ALA n 
1 59  GLY n 
1 60  GLY n 
1 61  LEU n 
1 62  PHE n 
1 63  GLY n 
1 64  LYS n 
1 65  LYS n 
1 66  VAL n 
1 67  LEU n 
1 68  ASP n 
1 69  VAL n 
1 70  GLY n 
1 71  CYS n 
1 72  GLY n 
1 73  GLY n 
1 74  GLY n 
1 75  ILE n 
1 76  LEU n 
1 77  ALA n 
1 78  GLU n 
1 79  SER n 
1 80  MET n 
1 81  ALA n 
1 82  ARG n 
1 83  GLU n 
1 84  GLY n 
1 85  ALA n 
1 86  THR n 
1 87  VAL n 
1 88  THR n 
1 89  GLY n 
1 90  LEU n 
1 91  ASP n 
1 92  MET n 
1 93  GLY n 
1 94  PHE n 
1 95  GLU n 
1 96  PRO n 
1 97  LEU n 
1 98  GLN n 
1 99  VAL n 
1 100 ALA n 
1 101 LYS n 
1 102 LEU n 
1 103 HIS n 
1 104 ALA n 
1 105 LEU n 
1 106 GLU n 
1 107 SER n 
1 108 GLY n 
1 109 ILE n 
1 110 GLN n 
1 111 VAL n 
1 112 ASP n 
1 113 TYR n 
1 114 VAL n 
1 115 GLN n 
1 116 GLU n 
1 117 THR n 
1 118 VAL n 
1 119 GLU n 
1 120 GLU n 
1 121 HIS n 
1 122 ALA n 
1 123 ALA n 
1 124 LYS n 
1 125 HIS n 
1 126 ALA n 
1 127 GLY n 
1 128 GLN n 
1 129 TYR n 
1 130 ASP n 
1 131 VAL n 
1 132 VAL n 
1 133 THR n 
1 134 CYS n 
1 135 MET n 
1 136 GLU n 
1 137 MET n 
1 138 LEU n 
1 139 GLU n 
1 140 HIS n 
1 141 VAL n 
1 142 PRO n 
1 143 ASP n 
1 144 PRO n 
1 145 GLN n 
1 146 SER n 
1 147 VAL n 
1 148 VAL n 
1 149 ARG n 
1 150 ALA n 
1 151 CYS n 
1 152 ALA n 
1 153 GLN n 
1 154 LEU n 
1 155 VAL n 
1 156 LYS n 
1 157 PRO n 
1 158 GLY n 
1 159 GLY n 
1 160 ASP n 
1 161 VAL n 
1 162 PHE n 
1 163 PHE n 
1 164 SER n 
1 165 THR n 
1 166 LEU n 
1 167 ASN n 
1 168 ARG n 
1 169 ASN n 
1 170 GLY n 
1 171 LYS n 
1 172 SER n 
1 173 TRP n 
1 174 LEU n 
1 175 MET n 
1 176 ALA n 
1 177 VAL n 
1 178 VAL n 
1 179 GLY n 
1 180 ALA n 
1 181 GLU n 
1 182 TYR n 
1 183 ILE n 
1 184 LEU n 
1 185 ARG n 
1 186 MET n 
1 187 VAL n 
1 188 PRO n 
1 189 LYS n 
1 190 GLY n 
1 191 THR n 
1 192 HIS n 
1 193 ASP n 
1 194 VAL n 
1 195 LYS n 
1 196 LYS n 
1 197 PHE n 
1 198 ILE n 
1 199 LYS n 
1 200 PRO n 
1 201 ALA n 
1 202 GLU n 
1 203 LEU n 
1 204 LEU n 
1 205 GLY n 
1 206 TRP n 
1 207 VAL n 
1 208 ASP n 
1 209 GLN n 
1 210 THR n 
1 211 SER n 
1 212 LEU n 
1 213 LYS n 
1 214 GLU n 
1 215 ARG n 
1 216 HIS n 
1 217 ILE n 
1 218 THR n 
1 219 GLY n 
1 220 LEU n 
1 221 HIS n 
1 222 TYR n 
1 223 ASN n 
1 224 PRO n 
1 225 ILE n 
1 226 THR n 
1 227 ASN n 
1 228 THR n 
1 229 PHE n 
1 230 LYS n 
1 231 LEU n 
1 232 GLY n 
1 233 PRO n 
1 234 GLY n 
1 235 VAL n 
1 236 ASP n 
1 237 VAL n 
1 238 ASN n 
1 239 TYR n 
1 240 MET n 
1 241 LEU n 
1 242 HIS n 
1 243 THR n 
1 244 GLN n 
1 245 ASN n 
1 246 LYS n 
# 
_entity_src_gen.entity_id                          1 
_entity_src_gen.pdbx_src_id                        1 
_entity_src_gen.pdbx_alt_source_flag               sample 
_entity_src_gen.pdbx_seq_type                      ? 
_entity_src_gen.pdbx_beg_seq_num                   ? 
_entity_src_gen.pdbx_end_seq_num                   ? 
_entity_src_gen.gene_src_common_name               ? 
_entity_src_gen.gene_src_genus                     ? 
_entity_src_gen.pdbx_gene_src_gene                 'ubiG, pufX, yfaB, b2232, JW2226' 
_entity_src_gen.gene_src_species                   ? 
_entity_src_gen.gene_src_strain                    K12 
_entity_src_gen.gene_src_tissue                    ? 
_entity_src_gen.gene_src_tissue_fraction           ? 
_entity_src_gen.gene_src_details                   ? 
_entity_src_gen.pdbx_gene_src_fragment             ? 
_entity_src_gen.pdbx_gene_src_scientific_name      'Escherichia coli' 
_entity_src_gen.pdbx_gene_src_ncbi_taxonomy_id     83333 
_entity_src_gen.pdbx_gene_src_variant              ? 
_entity_src_gen.pdbx_gene_src_cell_line            ? 
_entity_src_gen.pdbx_gene_src_atcc                 ? 
_entity_src_gen.pdbx_gene_src_organ                ? 
_entity_src_gen.pdbx_gene_src_organelle            ? 
_entity_src_gen.pdbx_gene_src_cell                 ? 
_entity_src_gen.pdbx_gene_src_cellular_location    ? 
_entity_src_gen.host_org_common_name               ? 
_entity_src_gen.pdbx_host_org_scientific_name      'Escherichia coli' 
_entity_src_gen.pdbx_host_org_ncbi_taxonomy_id     562 
_entity_src_gen.host_org_genus                     ? 
_entity_src_gen.pdbx_host_org_gene                 ? 
_entity_src_gen.pdbx_host_org_organ                ? 
_entity_src_gen.host_org_species                   ? 
_entity_src_gen.pdbx_host_org_tissue               ? 
_entity_src_gen.pdbx_host_org_tissue_fraction      ? 
_entity_src_gen.pdbx_host_org_strain               ? 
_entity_src_gen.pdbx_host_org_variant              ? 
_entity_src_gen.pdbx_host_org_cell_line            ? 
_entity_src_gen.pdbx_host_org_atcc                 ? 
_entity_src_gen.pdbx_host_org_culture_collection   ? 
_entity_src_gen.pdbx_host_org_cell                 ? 
_entity_src_gen.pdbx_host_org_organelle            ? 
_entity_src_gen.pdbx_host_org_cellular_location    ? 
_entity_src_gen.pdbx_host_org_vector_type          ? 
_entity_src_gen.pdbx_host_org_vector               ? 
_entity_src_gen.host_org_details                   ? 
_entity_src_gen.expression_system_id               ? 
_entity_src_gen.plasmid_name                       ? 
_entity_src_gen.plasmid_details                    ? 
_entity_src_gen.pdbx_description                   ? 
# 
loop_
_chem_comp.id 
_chem_comp.type 
_chem_comp.mon_nstd_flag 
_chem_comp.name 
_chem_comp.pdbx_synonyms 
_chem_comp.formula 
_chem_comp.formula_weight 
ALA 'L-peptide linking' y ALANINE         ? 'C3 H7 N O2'     89.093  
ARG 'L-peptide linking' y ARGININE        ? 'C6 H15 N4 O2 1' 175.209 
ASN 'L-peptide linking' y ASPARAGINE      ? 'C4 H8 N2 O3'    132.118 
ASP 'L-peptide linking' y 'ASPARTIC ACID' ? 'C4 H7 N O4'     133.103 
CYS 'L-peptide linking' y CYSTEINE        ? 'C3 H7 N O2 S'   121.158 
GLN 'L-peptide linking' y GLUTAMINE       ? 'C5 H10 N2 O3'   146.144 
GLU 'L-peptide linking' y 'GLUTAMIC ACID' ? 'C5 H9 N O4'     147.129 
GLY 'peptide linking'   y GLYCINE         ? 'C2 H5 N O2'     75.067  
HIS 'L-peptide linking' y HISTIDINE       ? 'C6 H10 N3 O2 1' 156.162 
HOH non-polymer         . WATER           ? 'H2 O'           18.015  
ILE 'L-peptide linking' y ISOLEUCINE      ? 'C6 H13 N O2'    131.173 
LEU 'L-peptide linking' y LEUCINE         ? 'C6 H13 N O2'    131.173 
LYS 'L-peptide linking' y LYSINE          ? 'C6 H15 N2 O2 1' 147.195 
MET 'L-peptide linking' y METHIONINE      ? 'C5 H11 N O2 S'  149.211 
PHE 'L-peptide linking' y PHENYLALANINE   ? 'C9 H11 N O2'    165.189 
PRO 'L-peptide linking' y PROLINE         ? 'C5 H9 N O2'     115.130 
SER 'L-peptide linking' y SERINE          ? 'C3 H7 N O3'     105.093 
THR 'L-peptide linking' y THREONINE       ? 'C4 H9 N O3'     119.119 
TRP 'L-peptide linking' y TRYPTOPHAN      ? 'C11 H12 N2 O2'  204.225 
TYR 'L-peptide linking' y TYROSINE        ? 'C9 H11 N O3'    181.189 
VAL 'L-peptide linking' y VALINE          ? 'C5 H11 N O2'    117.146 
# 
loop_
_pdbx_poly_seq_scheme.asym_id 
_pdbx_poly_seq_scheme.entity_id 
_pdbx_poly_seq_scheme.seq_id 
_pdbx_poly_seq_scheme.mon_id 
_pdbx_poly_seq_scheme.ndb_seq_num 
_pdbx_poly_seq_scheme.pdb_seq_num 
_pdbx_poly_seq_scheme.auth_seq_num 
_pdbx_poly_seq_scheme.pdb_mon_id 
_pdbx_poly_seq_scheme.auth_mon_id 
_pdbx_poly_seq_scheme.pdb_strand_id 
_pdbx_poly_seq_scheme.pdb_ins_code 
_pdbx_poly_seq_scheme.hetero 
A 1 1   HIS 1   -5  ?   ?   ?   A . n 
A 1 2   HIS 2   -4  ?   ?   ?   A . n 
A 1 3   HIS 3   -3  ?   ?   ?   A . n 
A 1 4   HIS 4   -2  ?   ?   ?   A . n 
A 1 5   HIS 5   -1  ?   ?   ?   A . n 
A 1 6   HIS 6   0   ?   ?   ?   A . n 
A 1 7   MET 7   1   ?   ?   ?   A . n 
A 1 8   ASN 8   2   ?   ?   ?   A . n 
A 1 9   ALA 9   3   ?   ?   ?   A . n 
A 1 10  GLU 10  4   ?   ?   ?   A . n 
A 1 11  LYS 11  5   ?   ?   ?   A . n 
A 1 12  SER 12  6   ?   ?   ?   A . n 
A 1 13  PRO 13  7   ?   ?   ?   A . n 
A 1 14  VAL 14  8   ?   ?   ?   A . n 
A 1 15  ASN 15  9   ?   ?   ?   A . n 
A 1 16  HIS 16  10  ?   ?   ?   A . n 
A 1 17  ASN 17  11  ?   ?   ?   A . n 
A 1 18  VAL 18  12  ?   ?   ?   A . n 
A 1 19  ASP 19  13  ?   ?   ?   A . n 
A 1 20  HIS 20  14  ?   ?   ?   A . n 
A 1 21  GLU 21  15  ?   ?   ?   A . n 
A 1 22  GLU 22  16  16  GLU GLU A . n 
A 1 23  ILE 23  17  17  ILE ILE A . n 
A 1 24  ALA 24  18  18  ALA ALA A . n 
A 1 25  LYS 25  19  19  LYS LYS A . n 
A 1 26  PHE 26  20  20  PHE PHE A . n 
A 1 27  GLU 27  21  21  GLU GLU A . n 
A 1 28  ALA 28  22  22  ALA ALA A . n 
A 1 29  VAL 29  23  23  VAL VAL A . n 
A 1 30  ALA 30  24  24  ALA ALA A . n 
A 1 31  SER 31  25  25  SER SER A . n 
A 1 32  ARG 32  26  26  ARG ARG A . n 
A 1 33  TRP 33  27  27  TRP TRP A . n 
A 1 34  TRP 34  28  28  TRP TRP A . n 
A 1 35  ASP 35  29  29  ASP ASP A . n 
A 1 36  LEU 36  30  30  LEU LEU A . n 
A 1 37  GLU 37  31  31  GLU GLU A . n 
A 1 38  GLY 38  32  32  GLY GLY A . n 
A 1 39  GLU 39  33  33  GLU GLU A . n 
A 1 40  PHE 40  34  34  PHE PHE A . n 
A 1 41  LYS 41  35  35  LYS LYS A . n 
A 1 42  PRO 42  36  36  PRO PRO A . n 
A 1 43  LEU 43  37  37  LEU LEU A . n 
A 1 44  HIS 44  38  38  HIS HIS A . n 
A 1 45  ARG 45  39  39  ARG ARG A . n 
A 1 46  ILE 46  40  40  ILE ILE A . n 
A 1 47  ASN 47  41  41  ASN ASN A . n 
A 1 48  PRO 48  42  42  PRO PRO A . n 
A 1 49  LEU 49  43  43  LEU LEU A . n 
A 1 50  ARG 50  44  44  ARG ARG A . n 
A 1 51  LEU 51  45  45  LEU LEU A . n 
A 1 52  GLY 52  46  46  GLY GLY A . n 
A 1 53  TYR 53  47  47  TYR TYR A . n 
A 1 54  ILE 54  48  48  ILE ILE A . n 
A 1 55  ALA 55  49  49  ALA ALA A . n 
A 1 56  GLU 56  50  50  GLU GLU A . n 
A 1 57  ARG 57  51  51  ARG ARG A . n 
A 1 58  ALA 58  52  52  ALA ALA A . n 
A 1 59  GLY 59  53  53  GLY GLY A . n 
A 1 60  GLY 60  54  54  GLY GLY A . n 
A 1 61  LEU 61  55  55  LEU LEU A . n 
A 1 62  PHE 62  56  56  PHE PHE A . n 
A 1 63  GLY 63  57  57  GLY GLY A . n 
A 1 64  LYS 64  58  58  LYS LYS A . n 
A 1 65  LYS 65  59  59  LYS LYS A . n 
A 1 66  VAL 66  60  60  VAL VAL A . n 
A 1 67  LEU 67  61  61  LEU LEU A . n 
A 1 68  ASP 68  62  62  ASP ASP A . n 
A 1 69  VAL 69  63  63  VAL VAL A . n 
A 1 70  GLY 70  64  64  GLY GLY A . n 
A 1 71  CYS 71  65  65  CYS CYS A . n 
A 1 72  GLY 72  66  66  GLY GLY A . n 
A 1 73  GLY 73  67  67  GLY GLY A . n 
A 1 74  GLY 74  68  68  GLY GLY A . n 
A 1 75  ILE 75  69  69  ILE ILE A . n 
A 1 76  LEU 76  70  70  LEU LEU A . n 
A 1 77  ALA 77  71  71  ALA ALA A . n 
A 1 78  GLU 78  72  72  GLU GLU A . n 
A 1 79  SER 79  73  73  SER SER A . n 
A 1 80  MET 80  74  74  MET MET A . n 
A 1 81  ALA 81  75  75  ALA ALA A . n 
A 1 82  ARG 82  76  76  ARG ARG A . n 
A 1 83  GLU 83  77  77  GLU GLU A . n 
A 1 84  GLY 84  78  78  GLY GLY A . n 
A 1 85  ALA 85  79  79  ALA ALA A . n 
A 1 86  THR 86  80  80  THR THR A . n 
A 1 87  VAL 87  81  81  VAL VAL A . n 
A 1 88  THR 88  82  82  THR THR A . n 
A 1 89  GLY 89  83  83  GLY GLY A . n 
A 1 90  LEU 90  84  84  LEU LEU A . n 
A 1 91  ASP 91  85  85  ASP ASP A . n 
A 1 92  MET 92  86  86  MET MET A . n 
A 1 93  GLY 93  87  87  GLY GLY A . n 
A 1 94  PHE 94  88  88  PHE PHE A . n 
A 1 95  GLU 95  89  89  GLU GLU A . n 
A 1 96  PRO 96  90  90  PRO PRO A . n 
A 1 97  LEU 97  91  91  LEU LEU A . n 
A 1 98  GLN 98  92  92  GLN GLN A . n 
A 1 99  VAL 99  93  93  VAL VAL A . n 
A 1 100 ALA 100 94  94  ALA ALA A . n 
A 1 101 LYS 101 95  95  LYS LYS A . n 
A 1 102 LEU 102 96  96  LEU LEU A . n 
A 1 103 HIS 103 97  97  HIS HIS A . n 
A 1 104 ALA 104 98  98  ALA ALA A . n 
A 1 105 LEU 105 99  99  LEU LEU A . n 
A 1 106 GLU 106 100 100 GLU GLU A . n 
A 1 107 SER 107 101 101 SER SER A . n 
A 1 108 GLY 108 102 102 GLY GLY A . n 
A 1 109 ILE 109 103 103 ILE ILE A . n 
A 1 110 GLN 110 104 104 GLN GLN A . n 
A 1 111 VAL 111 105 105 VAL VAL A . n 
A 1 112 ASP 112 106 106 ASP ASP A . n 
A 1 113 TYR 113 107 107 TYR TYR A . n 
A 1 114 VAL 114 108 108 VAL VAL A . n 
A 1 115 GLN 115 109 109 GLN GLN A . n 
A 1 116 GLU 116 110 110 GLU GLU A . n 
A 1 117 THR 117 111 111 THR THR A . n 
A 1 118 VAL 118 112 112 VAL VAL A . n 
A 1 119 GLU 119 113 113 GLU GLU A . n 
A 1 120 GLU 120 114 114 GLU GLU A . n 
A 1 121 HIS 121 115 115 HIS HIS A . n 
A 1 122 ALA 122 116 116 ALA ALA A . n 
A 1 123 ALA 123 117 117 ALA ALA A . n 
A 1 124 LYS 124 118 118 LYS LYS A . n 
A 1 125 HIS 125 119 119 HIS HIS A . n 
A 1 126 ALA 126 120 120 ALA ALA A . n 
A 1 127 GLY 127 121 121 GLY GLY A . n 
A 1 128 GLN 128 122 122 GLN GLN A . n 
A 1 129 TYR 129 123 123 TYR TYR A . n 
A 1 130 ASP 130 124 124 ASP ASP A . n 
A 1 131 VAL 131 125 125 VAL VAL A . n 
A 1 132 VAL 132 126 126 VAL VAL A . n 
A 1 133 THR 133 127 127 THR THR A . n 
A 1 134 CYS 134 128 128 CYS CYS A . n 
A 1 135 MET 135 129 129 MET MET A . n 
A 1 136 GLU 136 130 130 GLU GLU A . n 
A 1 137 MET 137 131 131 MET MET A . n 
A 1 138 LEU 138 132 132 LEU LEU A . n 
A 1 139 GLU 139 133 133 GLU GLU A . n 
A 1 140 HIS 140 134 134 HIS HIS A . n 
A 1 141 VAL 141 135 135 VAL VAL A . n 
A 1 142 PRO 142 136 136 PRO PRO A . n 
A 1 143 ASP 143 137 137 ASP ASP A . n 
A 1 144 PRO 144 138 138 PRO PRO A . n 
A 1 145 GLN 145 139 139 GLN GLN A . n 
A 1 146 SER 146 140 140 SER SER A . n 
A 1 147 VAL 147 141 141 VAL VAL A . n 
A 1 148 VAL 148 142 142 VAL VAL A . n 
A 1 149 ARG 149 143 143 ARG ARG A . n 
A 1 150 ALA 150 144 144 ALA ALA A . n 
A 1 151 CYS 151 145 145 CYS CYS A . n 
A 1 152 ALA 152 146 146 ALA ALA A . n 
A 1 153 GLN 153 147 147 GLN GLN A . n 
A 1 154 LEU 154 148 148 LEU LEU A . n 
A 1 155 VAL 155 149 149 VAL VAL A . n 
A 1 156 LYS 156 150 150 LYS LYS A . n 
A 1 157 PRO 157 151 151 PRO PRO A . n 
A 1 158 GLY 158 152 152 GLY GLY A . n 
A 1 159 GLY 159 153 153 GLY GLY A . n 
A 1 160 ASP 160 154 154 ASP ASP A . n 
A 1 161 VAL 161 155 155 VAL VAL A . n 
A 1 162 PHE 162 156 156 PHE PHE A . n 
A 1 163 PHE 163 157 157 PHE PHE A . n 
A 1 164 SER 164 158 158 SER SER A . n 
A 1 165 THR 165 159 159 THR THR A . n 
A 1 166 LEU 166 160 160 LEU LEU A . n 
A 1 167 ASN 167 161 161 ASN ASN A . n 
A 1 168 ARG 168 162 162 ARG ARG A . n 
A 1 169 ASN 169 163 163 ASN ASN A . n 
A 1 170 GLY 170 164 164 GLY GLY A . n 
A 1 171 LYS 171 165 165 LYS LYS A . n 
A 1 172 SER 172 166 166 SER SER A . n 
A 1 173 TRP 173 167 167 TRP TRP A . n 
A 1 174 LEU 174 168 168 LEU LEU A . n 
A 1 175 MET 175 169 169 MET MET A . n 
A 1 176 ALA 176 170 170 ALA ALA A . n 
A 1 177 VAL 177 171 171 VAL VAL A . n 
A 1 178 VAL 178 172 172 VAL VAL A . n 
A 1 179 GLY 179 173 173 GLY GLY A . n 
A 1 180 ALA 180 174 174 ALA ALA A . n 
A 1 181 GLU 181 175 175 GLU GLU A . n 
A 1 182 TYR 182 176 176 TYR TYR A . n 
A 1 183 ILE 183 177 177 ILE ILE A . n 
A 1 184 LEU 184 178 178 LEU LEU A . n 
A 1 185 ARG 185 179 179 ARG ARG A . n 
A 1 186 MET 186 180 180 MET MET A . n 
A 1 187 VAL 187 181 181 VAL VAL A . n 
A 1 188 PRO 188 182 182 PRO PRO A . n 
A 1 189 LYS 189 183 ?   ?   ?   A . n 
A 1 190 GLY 190 184 ?   ?   ?   A . n 
A 1 191 THR 191 185 ?   ?   ?   A . n 
A 1 192 HIS 192 186 ?   ?   ?   A . n 
A 1 193 ASP 193 187 ?   ?   ?   A . n 
A 1 194 VAL 194 188 ?   ?   ?   A . n 
A 1 195 LYS 195 189 ?   ?   ?   A . n 
A 1 196 LYS 196 190 190 LYS LYS A . n 
A 1 197 PHE 197 191 191 PHE PHE A . n 
A 1 198 ILE 198 192 192 ILE ILE A . n 
A 1 199 LYS 199 193 193 LYS LYS A . n 
A 1 200 PRO 200 194 194 PRO PRO A . n 
A 1 201 ALA 201 195 195 ALA ALA A . n 
A 1 202 GLU 202 196 196 GLU GLU A . n 
A 1 203 LEU 203 197 197 LEU LEU A . n 
A 1 204 LEU 204 198 198 LEU LEU A . n 
A 1 205 GLY 205 199 199 GLY GLY A . n 
A 1 206 TRP 206 200 200 TRP TRP A . n 
A 1 207 VAL 207 201 201 VAL VAL A . n 
A 1 208 ASP 208 202 202 ASP ASP A . n 
A 1 209 GLN 209 203 203 GLN GLN A . n 
A 1 210 THR 210 204 204 THR THR A . n 
A 1 211 SER 211 205 205 SER SER A . n 
A 1 212 LEU 212 206 206 LEU LEU A . n 
A 1 213 LYS 213 207 207 LYS LYS A . n 
A 1 214 GLU 214 208 208 GLU GLU A . n 
A 1 215 ARG 215 209 209 ARG ARG A . n 
A 1 216 HIS 216 210 210 HIS HIS A . n 
A 1 217 ILE 217 211 211 ILE ILE A . n 
A 1 218 THR 218 212 212 THR THR A . n 
A 1 219 GLY 219 213 213 GLY GLY A . n 
A 1 220 LEU 220 214 214 LEU LEU A . n 
A 1 221 HIS 221 215 215 HIS HIS A . n 
A 1 222 TYR 222 216 216 TYR TYR A . n 
A 1 223 ASN 223 217 217 ASN ASN A . n 
A 1 224 PRO 224 218 218 PRO PRO A . n 
A 1 225 ILE 225 219 219 ILE ILE A . n 
A 1 226 THR 226 220 220 THR THR A . n 
A 1 227 ASN 227 221 221 ASN ASN A . n 
A 1 228 THR 228 222 222 THR THR A . n 
A 1 229 PHE 229 223 223 PHE PHE A . n 
A 1 230 LYS 230 224 224 LYS LYS A . n 
A 1 231 LEU 231 225 225 LEU LEU A . n 
A 1 232 GLY 232 226 226 GLY GLY A . n 
A 1 233 PRO 233 227 227 PRO PRO A . n 
A 1 234 GLY 234 228 228 GLY GLY A . n 
A 1 235 VAL 235 229 229 VAL VAL A . n 
A 1 236 ASP 236 230 230 ASP ASP A . n 
A 1 237 VAL 237 231 231 VAL VAL A . n 
A 1 238 ASN 238 232 232 ASN ASN A . n 
A 1 239 TYR 239 233 233 TYR TYR A . n 
A 1 240 MET 240 234 234 MET MET A . n 
A 1 241 LEU 241 235 235 LEU LEU A . n 
A 1 242 HIS 242 236 236 HIS HIS A . n 
A 1 243 THR 243 237 237 THR THR A . n 
A 1 244 GLN 244 238 238 GLN GLN A . n 
A 1 245 ASN 245 239 239 ASN ASN A . n 
A 1 246 LYS 246 240 ?   ?   ?   A . n 
# 
loop_
_pdbx_nonpoly_scheme.asym_id 
_pdbx_nonpoly_scheme.entity_id 
_pdbx_nonpoly_scheme.mon_id 
_pdbx_nonpoly_scheme.ndb_seq_num 
_pdbx_nonpoly_scheme.pdb_seq_num 
_pdbx_nonpoly_scheme.auth_seq_num 
_pdbx_nonpoly_scheme.pdb_mon_id 
_pdbx_nonpoly_scheme.auth_mon_id 
_pdbx_nonpoly_scheme.pdb_strand_id 
_pdbx_nonpoly_scheme.pdb_ins_code 
B 2 HOH 1  301 1  HOH HOH A . 
B 2 HOH 2  302 2  HOH HOH A . 
B 2 HOH 3  303 3  HOH HOH A . 
B 2 HOH 4  304 4  HOH HOH A . 
B 2 HOH 5  305 5  HOH HOH A . 
B 2 HOH 6  306 6  HOH HOH A . 
B 2 HOH 7  307 7  HOH HOH A . 
B 2 HOH 8  308 8  HOH HOH A . 
B 2 HOH 9  309 9  HOH HOH A . 
B 2 HOH 10 310 10 HOH HOH A . 
B 2 HOH 11 311 11 HOH HOH A . 
B 2 HOH 12 312 12 HOH HOH A . 
B 2 HOH 13 313 13 HOH HOH A . 
B 2 HOH 14 314 14 HOH HOH A . 
B 2 HOH 15 315 15 HOH HOH A . 
B 2 HOH 16 316 16 HOH HOH A . 
B 2 HOH 17 317 17 HOH HOH A . 
B 2 HOH 18 318 18 HOH HOH A . 
B 2 HOH 19 319 19 HOH HOH A . 
B 2 HOH 20 320 20 HOH HOH A . 
B 2 HOH 21 321 21 HOH HOH A . 
B 2 HOH 22 322 22 HOH HOH A . 
B 2 HOH 23 323 23 HOH HOH A . 
B 2 HOH 24 324 24 HOH HOH A . 
B 2 HOH 25 325 25 HOH HOH A . 
B 2 HOH 26 326 26 HOH HOH A . 
B 2 HOH 27 327 27 HOH HOH A . 
B 2 HOH 28 328 28 HOH HOH A . 
B 2 HOH 29 329 29 HOH HOH A . 
B 2 HOH 30 330 30 HOH HOH A . 
B 2 HOH 31 331 31 HOH HOH A . 
B 2 HOH 32 332 32 HOH HOH A . 
B 2 HOH 33 333 33 HOH HOH A . 
B 2 HOH 34 334 34 HOH HOH A . 
B 2 HOH 35 335 35 HOH HOH A . 
B 2 HOH 36 336 36 HOH HOH A . 
B 2 HOH 37 337 38 HOH HOH A . 
B 2 HOH 38 338 39 HOH HOH A . 
B 2 HOH 39 339 40 HOH HOH A . 
B 2 HOH 40 340 41 HOH HOH A . 
B 2 HOH 41 341 42 HOH HOH A . 
B 2 HOH 42 342 44 HOH HOH A . 
B 2 HOH 43 343 45 HOH HOH A . 
B 2 HOH 44 344 46 HOH HOH A . 
B 2 HOH 45 345 47 HOH HOH A . 
B 2 HOH 46 346 48 HOH HOH A . 
B 2 HOH 47 347 49 HOH HOH A . 
B 2 HOH 48 348 50 HOH HOH A . 
B 2 HOH 49 349 51 HOH HOH A . 
B 2 HOH 50 350 52 HOH HOH A . 
B 2 HOH 51 351 53 HOH HOH A . 
B 2 HOH 52 352 54 HOH HOH A . 
B 2 HOH 53 353 55 HOH HOH A . 
B 2 HOH 54 354 57 HOH HOH A . 
B 2 HOH 55 355 58 HOH HOH A . 
B 2 HOH 56 356 59 HOH HOH A . 
B 2 HOH 57 357 60 HOH HOH A . 
B 2 HOH 58 358 61 HOH HOH A . 
B 2 HOH 59 359 62 HOH HOH A . 
B 2 HOH 60 360 63 HOH HOH A . 
B 2 HOH 61 361 64 HOH HOH A . 
B 2 HOH 62 362 65 HOH HOH A . 
B 2 HOH 63 363 66 HOH HOH A . 
B 2 HOH 64 364 67 HOH HOH A . 
B 2 HOH 65 365 68 HOH HOH A . 
B 2 HOH 66 366 69 HOH HOH A . 
B 2 HOH 67 367 70 HOH HOH A . 
B 2 HOH 68 368 71 HOH HOH A . 
B 2 HOH 69 369 72 HOH HOH A . 
B 2 HOH 70 370 73 HOH HOH A . 
B 2 HOH 71 371 74 HOH HOH A . 
B 2 HOH 72 372 75 HOH HOH A . 
B 2 HOH 73 373 76 HOH HOH A . 
B 2 HOH 74 374 77 HOH HOH A . 
B 2 HOH 75 375 78 HOH HOH A . 
# 
loop_
_pdbx_unobs_or_zero_occ_atoms.id 
_pdbx_unobs_or_zero_occ_atoms.PDB_model_num 
_pdbx_unobs_or_zero_occ_atoms.polymer_flag 
_pdbx_unobs_or_zero_occ_atoms.occupancy_flag 
_pdbx_unobs_or_zero_occ_atoms.auth_asym_id 
_pdbx_unobs_or_zero_occ_atoms.auth_comp_id 
_pdbx_unobs_or_zero_occ_atoms.auth_seq_id 
_pdbx_unobs_or_zero_occ_atoms.PDB_ins_code 
_pdbx_unobs_or_zero_occ_atoms.auth_atom_id 
_pdbx_unobs_or_zero_occ_atoms.label_alt_id 
_pdbx_unobs_or_zero_occ_atoms.label_asym_id 
_pdbx_unobs_or_zero_occ_atoms.label_comp_id 
_pdbx_unobs_or_zero_occ_atoms.label_seq_id 
_pdbx_unobs_or_zero_occ_atoms.label_atom_id 
1  1 Y 1 A GLU 16  ? CG  ? A GLU 22  CG  
2  1 Y 1 A GLU 16  ? CD  ? A GLU 22  CD  
3  1 Y 1 A GLU 16  ? OE1 ? A GLU 22  OE1 
4  1 Y 1 A GLU 16  ? OE2 ? A GLU 22  OE2 
5  1 Y 1 A ILE 17  ? CG1 ? A ILE 23  CG1 
6  1 Y 1 A ILE 17  ? CG2 ? A ILE 23  CG2 
7  1 Y 1 A ILE 17  ? CD1 ? A ILE 23  CD1 
8  1 Y 1 A LYS 19  ? CG  ? A LYS 25  CG  
9  1 Y 1 A LYS 19  ? CD  ? A LYS 25  CD  
10 1 Y 1 A LYS 19  ? CE  ? A LYS 25  CE  
11 1 Y 1 A LYS 19  ? NZ  ? A LYS 25  NZ  
12 1 Y 1 A PHE 20  ? CG  ? A PHE 26  CG  
13 1 Y 1 A PHE 20  ? CD1 ? A PHE 26  CD1 
14 1 Y 1 A PHE 20  ? CD2 ? A PHE 26  CD2 
15 1 Y 1 A PHE 20  ? CE1 ? A PHE 26  CE1 
16 1 Y 1 A PHE 20  ? CE2 ? A PHE 26  CE2 
17 1 Y 1 A PHE 20  ? CZ  ? A PHE 26  CZ  
18 1 Y 1 A GLU 89  ? OE1 ? A GLU 95  OE1 
19 1 Y 1 A GLU 89  ? OE2 ? A GLU 95  OE2 
20 1 Y 1 A GLN 104 ? OE1 ? A GLN 110 OE1 
21 1 Y 1 A GLN 104 ? NE2 ? A GLN 110 NE2 
22 1 Y 1 A GLU 175 ? CG  ? A GLU 181 CG  
23 1 Y 1 A GLU 175 ? CD  ? A GLU 181 CD  
24 1 Y 1 A GLU 175 ? OE1 ? A GLU 181 OE1 
25 1 Y 1 A GLU 175 ? OE2 ? A GLU 181 OE2 
26 1 Y 1 A ARG 179 ? CG  ? A ARG 185 CG  
27 1 Y 1 A ARG 179 ? CD  ? A ARG 185 CD  
28 1 Y 1 A ARG 179 ? NE  ? A ARG 185 NE  
29 1 Y 1 A ARG 179 ? CZ  ? A ARG 185 CZ  
30 1 Y 1 A ARG 179 ? NH1 ? A ARG 185 NH1 
31 1 Y 1 A ARG 179 ? NH2 ? A ARG 185 NH2 
32 1 Y 1 A MET 180 ? CG  ? A MET 186 CG  
33 1 Y 1 A MET 180 ? SD  ? A MET 186 SD  
34 1 Y 1 A MET 180 ? CE  ? A MET 186 CE  
35 1 Y 1 A LYS 190 ? CG  ? A LYS 196 CG  
36 1 Y 1 A LYS 190 ? CD  ? A LYS 196 CD  
37 1 Y 1 A LYS 190 ? CE  ? A LYS 196 CE  
38 1 Y 1 A LYS 190 ? NZ  ? A LYS 196 NZ  
39 1 Y 1 A LYS 207 ? CG  ? A LYS 213 CG  
40 1 Y 1 A LYS 207 ? CD  ? A LYS 213 CD  
41 1 Y 1 A LYS 207 ? CE  ? A LYS 213 CE  
42 1 Y 1 A LYS 207 ? NZ  ? A LYS 213 NZ  
# 
loop_
_software.name 
_software.classification 
_software.version 
_software.citation_id 
_software.pdbx_ordinal 
HKL-2000 'data collection' .        ? 1 
MOLREP   phasing           .        ? 2 
REFMAC   refinement        5.6.0117 ? 3 
HKL-2000 'data reduction'  .        ? 4 
SCALA    'data scaling'    .        ? 5 
# 
_cell.entry_id           4KDC 
_cell.length_a           119.848 
_cell.length_b           58.584 
_cell.length_c           40.168 
_cell.angle_alpha        90.00 
_cell.angle_beta         105.26 
_cell.angle_gamma        90.00 
_cell.Z_PDB              4 
_cell.pdbx_unique_axis   ? 
_cell.length_a_esd       ? 
_cell.length_b_esd       ? 
_cell.length_c_esd       ? 
_cell.angle_alpha_esd    ? 
_cell.angle_beta_esd     ? 
_cell.angle_gamma_esd    ? 
# 
_symmetry.entry_id                         4KDC 
_symmetry.space_group_name_H-M             'C 1 2 1' 
_symmetry.pdbx_full_space_group_name_H-M   ? 
_symmetry.cell_setting                     ? 
_symmetry.Int_Tables_number                5 
_symmetry.space_group_name_Hall            ? 
# 
_exptl.entry_id          4KDC 
_exptl.method            'X-RAY DIFFRACTION' 
_exptl.crystals_number   1 
# 
_exptl_crystal.id                    1 
_exptl_crystal.density_meas          ? 
_exptl_crystal.density_Matthews      2.48 
_exptl_crystal.density_percent_sol   50.42 
_exptl_crystal.description           ? 
_exptl_crystal.F_000                 ? 
_exptl_crystal.preparation           ? 
# 
_exptl_crystal_grow.crystal_id      1 
_exptl_crystal_grow.method          'VAPOR DIFFUSION, HANGING DROP' 
_exptl_crystal_grow.temp            287 
_exptl_crystal_grow.temp_details    ? 
_exptl_crystal_grow.pH              7.5 
_exptl_crystal_grow.pdbx_pH_range   ? 
_exptl_crystal_grow.pdbx_details    
'0.1M HEPES pH7.5 and 20% polyethylene glycol 10000, VAPOR DIFFUSION, HANGING DROP, temperature 287K' 
# 
_diffrn.id                     1 
_diffrn.ambient_temp           287 
_diffrn.ambient_temp_details   ? 
_diffrn.crystal_id             1 
# 
_diffrn_detector.diffrn_id              1 
_diffrn_detector.detector               'IMAGE PLATE' 
_diffrn_detector.type                   'MAR scanner 345 mm plate' 
_diffrn_detector.pdbx_collection_date   2010-06-12 
_diffrn_detector.details                ? 
# 
_diffrn_radiation.diffrn_id                        1 
_diffrn_radiation.wavelength_id                    1 
_diffrn_radiation.pdbx_monochromatic_or_laue_m_l   M 
_diffrn_radiation.monochromator                    NiFILTER 
_diffrn_radiation.pdbx_diffrn_protocol             'SINGLE WAVELENGTH' 
_diffrn_radiation.pdbx_scattering_type             x-ray 
# 
_diffrn_radiation_wavelength.id           1 
_diffrn_radiation_wavelength.wavelength   0.9994 
_diffrn_radiation_wavelength.wt           1.0 
# 
_diffrn_source.diffrn_id                   1 
_diffrn_source.source                      'ROTATING ANODE' 
_diffrn_source.type                        'RIGAKU RUH3R' 
_diffrn_source.pdbx_synchrotron_site       ? 
_diffrn_source.pdbx_synchrotron_beamline   ? 
_diffrn_source.pdbx_wavelength             ? 
_diffrn_source.pdbx_wavelength_list        0.9994 
# 
_reflns.pdbx_diffrn_id               1 
_reflns.pdbx_ordinal                 1 
_reflns.entry_id                     4KDC 
_reflns.observed_criterion_sigma_I   ? 
_reflns.observed_criterion_sigma_F   ? 
_reflns.d_resolution_low             29.51 
_reflns.d_resolution_high            2.09 
_reflns.number_obs                   ? 
_reflns.number_all                   ? 
_reflns.percent_possible_obs         ? 
_reflns.pdbx_Rmerge_I_obs            ? 
_reflns.pdbx_Rsym_value              ? 
_reflns.pdbx_netI_over_sigmaI        ? 
_reflns.B_iso_Wilson_estimate        ? 
_reflns.pdbx_redundancy              ? 
_reflns.R_free_details               ? 
_reflns.limit_h_max                  ? 
_reflns.limit_h_min                  ? 
_reflns.limit_k_max                  ? 
_reflns.limit_k_min                  ? 
_reflns.limit_l_max                  ? 
_reflns.limit_l_min                  ? 
_reflns.observed_criterion_F_max     ? 
_reflns.observed_criterion_F_min     ? 
_reflns.pdbx_chi_squared             ? 
_reflns.pdbx_scaling_rejects         ? 
# 
_refine.pdbx_refine_id                           'X-RAY DIFFRACTION' 
_refine.entry_id                                 4KDC 
_refine.pdbx_diffrn_id                           1 
_refine.pdbx_TLS_residual_ADP_flag               ? 
_refine.ls_number_reflns_obs                     14774 
_refine.ls_number_reflns_all                     ? 
_refine.pdbx_ls_sigma_I                          ? 
_refine.pdbx_ls_sigma_F                          . 
_refine.pdbx_data_cutoff_high_absF               ? 
_refine.pdbx_data_cutoff_low_absF                ? 
_refine.pdbx_data_cutoff_high_rms_absF           ? 
_refine.ls_d_res_low                             29.51 
_refine.ls_d_res_high                            2.09 
_refine.ls_percent_reflns_obs                    97.33 
_refine.ls_R_factor_obs                          0.18482 
_refine.ls_R_factor_all                          ? 
_refine.ls_R_factor_R_work                       0.18271 
_refine.ls_R_factor_R_free                       0.22459 
_refine.ls_R_factor_R_free_error                 ? 
_refine.ls_R_factor_R_free_error_details         ? 
_refine.ls_percent_reflns_R_free                 5.0 
_refine.ls_number_reflns_R_free                  777 
_refine.ls_number_parameters                     ? 
_refine.ls_number_restraints                     ? 
_refine.occupancy_min                            ? 
_refine.occupancy_max                            ? 
_refine.correlation_coeff_Fo_to_Fc               0.954 
_refine.correlation_coeff_Fo_to_Fc_free          0.929 
_refine.B_iso_mean                               28.188 
_refine.aniso_B[1][1]                            1.65 
_refine.aniso_B[2][2]                            -0.03 
_refine.aniso_B[3][3]                            -1.18 
_refine.aniso_B[1][2]                            -0.00 
_refine.aniso_B[1][3]                            -0.98 
_refine.aniso_B[2][3]                            -0.00 
_refine.solvent_model_details                    MASK 
_refine.solvent_model_param_ksol                 ? 
_refine.solvent_model_param_bsol                 ? 
_refine.pdbx_solvent_vdw_probe_radii             1.20 
_refine.pdbx_solvent_ion_probe_radii             0.80 
_refine.pdbx_solvent_shrinkage_radii             0.80 
_refine.pdbx_ls_cross_valid_method               THROUGHOUT 
_refine.details                                  'HYDROGENS HAVE BEEN ADDED IN THE RIDING POSITIONS' 
_refine.pdbx_starting_model                      ? 
_refine.pdbx_method_to_determine_struct          'MOLECULAR REPLACEMENT' 
_refine.pdbx_isotropic_thermal_model             ? 
_refine.pdbx_stereochemistry_target_values       'MAXIMUM LIKELIHOOD' 
_refine.pdbx_stereochem_target_val_spec_case     ? 
_refine.pdbx_R_Free_selection_details            RANDOM 
_refine.pdbx_overall_ESU_R                       0.183 
_refine.pdbx_overall_ESU_R_Free                  0.164 
_refine.overall_SU_ML                            ? 
_refine.pdbx_overall_phase_error                 ? 
_refine.overall_SU_B                             ? 
_refine.overall_SU_R_Cruickshank_DPI             ? 
_refine.pdbx_overall_SU_R_free_Cruickshank_DPI   ? 
_refine.pdbx_overall_SU_R_Blow_DPI               ? 
_refine.pdbx_overall_SU_R_free_Blow_DPI          ? 
_refine.ls_redundancy_reflns_obs                 ? 
_refine.B_iso_min                                ? 
_refine.B_iso_max                                ? 
_refine.overall_SU_R_free                        ? 
_refine.ls_wR_factor_R_free                      ? 
_refine.ls_wR_factor_R_work                      ? 
_refine.overall_FOM_free_R_set                   ? 
_refine.overall_FOM_work_R_set                   ? 
# 
_refine_hist.pdbx_refine_id                   'X-RAY DIFFRACTION' 
_refine_hist.cycle_id                         LAST 
_refine_hist.pdbx_number_atoms_protein        1643 
_refine_hist.pdbx_number_atoms_nucleic_acid   0 
_refine_hist.pdbx_number_atoms_ligand         0 
_refine_hist.number_atoms_solvent             75 
_refine_hist.number_atoms_total               1718 
_refine_hist.d_res_high                       2.09 
_refine_hist.d_res_low                        29.51 
# 
loop_
_refine_ls_restr.type 
_refine_ls_restr.dev_ideal 
_refine_ls_restr.dev_ideal_target 
_refine_ls_restr.weight 
_refine_ls_restr.number 
_refine_ls_restr.pdbx_refine_id 
_refine_ls_restr.pdbx_restraint_function 
r_bond_refined_d             0.008  0.019  ? 1680 'X-RAY DIFFRACTION' ? 
r_bond_other_d               0.000  0.020  ? 1593 'X-RAY DIFFRACTION' ? 
r_angle_refined_deg          1.232  1.952  ? 2282 'X-RAY DIFFRACTION' ? 
r_angle_other_deg            3.648  3.000  ? 3654 'X-RAY DIFFRACTION' ? 
r_dihedral_angle_1_deg       5.667  5.000  ? 215  'X-RAY DIFFRACTION' ? 
r_dihedral_angle_2_deg       34.144 24.143 ? 70   'X-RAY DIFFRACTION' ? 
r_dihedral_angle_3_deg       13.976 15.000 ? 266  'X-RAY DIFFRACTION' ? 
r_dihedral_angle_4_deg       18.726 15.000 ? 8    'X-RAY DIFFRACTION' ? 
r_chiral_restr               0.065  0.200  ? 256  'X-RAY DIFFRACTION' ? 
r_gen_planes_refined         0.004  0.021  ? 1916 'X-RAY DIFFRACTION' ? 
r_gen_planes_other           0.006  0.020  ? 380  'X-RAY DIFFRACTION' ? 
r_nbd_refined                ?      ?      ? ?    'X-RAY DIFFRACTION' ? 
r_nbd_other                  ?      ?      ? ?    'X-RAY DIFFRACTION' ? 
r_nbtor_refined              ?      ?      ? ?    'X-RAY DIFFRACTION' ? 
r_nbtor_other                ?      ?      ? ?    'X-RAY DIFFRACTION' ? 
r_xyhbond_nbd_refined        ?      ?      ? ?    'X-RAY DIFFRACTION' ? 
r_xyhbond_nbd_other          ?      ?      ? ?    'X-RAY DIFFRACTION' ? 
r_metal_ion_refined          ?      ?      ? ?    'X-RAY DIFFRACTION' ? 
r_metal_ion_other            ?      ?      ? ?    'X-RAY DIFFRACTION' ? 
r_symmetry_vdw_refined       ?      ?      ? ?    'X-RAY DIFFRACTION' ? 
r_symmetry_vdw_other         ?      ?      ? ?    'X-RAY DIFFRACTION' ? 
r_symmetry_hbond_refined     ?      ?      ? ?    'X-RAY DIFFRACTION' ? 
r_symmetry_hbond_other       ?      ?      ? ?    'X-RAY DIFFRACTION' ? 
r_symmetry_metal_ion_refined ?      ?      ? ?    'X-RAY DIFFRACTION' ? 
r_symmetry_metal_ion_other   ?      ?      ? ?    'X-RAY DIFFRACTION' ? 
r_mcbond_it                  1.531  2.703  ? 866  'X-RAY DIFFRACTION' ? 
r_mcbond_other               1.531  2.703  ? 865  'X-RAY DIFFRACTION' ? 
r_mcangle_it                 2.434  4.039  ? 1079 'X-RAY DIFFRACTION' ? 
r_mcangle_other              ?      ?      ? ?    'X-RAY DIFFRACTION' ? 
r_scbond_it                  2.098  2.962  ? 814  'X-RAY DIFFRACTION' ? 
r_scbond_other               ?      ?      ? ?    'X-RAY DIFFRACTION' ? 
r_scangle_it                 ?      ?      ? ?    'X-RAY DIFFRACTION' ? 
r_scangle_other              ?      ?      ? ?    'X-RAY DIFFRACTION' ? 
r_long_range_B_refined       ?      ?      ? ?    'X-RAY DIFFRACTION' ? 
r_long_range_B_other         ?      ?      ? ?    'X-RAY DIFFRACTION' ? 
r_rigid_bond_restr           ?      ?      ? ?    'X-RAY DIFFRACTION' ? 
r_sphericity_free            ?      ?      ? ?    'X-RAY DIFFRACTION' ? 
r_sphericity_bonded          ?      ?      ? ?    'X-RAY DIFFRACTION' ? 
# 
_refine_ls_shell.pdbx_refine_id                   'X-RAY DIFFRACTION' 
_refine_ls_shell.pdbx_total_number_of_bins_used   20 
_refine_ls_shell.d_res_high                       2.09 
_refine_ls_shell.d_res_low                        2.146 
_refine_ls_shell.number_reflns_R_work             897 
_refine_ls_shell.R_factor_R_work                  0.212 
_refine_ls_shell.percent_reflns_obs               82.14 
_refine_ls_shell.R_factor_R_free                  0.253 
_refine_ls_shell.R_factor_R_free_error            ? 
_refine_ls_shell.percent_reflns_R_free            ? 
_refine_ls_shell.number_reflns_R_free             46 
_refine_ls_shell.number_reflns_all                ? 
_refine_ls_shell.R_factor_all                     ? 
_refine_ls_shell.redundancy_reflns_obs            ? 
_refine_ls_shell.number_reflns_obs                ? 
# 
_struct.entry_id                  4KDC 
_struct.title                     'Crystal Structure of UBIG' 
_struct.pdbx_model_details        ? 
_struct.pdbx_CASP_flag            ? 
_struct.pdbx_model_type_details   ? 
# 
_struct_keywords.entry_id        4KDC 
_struct_keywords.pdbx_keywords   TRANSFERASE 
_struct_keywords.text            'Rossmann Fold, O-methylation, ubiquinone biosynthesis, transferase' 
# 
loop_
_struct_asym.id 
_struct_asym.pdbx_blank_PDB_chainid_flag 
_struct_asym.pdbx_modified 
_struct_asym.entity_id 
_struct_asym.details 
A N N 1 ? 
B N N 2 ? 
# 
_struct_ref.id                         1 
_struct_ref.db_name                    UNP 
_struct_ref.db_code                    UBIG_ECOLI 
_struct_ref.pdbx_db_accession          P17993 
_struct_ref.entity_id                  1 
_struct_ref.pdbx_seq_one_letter_code   
;MNAEKSPVNHNVDHEEIAKFEAVASRWWDLEGEFKPLHRINPLRLGYIAERAGGLFGKKVLDVGCGGGILAESMAREGAT
VTGLDMGFEPLQVAKLHALESGIQVDYVQETVEEHAAKHAGQYDVVTCMEMLEHVPDPQSVVRACAQLVKPGGDVFFSTL
NRNGKSWLMAVVGAEYILRMVPKGTHDVKKFIKPAELLGWVDQTSLKERHITGLHYNPITNTFKLGPGVDVNYMLHTQNK

;
_struct_ref.pdbx_align_begin           1 
_struct_ref.pdbx_db_isoform            ? 
# 
_struct_ref_seq.align_id                      1 
_struct_ref_seq.ref_id                        1 
_struct_ref_seq.pdbx_PDB_id_code              4KDC 
_struct_ref_seq.pdbx_strand_id                A 
_struct_ref_seq.seq_align_beg                 7 
_struct_ref_seq.pdbx_seq_align_beg_ins_code   ? 
_struct_ref_seq.seq_align_end                 246 
_struct_ref_seq.pdbx_seq_align_end_ins_code   ? 
_struct_ref_seq.pdbx_db_accession             P17993 
_struct_ref_seq.db_align_beg                  1 
_struct_ref_seq.pdbx_db_align_beg_ins_code    ? 
_struct_ref_seq.db_align_end                  240 
_struct_ref_seq.pdbx_db_align_end_ins_code    ? 
_struct_ref_seq.pdbx_auth_seq_align_beg       1 
_struct_ref_seq.pdbx_auth_seq_align_end       240 
# 
loop_
_struct_ref_seq_dif.align_id 
_struct_ref_seq_dif.pdbx_pdb_id_code 
_struct_ref_seq_dif.mon_id 
_struct_ref_seq_dif.pdbx_pdb_strand_id 
_struct_ref_seq_dif.seq_num 
_struct_ref_seq_dif.pdbx_pdb_ins_code 
_struct_ref_seq_dif.pdbx_seq_db_name 
_struct_ref_seq_dif.pdbx_seq_db_accession_code 
_struct_ref_seq_dif.db_mon_id 
_struct_ref_seq_dif.pdbx_seq_db_seq_num 
_struct_ref_seq_dif.details 
_struct_ref_seq_dif.pdbx_auth_seq_num 
_struct_ref_seq_dif.pdbx_ordinal 
1 4KDC HIS A 1 ? UNP P17993 ? ? 'expression tag' -5 1 
1 4KDC HIS A 2 ? UNP P17993 ? ? 'expression tag' -4 2 
1 4KDC HIS A 3 ? UNP P17993 ? ? 'expression tag' -3 3 
1 4KDC HIS A 4 ? UNP P17993 ? ? 'expression tag' -2 4 
1 4KDC HIS A 5 ? UNP P17993 ? ? 'expression tag' -1 5 
1 4KDC HIS A 6 ? UNP P17993 ? ? 'expression tag' 0  6 
# 
_pdbx_struct_assembly.id                   1 
_pdbx_struct_assembly.details              author_and_software_defined_assembly 
_pdbx_struct_assembly.method_details       PISA 
_pdbx_struct_assembly.oligomeric_details   monomeric 
_pdbx_struct_assembly.oligomeric_count     1 
# 
_pdbx_struct_assembly_gen.assembly_id       1 
_pdbx_struct_assembly_gen.oper_expression   1 
_pdbx_struct_assembly_gen.asym_id_list      A,B 
# 
_pdbx_struct_oper_list.id                   1 
_pdbx_struct_oper_list.type                 'identity operation' 
_pdbx_struct_oper_list.name                 1_555 
_pdbx_struct_oper_list.symmetry_operation   x,y,z 
_pdbx_struct_oper_list.matrix[1][1]         1.0000000000 
_pdbx_struct_oper_list.matrix[1][2]         0.0000000000 
_pdbx_struct_oper_list.matrix[1][3]         0.0000000000 
_pdbx_struct_oper_list.vector[1]            0.0000000000 
_pdbx_struct_oper_list.matrix[2][1]         0.0000000000 
_pdbx_struct_oper_list.matrix[2][2]         1.0000000000 
_pdbx_struct_oper_list.matrix[2][3]         0.0000000000 
_pdbx_struct_oper_list.vector[2]            0.0000000000 
_pdbx_struct_oper_list.matrix[3][1]         0.0000000000 
_pdbx_struct_oper_list.matrix[3][2]         0.0000000000 
_pdbx_struct_oper_list.matrix[3][3]         1.0000000000 
_pdbx_struct_oper_list.vector[3]            0.0000000000 
# 
_struct_biol.id        1 
_struct_biol.details   ? 
# 
loop_
_struct_conf.conf_type_id 
_struct_conf.id 
_struct_conf.pdbx_PDB_helix_id 
_struct_conf.beg_label_comp_id 
_struct_conf.beg_label_asym_id 
_struct_conf.beg_label_seq_id 
_struct_conf.pdbx_beg_PDB_ins_code 
_struct_conf.end_label_comp_id 
_struct_conf.end_label_asym_id 
_struct_conf.end_label_seq_id 
_struct_conf.pdbx_end_PDB_ins_code 
_struct_conf.beg_auth_comp_id 
_struct_conf.beg_auth_asym_id 
_struct_conf.beg_auth_seq_id 
_struct_conf.end_auth_comp_id 
_struct_conf.end_auth_asym_id 
_struct_conf.end_auth_seq_id 
_struct_conf.pdbx_PDB_helix_class 
_struct_conf.details 
_struct_conf.pdbx_PDB_helix_length 
HELX_P HELX_P1  1  GLU A 22  ? SER A 31  ? GLU A 16  SER A 25  1 ? 10 
HELX_P HELX_P2  2  PHE A 40  ? GLY A 59  ? PHE A 34  GLY A 53  1 ? 20 
HELX_P HELX_P3  3  GLY A 74  ? GLU A 83  ? GLY A 68  GLU A 77  1 ? 10 
HELX_P HELX_P4  4  GLY A 93  ? GLY A 108 ? GLY A 87  GLY A 102 1 ? 16 
HELX_P HELX_P5  5  THR A 117 ? HIS A 125 ? THR A 111 HIS A 119 1 ? 9  
HELX_P HELX_P6  6  MET A 137 ? VAL A 141 ? MET A 131 VAL A 135 5 ? 5  
HELX_P HELX_P7  7  ASP A 143 ? LEU A 154 ? ASP A 137 LEU A 148 1 ? 12 
HELX_P HELX_P8  8  SER A 172 ? GLY A 179 ? SER A 166 GLY A 173 1 ? 8  
HELX_P HELX_P9  9  GLY A 179 ? MET A 186 ? GLY A 173 MET A 180 1 ? 8  
HELX_P HELX_P10 10 LYS A 199 ? GLN A 209 ? LYS A 193 GLN A 203 1 ? 11 
# 
_struct_conf_type.id          HELX_P 
_struct_conf_type.criteria    ? 
_struct_conf_type.reference   ? 
# 
_struct_sheet.id               A 
_struct_sheet.type             ? 
_struct_sheet.number_strands   8 
_struct_sheet.details          ? 
# 
loop_
_struct_sheet_order.sheet_id 
_struct_sheet_order.range_id_1 
_struct_sheet_order.range_id_2 
_struct_sheet_order.offset 
_struct_sheet_order.sense 
A 1 2 ? parallel      
A 2 3 ? parallel      
A 3 4 ? parallel      
A 4 5 ? parallel      
A 5 6 ? anti-parallel 
A 6 7 ? anti-parallel 
A 7 8 ? anti-parallel 
# 
loop_
_struct_sheet_range.sheet_id 
_struct_sheet_range.id 
_struct_sheet_range.beg_label_comp_id 
_struct_sheet_range.beg_label_asym_id 
_struct_sheet_range.beg_label_seq_id 
_struct_sheet_range.pdbx_beg_PDB_ins_code 
_struct_sheet_range.end_label_comp_id 
_struct_sheet_range.end_label_asym_id 
_struct_sheet_range.end_label_seq_id 
_struct_sheet_range.pdbx_end_PDB_ins_code 
_struct_sheet_range.beg_auth_comp_id 
_struct_sheet_range.beg_auth_asym_id 
_struct_sheet_range.beg_auth_seq_id 
_struct_sheet_range.end_auth_comp_id 
_struct_sheet_range.end_auth_asym_id 
_struct_sheet_range.end_auth_seq_id 
A 1 ASP A 112 ? VAL A 114 ? ASP A 106 VAL A 108 
A 2 THR A 86  ? LEU A 90  ? THR A 80  LEU A 84  
A 3 LYS A 65  ? VAL A 69  ? LYS A 59  VAL A 63  
A 4 TYR A 129 ? CYS A 134 ? TYR A 123 CYS A 128 
A 5 VAL A 155 ? LEU A 166 ? VAL A 149 LEU A 160 
A 6 ASN A 238 ? GLN A 244 ? ASN A 232 GLN A 238 
A 7 LYS A 213 ? ASN A 223 ? LYS A 207 ASN A 217 
A 8 THR A 228 ? GLY A 232 ? THR A 222 GLY A 226 
# 
loop_
_pdbx_struct_sheet_hbond.sheet_id 
_pdbx_struct_sheet_hbond.range_id_1 
_pdbx_struct_sheet_hbond.range_id_2 
_pdbx_struct_sheet_hbond.range_1_label_atom_id 
_pdbx_struct_sheet_hbond.range_1_label_comp_id 
_pdbx_struct_sheet_hbond.range_1_label_asym_id 
_pdbx_struct_sheet_hbond.range_1_label_seq_id 
_pdbx_struct_sheet_hbond.range_1_PDB_ins_code 
_pdbx_struct_sheet_hbond.range_1_auth_atom_id 
_pdbx_struct_sheet_hbond.range_1_auth_comp_id 
_pdbx_struct_sheet_hbond.range_1_auth_asym_id 
_pdbx_struct_sheet_hbond.range_1_auth_seq_id 
_pdbx_struct_sheet_hbond.range_2_label_atom_id 
_pdbx_struct_sheet_hbond.range_2_label_comp_id 
_pdbx_struct_sheet_hbond.range_2_label_asym_id 
_pdbx_struct_sheet_hbond.range_2_label_seq_id 
_pdbx_struct_sheet_hbond.range_2_PDB_ins_code 
_pdbx_struct_sheet_hbond.range_2_auth_atom_id 
_pdbx_struct_sheet_hbond.range_2_auth_comp_id 
_pdbx_struct_sheet_hbond.range_2_auth_asym_id 
_pdbx_struct_sheet_hbond.range_2_auth_seq_id 
A 1 2 O VAL A 114 ? O VAL A 108 N GLY A 89  ? N GLY A 83  
A 2 3 O THR A 88  ? O THR A 82  N ASP A 68  ? N ASP A 62  
A 3 4 N VAL A 69  ? N VAL A 63  O THR A 133 ? O THR A 127 
A 4 5 N CYS A 134 ? N CYS A 128 O PHE A 162 ? O PHE A 156 
A 5 6 N PHE A 163 ? N PHE A 157 O LEU A 241 ? O LEU A 235 
A 6 7 O HIS A 242 ? O HIS A 236 N ARG A 215 ? N ARG A 209 
A 7 8 N HIS A 221 ? N HIS A 215 O LYS A 230 ? O LYS A 224 
# 
loop_
_pdbx_validate_torsion.id 
_pdbx_validate_torsion.PDB_model_num 
_pdbx_validate_torsion.auth_comp_id 
_pdbx_validate_torsion.auth_asym_id 
_pdbx_validate_torsion.auth_seq_id 
_pdbx_validate_torsion.PDB_ins_code 
_pdbx_validate_torsion.label_alt_id 
_pdbx_validate_torsion.phi 
_pdbx_validate_torsion.psi 
1 1 GLU A 130 ? ? -133.48 -37.35  
2 1 THR A 159 ? ? -161.13 -168.87 
3 1 VAL A 231 ? ? -106.97 -103.89 
# 
loop_
_pdbx_unobs_or_zero_occ_residues.id 
_pdbx_unobs_or_zero_occ_residues.PDB_model_num 
_pdbx_unobs_or_zero_occ_residues.polymer_flag 
_pdbx_unobs_or_zero_occ_residues.occupancy_flag 
_pdbx_unobs_or_zero_occ_residues.auth_asym_id 
_pdbx_unobs_or_zero_occ_residues.auth_comp_id 
_pdbx_unobs_or_zero_occ_residues.auth_seq_id 
_pdbx_unobs_or_zero_occ_residues.PDB_ins_code 
_pdbx_unobs_or_zero_occ_residues.label_asym_id 
_pdbx_unobs_or_zero_occ_residues.label_comp_id 
_pdbx_unobs_or_zero_occ_residues.label_seq_id 
1  1 Y 1 A HIS -5  ? A HIS 1   
2  1 Y 1 A HIS -4  ? A HIS 2   
3  1 Y 1 A HIS -3  ? A HIS 3   
4  1 Y 1 A HIS -2  ? A HIS 4   
5  1 Y 1 A HIS -1  ? A HIS 5   
6  1 Y 1 A HIS 0   ? A HIS 6   
7  1 Y 1 A MET 1   ? A MET 7   
8  1 Y 1 A ASN 2   ? A ASN 8   
9  1 Y 1 A ALA 3   ? A ALA 9   
10 1 Y 1 A GLU 4   ? A GLU 10  
11 1 Y 1 A LYS 5   ? A LYS 11  
12 1 Y 1 A SER 6   ? A SER 12  
13 1 Y 1 A PRO 7   ? A PRO 13  
14 1 Y 1 A VAL 8   ? A VAL 14  
15 1 Y 1 A ASN 9   ? A ASN 15  
16 1 Y 1 A HIS 10  ? A HIS 16  
17 1 Y 1 A ASN 11  ? A ASN 17  
18 1 Y 1 A VAL 12  ? A VAL 18  
19 1 Y 1 A ASP 13  ? A ASP 19  
20 1 Y 1 A HIS 14  ? A HIS 20  
21 1 Y 1 A GLU 15  ? A GLU 21  
22 1 Y 1 A LYS 183 ? A LYS 189 
23 1 Y 1 A GLY 184 ? A GLY 190 
24 1 Y 1 A THR 185 ? A THR 191 
25 1 Y 1 A HIS 186 ? A HIS 192 
26 1 Y 1 A ASP 187 ? A ASP 193 
27 1 Y 1 A VAL 188 ? A VAL 194 
28 1 Y 1 A LYS 189 ? A LYS 195 
29 1 Y 1 A LYS 240 ? A LYS 246 
# 
loop_
_chem_comp_atom.comp_id 
_chem_comp_atom.atom_id 
_chem_comp_atom.type_symbol 
_chem_comp_atom.pdbx_aromatic_flag 
_chem_comp_atom.pdbx_stereo_config 
_chem_comp_atom.pdbx_ordinal 
ALA N    N N N 1   
ALA CA   C N S 2   
ALA C    C N N 3   
ALA O    O N N 4   
ALA CB   C N N 5   
ALA OXT  O N N 6   
ALA H    H N N 7   
ALA H2   H N N 8   
ALA HA   H N N 9   
ALA HB1  H N N 10  
ALA HB2  H N N 11  
ALA HB3  H N N 12  
ALA HXT  H N N 13  
ARG N    N N N 14  
ARG CA   C N S 15  
ARG C    C N N 16  
ARG O    O N N 17  
ARG CB   C N N 18  
ARG CG   C N N 19  
ARG CD   C N N 20  
ARG NE   N N N 21  
ARG CZ   C N N 22  
ARG NH1  N N N 23  
ARG NH2  N N N 24  
ARG OXT  O N N 25  
ARG H    H N N 26  
ARG H2   H N N 27  
ARG HA   H N N 28  
ARG HB2  H N N 29  
ARG HB3  H N N 30  
ARG HG2  H N N 31  
ARG HG3  H N N 32  
ARG HD2  H N N 33  
ARG HD3  H N N 34  
ARG HE   H N N 35  
ARG HH11 H N N 36  
ARG HH12 H N N 37  
ARG HH21 H N N 38  
ARG HH22 H N N 39  
ARG HXT  H N N 40  
ASN N    N N N 41  
ASN CA   C N S 42  
ASN C    C N N 43  
ASN O    O N N 44  
ASN CB   C N N 45  
ASN CG   C N N 46  
ASN OD1  O N N 47  
ASN ND2  N N N 48  
ASN OXT  O N N 49  
ASN H    H N N 50  
ASN H2   H N N 51  
ASN HA   H N N 52  
ASN HB2  H N N 53  
ASN HB3  H N N 54  
ASN HD21 H N N 55  
ASN HD22 H N N 56  
ASN HXT  H N N 57  
ASP N    N N N 58  
ASP CA   C N S 59  
ASP C    C N N 60  
ASP O    O N N 61  
ASP CB   C N N 62  
ASP CG   C N N 63  
ASP OD1  O N N 64  
ASP OD2  O N N 65  
ASP OXT  O N N 66  
ASP H    H N N 67  
ASP H2   H N N 68  
ASP HA   H N N 69  
ASP HB2  H N N 70  
ASP HB3  H N N 71  
ASP HD2  H N N 72  
ASP HXT  H N N 73  
CYS N    N N N 74  
CYS CA   C N R 75  
CYS C    C N N 76  
CYS O    O N N 77  
CYS CB   C N N 78  
CYS SG   S N N 79  
CYS OXT  O N N 80  
CYS H    H N N 81  
CYS H2   H N N 82  
CYS HA   H N N 83  
CYS HB2  H N N 84  
CYS HB3  H N N 85  
CYS HG   H N N 86  
CYS HXT  H N N 87  
GLN N    N N N 88  
GLN CA   C N S 89  
GLN C    C N N 90  
GLN O    O N N 91  
GLN CB   C N N 92  
GLN CG   C N N 93  
GLN CD   C N N 94  
GLN OE1  O N N 95  
GLN NE2  N N N 96  
GLN OXT  O N N 97  
GLN H    H N N 98  
GLN H2   H N N 99  
GLN HA   H N N 100 
GLN HB2  H N N 101 
GLN HB3  H N N 102 
GLN HG2  H N N 103 
GLN HG3  H N N 104 
GLN HE21 H N N 105 
GLN HE22 H N N 106 
GLN HXT  H N N 107 
GLU N    N N N 108 
GLU CA   C N S 109 
GLU C    C N N 110 
GLU O    O N N 111 
GLU CB   C N N 112 
GLU CG   C N N 113 
GLU CD   C N N 114 
GLU OE1  O N N 115 
GLU OE2  O N N 116 
GLU OXT  O N N 117 
GLU H    H N N 118 
GLU H2   H N N 119 
GLU HA   H N N 120 
GLU HB2  H N N 121 
GLU HB3  H N N 122 
GLU HG2  H N N 123 
GLU HG3  H N N 124 
GLU HE2  H N N 125 
GLU HXT  H N N 126 
GLY N    N N N 127 
GLY CA   C N N 128 
GLY C    C N N 129 
GLY O    O N N 130 
GLY OXT  O N N 131 
GLY H    H N N 132 
GLY H2   H N N 133 
GLY HA2  H N N 134 
GLY HA3  H N N 135 
GLY HXT  H N N 136 
HIS N    N N N 137 
HIS CA   C N S 138 
HIS C    C N N 139 
HIS O    O N N 140 
HIS CB   C N N 141 
HIS CG   C Y N 142 
HIS ND1  N Y N 143 
HIS CD2  C Y N 144 
HIS CE1  C Y N 145 
HIS NE2  N Y N 146 
HIS OXT  O N N 147 
HIS H    H N N 148 
HIS H2   H N N 149 
HIS HA   H N N 150 
HIS HB2  H N N 151 
HIS HB3  H N N 152 
HIS HD1  H N N 153 
HIS HD2  H N N 154 
HIS HE1  H N N 155 
HIS HE2  H N N 156 
HIS HXT  H N N 157 
HOH O    O N N 158 
HOH H1   H N N 159 
HOH H2   H N N 160 
ILE N    N N N 161 
ILE CA   C N S 162 
ILE C    C N N 163 
ILE O    O N N 164 
ILE CB   C N S 165 
ILE CG1  C N N 166 
ILE CG2  C N N 167 
ILE CD1  C N N 168 
ILE OXT  O N N 169 
ILE H    H N N 170 
ILE H2   H N N 171 
ILE HA   H N N 172 
ILE HB   H N N 173 
ILE HG12 H N N 174 
ILE HG13 H N N 175 
ILE HG21 H N N 176 
ILE HG22 H N N 177 
ILE HG23 H N N 178 
ILE HD11 H N N 179 
ILE HD12 H N N 180 
ILE HD13 H N N 181 
ILE HXT  H N N 182 
LEU N    N N N 183 
LEU CA   C N S 184 
LEU C    C N N 185 
LEU O    O N N 186 
LEU CB   C N N 187 
LEU CG   C N N 188 
LEU CD1  C N N 189 
LEU CD2  C N N 190 
LEU OXT  O N N 191 
LEU H    H N N 192 
LEU H2   H N N 193 
LEU HA   H N N 194 
LEU HB2  H N N 195 
LEU HB3  H N N 196 
LEU HG   H N N 197 
LEU HD11 H N N 198 
LEU HD12 H N N 199 
LEU HD13 H N N 200 
LEU HD21 H N N 201 
LEU HD22 H N N 202 
LEU HD23 H N N 203 
LEU HXT  H N N 204 
LYS N    N N N 205 
LYS CA   C N S 206 
LYS C    C N N 207 
LYS O    O N N 208 
LYS CB   C N N 209 
LYS CG   C N N 210 
LYS CD   C N N 211 
LYS CE   C N N 212 
LYS NZ   N N N 213 
LYS OXT  O N N 214 
LYS H    H N N 215 
LYS H2   H N N 216 
LYS HA   H N N 217 
LYS HB2  H N N 218 
LYS HB3  H N N 219 
LYS HG2  H N N 220 
LYS HG3  H N N 221 
LYS HD2  H N N 222 
LYS HD3  H N N 223 
LYS HE2  H N N 224 
LYS HE3  H N N 225 
LYS HZ1  H N N 226 
LYS HZ2  H N N 227 
LYS HZ3  H N N 228 
LYS HXT  H N N 229 
MET N    N N N 230 
MET CA   C N S 231 
MET C    C N N 232 
MET O    O N N 233 
MET CB   C N N 234 
MET CG   C N N 235 
MET SD   S N N 236 
MET CE   C N N 237 
MET OXT  O N N 238 
MET H    H N N 239 
MET H2   H N N 240 
MET HA   H N N 241 
MET HB2  H N N 242 
MET HB3  H N N 243 
MET HG2  H N N 244 
MET HG3  H N N 245 
MET HE1  H N N 246 
MET HE2  H N N 247 
MET HE3  H N N 248 
MET HXT  H N N 249 
PHE N    N N N 250 
PHE CA   C N S 251 
PHE C    C N N 252 
PHE O    O N N 253 
PHE CB   C N N 254 
PHE CG   C Y N 255 
PHE CD1  C Y N 256 
PHE CD2  C Y N 257 
PHE CE1  C Y N 258 
PHE CE2  C Y N 259 
PHE CZ   C Y N 260 
PHE OXT  O N N 261 
PHE H    H N N 262 
PHE H2   H N N 263 
PHE HA   H N N 264 
PHE HB2  H N N 265 
PHE HB3  H N N 266 
PHE HD1  H N N 267 
PHE HD2  H N N 268 
PHE HE1  H N N 269 
PHE HE2  H N N 270 
PHE HZ   H N N 271 
PHE HXT  H N N 272 
PRO N    N N N 273 
PRO CA   C N S 274 
PRO C    C N N 275 
PRO O    O N N 276 
PRO CB   C N N 277 
PRO CG   C N N 278 
PRO CD   C N N 279 
PRO OXT  O N N 280 
PRO H    H N N 281 
PRO HA   H N N 282 
PRO HB2  H N N 283 
PRO HB3  H N N 284 
PRO HG2  H N N 285 
PRO HG3  H N N 286 
PRO HD2  H N N 287 
PRO HD3  H N N 288 
PRO HXT  H N N 289 
SER N    N N N 290 
SER CA   C N S 291 
SER C    C N N 292 
SER O    O N N 293 
SER CB   C N N 294 
SER OG   O N N 295 
SER OXT  O N N 296 
SER H    H N N 297 
SER H2   H N N 298 
SER HA   H N N 299 
SER HB2  H N N 300 
SER HB3  H N N 301 
SER HG   H N N 302 
SER HXT  H N N 303 
THR N    N N N 304 
THR CA   C N S 305 
THR C    C N N 306 
THR O    O N N 307 
THR CB   C N R 308 
THR OG1  O N N 309 
THR CG2  C N N 310 
THR OXT  O N N 311 
THR H    H N N 312 
THR H2   H N N 313 
THR HA   H N N 314 
THR HB   H N N 315 
THR HG1  H N N 316 
THR HG21 H N N 317 
THR HG22 H N N 318 
THR HG23 H N N 319 
THR HXT  H N N 320 
TRP N    N N N 321 
TRP CA   C N S 322 
TRP C    C N N 323 
TRP O    O N N 324 
TRP CB   C N N 325 
TRP CG   C Y N 326 
TRP CD1  C Y N 327 
TRP CD2  C Y N 328 
TRP NE1  N Y N 329 
TRP CE2  C Y N 330 
TRP CE3  C Y N 331 
TRP CZ2  C Y N 332 
TRP CZ3  C Y N 333 
TRP CH2  C Y N 334 
TRP OXT  O N N 335 
TRP H    H N N 336 
TRP H2   H N N 337 
TRP HA   H N N 338 
TRP HB2  H N N 339 
TRP HB3  H N N 340 
TRP HD1  H N N 341 
TRP HE1  H N N 342 
TRP HE3  H N N 343 
TRP HZ2  H N N 344 
TRP HZ3  H N N 345 
TRP HH2  H N N 346 
TRP HXT  H N N 347 
TYR N    N N N 348 
TYR CA   C N S 349 
TYR C    C N N 350 
TYR O    O N N 351 
TYR CB   C N N 352 
TYR CG   C Y N 353 
TYR CD1  C Y N 354 
TYR CD2  C Y N 355 
TYR CE1  C Y N 356 
TYR CE2  C Y N 357 
TYR CZ   C Y N 358 
TYR OH   O N N 359 
TYR OXT  O N N 360 
TYR H    H N N 361 
TYR H2   H N N 362 
TYR HA   H N N 363 
TYR HB2  H N N 364 
TYR HB3  H N N 365 
TYR HD1  H N N 366 
TYR HD2  H N N 367 
TYR HE1  H N N 368 
TYR HE2  H N N 369 
TYR HH   H N N 370 
TYR HXT  H N N 371 
VAL N    N N N 372 
VAL CA   C N S 373 
VAL C    C N N 374 
VAL O    O N N 375 
VAL CB   C N N 376 
VAL CG1  C N N 377 
VAL CG2  C N N 378 
VAL OXT  O N N 379 
VAL H    H N N 380 
VAL H2   H N N 381 
VAL HA   H N N 382 
VAL HB   H N N 383 
VAL HG11 H N N 384 
VAL HG12 H N N 385 
VAL HG13 H N N 386 
VAL HG21 H N N 387 
VAL HG22 H N N 388 
VAL HG23 H N N 389 
VAL HXT  H N N 390 
# 
loop_
_chem_comp_bond.comp_id 
_chem_comp_bond.atom_id_1 
_chem_comp_bond.atom_id_2 
_chem_comp_bond.value_order 
_chem_comp_bond.pdbx_aromatic_flag 
_chem_comp_bond.pdbx_stereo_config 
_chem_comp_bond.pdbx_ordinal 
ALA N   CA   sing N N 1   
ALA N   H    sing N N 2   
ALA N   H2   sing N N 3   
ALA CA  C    sing N N 4   
ALA CA  CB   sing N N 5   
ALA CA  HA   sing N N 6   
ALA C   O    doub N N 7   
ALA C   OXT  sing N N 8   
ALA CB  HB1  sing N N 9   
ALA CB  HB2  sing N N 10  
ALA CB  HB3  sing N N 11  
ALA OXT HXT  sing N N 12  
ARG N   CA   sing N N 13  
ARG N   H    sing N N 14  
ARG N   H2   sing N N 15  
ARG CA  C    sing N N 16  
ARG CA  CB   sing N N 17  
ARG CA  HA   sing N N 18  
ARG C   O    doub N N 19  
ARG C   OXT  sing N N 20  
ARG CB  CG   sing N N 21  
ARG CB  HB2  sing N N 22  
ARG CB  HB3  sing N N 23  
ARG CG  CD   sing N N 24  
ARG CG  HG2  sing N N 25  
ARG CG  HG3  sing N N 26  
ARG CD  NE   sing N N 27  
ARG CD  HD2  sing N N 28  
ARG CD  HD3  sing N N 29  
ARG NE  CZ   sing N N 30  
ARG NE  HE   sing N N 31  
ARG CZ  NH1  sing N N 32  
ARG CZ  NH2  doub N N 33  
ARG NH1 HH11 sing N N 34  
ARG NH1 HH12 sing N N 35  
ARG NH2 HH21 sing N N 36  
ARG NH2 HH22 sing N N 37  
ARG OXT HXT  sing N N 38  
ASN N   CA   sing N N 39  
ASN N   H    sing N N 40  
ASN N   H2   sing N N 41  
ASN CA  C    sing N N 42  
ASN CA  CB   sing N N 43  
ASN CA  HA   sing N N 44  
ASN C   O    doub N N 45  
ASN C   OXT  sing N N 46  
ASN CB  CG   sing N N 47  
ASN CB  HB2  sing N N 48  
ASN CB  HB3  sing N N 49  
ASN CG  OD1  doub N N 50  
ASN CG  ND2  sing N N 51  
ASN ND2 HD21 sing N N 52  
ASN ND2 HD22 sing N N 53  
ASN OXT HXT  sing N N 54  
ASP N   CA   sing N N 55  
ASP N   H    sing N N 56  
ASP N   H2   sing N N 57  
ASP CA  C    sing N N 58  
ASP CA  CB   sing N N 59  
ASP CA  HA   sing N N 60  
ASP C   O    doub N N 61  
ASP C   OXT  sing N N 62  
ASP CB  CG   sing N N 63  
ASP CB  HB2  sing N N 64  
ASP CB  HB3  sing N N 65  
ASP CG  OD1  doub N N 66  
ASP CG  OD2  sing N N 67  
ASP OD2 HD2  sing N N 68  
ASP OXT HXT  sing N N 69  
CYS N   CA   sing N N 70  
CYS N   H    sing N N 71  
CYS N   H2   sing N N 72  
CYS CA  C    sing N N 73  
CYS CA  CB   sing N N 74  
CYS CA  HA   sing N N 75  
CYS C   O    doub N N 76  
CYS C   OXT  sing N N 77  
CYS CB  SG   sing N N 78  
CYS CB  HB2  sing N N 79  
CYS CB  HB3  sing N N 80  
CYS SG  HG   sing N N 81  
CYS OXT HXT  sing N N 82  
GLN N   CA   sing N N 83  
GLN N   H    sing N N 84  
GLN N   H2   sing N N 85  
GLN CA  C    sing N N 86  
GLN CA  CB   sing N N 87  
GLN CA  HA   sing N N 88  
GLN C   O    doub N N 89  
GLN C   OXT  sing N N 90  
GLN CB  CG   sing N N 91  
GLN CB  HB2  sing N N 92  
GLN CB  HB3  sing N N 93  
GLN CG  CD   sing N N 94  
GLN CG  HG2  sing N N 95  
GLN CG  HG3  sing N N 96  
GLN CD  OE1  doub N N 97  
GLN CD  NE2  sing N N 98  
GLN NE2 HE21 sing N N 99  
GLN NE2 HE22 sing N N 100 
GLN OXT HXT  sing N N 101 
GLU N   CA   sing N N 102 
GLU N   H    sing N N 103 
GLU N   H2   sing N N 104 
GLU CA  C    sing N N 105 
GLU CA  CB   sing N N 106 
GLU CA  HA   sing N N 107 
GLU C   O    doub N N 108 
GLU C   OXT  sing N N 109 
GLU CB  CG   sing N N 110 
GLU CB  HB2  sing N N 111 
GLU CB  HB3  sing N N 112 
GLU CG  CD   sing N N 113 
GLU CG  HG2  sing N N 114 
GLU CG  HG3  sing N N 115 
GLU CD  OE1  doub N N 116 
GLU CD  OE2  sing N N 117 
GLU OE2 HE2  sing N N 118 
GLU OXT HXT  sing N N 119 
GLY N   CA   sing N N 120 
GLY N   H    sing N N 121 
GLY N   H2   sing N N 122 
GLY CA  C    sing N N 123 
GLY CA  HA2  sing N N 124 
GLY CA  HA3  sing N N 125 
GLY C   O    doub N N 126 
GLY C   OXT  sing N N 127 
GLY OXT HXT  sing N N 128 
HIS N   CA   sing N N 129 
HIS N   H    sing N N 130 
HIS N   H2   sing N N 131 
HIS CA  C    sing N N 132 
HIS CA  CB   sing N N 133 
HIS CA  HA   sing N N 134 
HIS C   O    doub N N 135 
HIS C   OXT  sing N N 136 
HIS CB  CG   sing N N 137 
HIS CB  HB2  sing N N 138 
HIS CB  HB3  sing N N 139 
HIS CG  ND1  sing Y N 140 
HIS CG  CD2  doub Y N 141 
HIS ND1 CE1  doub Y N 142 
HIS ND1 HD1  sing N N 143 
HIS CD2 NE2  sing Y N 144 
HIS CD2 HD2  sing N N 145 
HIS CE1 NE2  sing Y N 146 
HIS CE1 HE1  sing N N 147 
HIS NE2 HE2  sing N N 148 
HIS OXT HXT  sing N N 149 
HOH O   H1   sing N N 150 
HOH O   H2   sing N N 151 
ILE N   CA   sing N N 152 
ILE N   H    sing N N 153 
ILE N   H2   sing N N 154 
ILE CA  C    sing N N 155 
ILE CA  CB   sing N N 156 
ILE CA  HA   sing N N 157 
ILE C   O    doub N N 158 
ILE C   OXT  sing N N 159 
ILE CB  CG1  sing N N 160 
ILE CB  CG2  sing N N 161 
ILE CB  HB   sing N N 162 
ILE CG1 CD1  sing N N 163 
ILE CG1 HG12 sing N N 164 
ILE CG1 HG13 sing N N 165 
ILE CG2 HG21 sing N N 166 
ILE CG2 HG22 sing N N 167 
ILE CG2 HG23 sing N N 168 
ILE CD1 HD11 sing N N 169 
ILE CD1 HD12 sing N N 170 
ILE CD1 HD13 sing N N 171 
ILE OXT HXT  sing N N 172 
LEU N   CA   sing N N 173 
LEU N   H    sing N N 174 
LEU N   H2   sing N N 175 
LEU CA  C    sing N N 176 
LEU CA  CB   sing N N 177 
LEU CA  HA   sing N N 178 
LEU C   O    doub N N 179 
LEU C   OXT  sing N N 180 
LEU CB  CG   sing N N 181 
LEU CB  HB2  sing N N 182 
LEU CB  HB3  sing N N 183 
LEU CG  CD1  sing N N 184 
LEU CG  CD2  sing N N 185 
LEU CG  HG   sing N N 186 
LEU CD1 HD11 sing N N 187 
LEU CD1 HD12 sing N N 188 
LEU CD1 HD13 sing N N 189 
LEU CD2 HD21 sing N N 190 
LEU CD2 HD22 sing N N 191 
LEU CD2 HD23 sing N N 192 
LEU OXT HXT  sing N N 193 
LYS N   CA   sing N N 194 
LYS N   H    sing N N 195 
LYS N   H2   sing N N 196 
LYS CA  C    sing N N 197 
LYS CA  CB   sing N N 198 
LYS CA  HA   sing N N 199 
LYS C   O    doub N N 200 
LYS C   OXT  sing N N 201 
LYS CB  CG   sing N N 202 
LYS CB  HB2  sing N N 203 
LYS CB  HB3  sing N N 204 
LYS CG  CD   sing N N 205 
LYS CG  HG2  sing N N 206 
LYS CG  HG3  sing N N 207 
LYS CD  CE   sing N N 208 
LYS CD  HD2  sing N N 209 
LYS CD  HD3  sing N N 210 
LYS CE  NZ   sing N N 211 
LYS CE  HE2  sing N N 212 
LYS CE  HE3  sing N N 213 
LYS NZ  HZ1  sing N N 214 
LYS NZ  HZ2  sing N N 215 
LYS NZ  HZ3  sing N N 216 
LYS OXT HXT  sing N N 217 
MET N   CA   sing N N 218 
MET N   H    sing N N 219 
MET N   H2   sing N N 220 
MET CA  C    sing N N 221 
MET CA  CB   sing N N 222 
MET CA  HA   sing N N 223 
MET C   O    doub N N 224 
MET C   OXT  sing N N 225 
MET CB  CG   sing N N 226 
MET CB  HB2  sing N N 227 
MET CB  HB3  sing N N 228 
MET CG  SD   sing N N 229 
MET CG  HG2  sing N N 230 
MET CG  HG3  sing N N 231 
MET SD  CE   sing N N 232 
MET CE  HE1  sing N N 233 
MET CE  HE2  sing N N 234 
MET CE  HE3  sing N N 235 
MET OXT HXT  sing N N 236 
PHE N   CA   sing N N 237 
PHE N   H    sing N N 238 
PHE N   H2   sing N N 239 
PHE CA  C    sing N N 240 
PHE CA  CB   sing N N 241 
PHE CA  HA   sing N N 242 
PHE C   O    doub N N 243 
PHE C   OXT  sing N N 244 
PHE CB  CG   sing N N 245 
PHE CB  HB2  sing N N 246 
PHE CB  HB3  sing N N 247 
PHE CG  CD1  doub Y N 248 
PHE CG  CD2  sing Y N 249 
PHE CD1 CE1  sing Y N 250 
PHE CD1 HD1  sing N N 251 
PHE CD2 CE2  doub Y N 252 
PHE CD2 HD2  sing N N 253 
PHE CE1 CZ   doub Y N 254 
PHE CE1 HE1  sing N N 255 
PHE CE2 CZ   sing Y N 256 
PHE CE2 HE2  sing N N 257 
PHE CZ  HZ   sing N N 258 
PHE OXT HXT  sing N N 259 
PRO N   CA   sing N N 260 
PRO N   CD   sing N N 261 
PRO N   H    sing N N 262 
PRO CA  C    sing N N 263 
PRO CA  CB   sing N N 264 
PRO CA  HA   sing N N 265 
PRO C   O    doub N N 266 
PRO C   OXT  sing N N 267 
PRO CB  CG   sing N N 268 
PRO CB  HB2  sing N N 269 
PRO CB  HB3  sing N N 270 
PRO CG  CD   sing N N 271 
PRO CG  HG2  sing N N 272 
PRO CG  HG3  sing N N 273 
PRO CD  HD2  sing N N 274 
PRO CD  HD3  sing N N 275 
PRO OXT HXT  sing N N 276 
SER N   CA   sing N N 277 
SER N   H    sing N N 278 
SER N   H2   sing N N 279 
SER CA  C    sing N N 280 
SER CA  CB   sing N N 281 
SER CA  HA   sing N N 282 
SER C   O    doub N N 283 
SER C   OXT  sing N N 284 
SER CB  OG   sing N N 285 
SER CB  HB2  sing N N 286 
SER CB  HB3  sing N N 287 
SER OG  HG   sing N N 288 
SER OXT HXT  sing N N 289 
THR N   CA   sing N N 290 
THR N   H    sing N N 291 
THR N   H2   sing N N 292 
THR CA  C    sing N N 293 
THR CA  CB   sing N N 294 
THR CA  HA   sing N N 295 
THR C   O    doub N N 296 
THR C   OXT  sing N N 297 
THR CB  OG1  sing N N 298 
THR CB  CG2  sing N N 299 
THR CB  HB   sing N N 300 
THR OG1 HG1  sing N N 301 
THR CG2 HG21 sing N N 302 
THR CG2 HG22 sing N N 303 
THR CG2 HG23 sing N N 304 
THR OXT HXT  sing N N 305 
TRP N   CA   sing N N 306 
TRP N   H    sing N N 307 
TRP N   H2   sing N N 308 
TRP CA  C    sing N N 309 
TRP CA  CB   sing N N 310 
TRP CA  HA   sing N N 311 
TRP C   O    doub N N 312 
TRP C   OXT  sing N N 313 
TRP CB  CG   sing N N 314 
TRP CB  HB2  sing N N 315 
TRP CB  HB3  sing N N 316 
TRP CG  CD1  doub Y N 317 
TRP CG  CD2  sing Y N 318 
TRP CD1 NE1  sing Y N 319 
TRP CD1 HD1  sing N N 320 
TRP CD2 CE2  doub Y N 321 
TRP CD2 CE3  sing Y N 322 
TRP NE1 CE2  sing Y N 323 
TRP NE1 HE1  sing N N 324 
TRP CE2 CZ2  sing Y N 325 
TRP CE3 CZ3  doub Y N 326 
TRP CE3 HE3  sing N N 327 
TRP CZ2 CH2  doub Y N 328 
TRP CZ2 HZ2  sing N N 329 
TRP CZ3 CH2  sing Y N 330 
TRP CZ3 HZ3  sing N N 331 
TRP CH2 HH2  sing N N 332 
TRP OXT HXT  sing N N 333 
TYR N   CA   sing N N 334 
TYR N   H    sing N N 335 
TYR N   H2   sing N N 336 
TYR CA  C    sing N N 337 
TYR CA  CB   sing N N 338 
TYR CA  HA   sing N N 339 
TYR C   O    doub N N 340 
TYR C   OXT  sing N N 341 
TYR CB  CG   sing N N 342 
TYR CB  HB2  sing N N 343 
TYR CB  HB3  sing N N 344 
TYR CG  CD1  doub Y N 345 
TYR CG  CD2  sing Y N 346 
TYR CD1 CE1  sing Y N 347 
TYR CD1 HD1  sing N N 348 
TYR CD2 CE2  doub Y N 349 
TYR CD2 HD2  sing N N 350 
TYR CE1 CZ   doub Y N 351 
TYR CE1 HE1  sing N N 352 
TYR CE2 CZ   sing Y N 353 
TYR CE2 HE2  sing N N 354 
TYR CZ  OH   sing N N 355 
TYR OH  HH   sing N N 356 
TYR OXT HXT  sing N N 357 
VAL N   CA   sing N N 358 
VAL N   H    sing N N 359 
VAL N   H2   sing N N 360 
VAL CA  C    sing N N 361 
VAL CA  CB   sing N N 362 
VAL CA  HA   sing N N 363 
VAL C   O    doub N N 364 
VAL C   OXT  sing N N 365 
VAL CB  CG1  sing N N 366 
VAL CB  CG2  sing N N 367 
VAL CB  HB   sing N N 368 
VAL CG1 HG11 sing N N 369 
VAL CG1 HG12 sing N N 370 
VAL CG1 HG13 sing N N 371 
VAL CG2 HG21 sing N N 372 
VAL CG2 HG22 sing N N 373 
VAL CG2 HG23 sing N N 374 
VAL OXT HXT  sing N N 375 
# 
_atom_sites.entry_id                    4KDC 
_atom_sites.fract_transf_matrix[1][1]   -0.00762985 
_atom_sites.fract_transf_matrix[1][2]   0.00000173 
_atom_sites.fract_transf_matrix[1][3]   0.00407283 
_atom_sites.fract_transf_matrix[2][1]   -0.00730583 
_atom_sites.fract_transf_matrix[2][2]   -0.00712566 
_atom_sites.fract_transf_matrix[2][3]   -0.01368338 
_atom_sites.fract_transf_matrix[3][1]   -0.00110084 
_atom_sites.fract_transf_matrix[3][2]   -0.02262128 
_atom_sites.fract_transf_matrix[3][3]   0.01236786 
_atom_sites.fract_transf_vector[1]      0.160998 
_atom_sites.fract_transf_vector[2]      0.592842 
_atom_sites.fract_transf_vector[3]      0.008774 
# 
loop_
_atom_type.symbol 
C 
N 
O 
S 
# 
loop_
_atom_site.group_PDB 
_atom_site.id 
_atom_site.type_symbol 
_atom_site.label_atom_id 
_atom_site.label_alt_id 
_atom_site.label_comp_id 
_atom_site.label_asym_id 
_atom_site.label_entity_id 
_atom_site.label_seq_id 
_atom_site.pdbx_PDB_ins_code 
_atom_site.Cartn_x 
_atom_site.Cartn_y 
_atom_site.Cartn_z 
_atom_site.occupancy 
_atom_site.B_iso_or_equiv 
_atom_site.pdbx_formal_charge 
_atom_site.auth_seq_id 
_atom_site.auth_comp_id 
_atom_site.auth_asym_id 
_atom_site.auth_atom_id 
_atom_site.pdbx_PDB_model_num 
ATOM   1    N N   . GLU A 1 22  ? -11.362 7.363   -23.350 1.00 51.20 ? 16  GLU A N   1 
ATOM   2    C CA  . GLU A 1 22  ? -10.467 6.250   -22.899 1.00 52.64 ? 16  GLU A CA  1 
ATOM   3    C C   . GLU A 1 22  ? -9.595  6.715   -21.736 1.00 53.71 ? 16  GLU A C   1 
ATOM   4    O O   . GLU A 1 22  ? -9.633  6.137   -20.645 1.00 53.31 ? 16  GLU A O   1 
ATOM   5    C CB  . GLU A 1 22  ? -9.583  5.767   -24.047 1.00 52.76 ? 16  GLU A CB  1 
ATOM   6    N N   . ILE A 1 23  ? -8.809  7.760   -21.981 1.00 51.69 ? 17  ILE A N   1 
ATOM   7    C CA  . ILE A 1 23  ? -8.101  8.460   -20.915 1.00 50.08 ? 17  ILE A CA  1 
ATOM   8    C C   . ILE A 1 23  ? -9.132  9.268   -20.117 1.00 47.18 ? 17  ILE A C   1 
ATOM   9    O O   . ILE A 1 23  ? -9.018  9.400   -18.897 1.00 43.69 ? 17  ILE A O   1 
ATOM   10   C CB  . ILE A 1 23  ? -7.017  9.403   -21.471 1.00 51.54 ? 17  ILE A CB  1 
ATOM   11   N N   . ALA A 1 24  ? -10.132 9.789   -20.830 1.00 42.92 ? 18  ALA A N   1 
ATOM   12   C CA  . ALA A 1 24  ? -11.266 10.496  -20.246 1.00 41.62 ? 18  ALA A CA  1 
ATOM   13   C C   . ALA A 1 24  ? -12.021 9.637   -19.246 1.00 41.69 ? 18  ALA A C   1 
ATOM   14   O O   . ALA A 1 24  ? -12.404 10.114  -18.171 1.00 37.52 ? 18  ALA A O   1 
ATOM   15   C CB  . ALA A 1 24  ? -12.216 10.948  -21.343 1.00 40.85 ? 18  ALA A CB  1 
ATOM   16   N N   . LYS A 1 25  ? -12.257 8.378   -19.622 1.00 41.34 ? 19  LYS A N   1 
ATOM   17   C CA  . LYS A 1 25  ? -12.995 7.450   -18.785 1.00 39.92 ? 19  LYS A CA  1 
ATOM   18   C C   . LYS A 1 25  ? -12.215 7.169   -17.511 1.00 38.98 ? 19  LYS A C   1 
ATOM   19   O O   . LYS A 1 25  ? -12.782 7.185   -16.434 1.00 35.88 ? 19  LYS A O   1 
ATOM   20   C CB  . LYS A 1 25  ? -13.272 6.148   -19.529 1.00 40.84 ? 19  LYS A CB  1 
ATOM   21   N N   . PHE A 1 26  ? -10.914 6.932   -17.645 1.00 38.84 ? 20  PHE A N   1 
ATOM   22   C CA  . PHE A 1 26  ? -10.044 6.670   -16.496 1.00 38.27 ? 20  PHE A CA  1 
ATOM   23   C C   . PHE A 1 26  ? -9.961  7.872   -15.557 1.00 38.07 ? 20  PHE A C   1 
ATOM   24   O O   . PHE A 1 26  ? -9.923  7.713   -14.331 1.00 37.24 ? 20  PHE A O   1 
ATOM   25   C CB  . PHE A 1 26  ? -8.642  6.294   -16.972 1.00 37.94 ? 20  PHE A CB  1 
ATOM   26   N N   . GLU A 1 27  ? -9.921  9.071   -16.141 1.00 36.03 ? 21  GLU A N   1 
ATOM   27   C CA  . GLU A 1 27  ? -9.937  10.313  -15.373 1.00 35.50 ? 21  GLU A CA  1 
ATOM   28   C C   . GLU A 1 27  ? -11.230 10.458  -14.588 1.00 33.50 ? 21  GLU A C   1 
ATOM   29   O O   . GLU A 1 27  ? -11.206 10.880  -13.440 1.00 33.17 ? 21  GLU A O   1 
ATOM   30   C CB  . GLU A 1 27  ? -9.748  11.527  -16.296 1.00 39.13 ? 21  GLU A CB  1 
ATOM   31   C CG  . GLU A 1 27  ? -8.309  11.709  -16.771 1.00 41.40 ? 21  GLU A CG  1 
ATOM   32   C CD  . GLU A 1 27  ? -8.169  12.545  -18.040 1.00 44.05 ? 21  GLU A CD  1 
ATOM   33   O OE1 . GLU A 1 27  ? -9.191  12.962  -18.638 1.00 44.04 ? 21  GLU A OE1 1 
ATOM   34   O OE2 . GLU A 1 27  ? -7.007  12.793  -18.436 1.00 46.34 ? 21  GLU A OE2 1 
ATOM   35   N N   . ALA A 1 28  ? -12.357 10.102  -15.203 1.00 30.91 ? 22  ALA A N   1 
ATOM   36   C CA  . ALA A 1 28  ? -13.640 10.172  -14.516 1.00 31.42 ? 22  ALA A CA  1 
ATOM   37   C C   . ALA A 1 28  ? -13.662 9.268   -13.283 1.00 30.38 ? 22  ALA A C   1 
ATOM   38   O O   . ALA A 1 28  ? -14.070 9.693   -12.205 1.00 30.24 ? 22  ALA A O   1 
ATOM   39   C CB  . ALA A 1 28  ? -14.775 9.803   -15.457 1.00 31.01 ? 22  ALA A CB  1 
ATOM   40   N N   . VAL A 1 29  ? -13.203 8.032   -13.443 1.00 29.70 ? 23  VAL A N   1 
ATOM   41   C CA  . VAL A 1 29  ? -13.250 7.062   -12.350 1.00 30.42 ? 23  VAL A CA  1 
ATOM   42   C C   . VAL A 1 29  ? -12.316 7.527   -11.241 1.00 28.58 ? 23  VAL A C   1 
ATOM   43   O O   . VAL A 1 29  ? -12.735 7.659   -10.087 1.00 27.59 ? 23  VAL A O   1 
ATOM   44   C CB  . VAL A 1 29  ? -12.879 5.642   -12.820 1.00 32.84 ? 23  VAL A CB  1 
ATOM   45   C CG1 . VAL A 1 29  ? -12.782 4.686   -11.633 1.00 33.89 ? 23  VAL A CG1 1 
ATOM   46   C CG2 . VAL A 1 29  ? -13.907 5.135   -13.826 1.00 34.10 ? 23  VAL A CG2 1 
ATOM   47   N N   . ALA A 1 30  ? -11.072 7.828   -11.614 1.00 27.35 ? 24  ALA A N   1 
ATOM   48   C CA  . ALA A 1 30  ? -10.064 8.286   -10.661 1.00 27.94 ? 24  ALA A CA  1 
ATOM   49   C C   . ALA A 1 30  ? -10.505 9.525   -9.893  1.00 27.27 ? 24  ALA A C   1 
ATOM   50   O O   . ALA A 1 30  ? -10.132 9.693   -8.732  1.00 27.63 ? 24  ALA A O   1 
ATOM   51   C CB  . ALA A 1 30  ? -8.725  8.539   -11.348 1.00 27.98 ? 24  ALA A CB  1 
ATOM   52   N N   . SER A 1 31  ? -11.312 10.374  -10.521 1.00 25.96 ? 25  SER A N   1 
ATOM   53   C CA  . SER A 1 31  ? -11.782 11.584  -9.873  1.00 25.22 ? 25  SER A CA  1 
ATOM   54   C C   . SER A 1 31  ? -12.690 11.316  -8.671  1.00 24.16 ? 25  SER A C   1 
ATOM   55   O O   . SER A 1 31  ? -12.906 12.206  -7.855  1.00 22.94 ? 25  SER A O   1 
ATOM   56   C CB  . SER A 1 31  ? -12.517 12.492  -10.873 1.00 25.90 ? 25  SER A CB  1 
ATOM   57   O OG  . SER A 1 31  ? -13.847 12.049  -11.083 1.00 25.83 ? 25  SER A OG  1 
ATOM   58   N N   . ARG A 1 32  ? -13.216 10.103  -8.538  1.00 23.72 ? 26  ARG A N   1 
ATOM   59   C CA  . ARG A 1 32  ? -14.126 9.806   -7.421  1.00 23.84 ? 26  ARG A CA  1 
ATOM   60   C C   . ARG A 1 32  ? -13.381 9.187   -6.229  1.00 21.97 ? 26  ARG A C   1 
ATOM   61   O O   . ARG A 1 32  ? -14.012 8.760   -5.270  1.00 19.58 ? 26  ARG A O   1 
ATOM   62   C CB  . ARG A 1 32  ? -15.255 8.866   -7.876  1.00 25.40 ? 26  ARG A CB  1 
ATOM   63   C CG  . ARG A 1 32  ? -16.156 9.411   -8.979  1.00 28.56 ? 26  ARG A CG  1 
ATOM   64   C CD  . ARG A 1 32  ? -16.868 8.275   -9.714  1.00 31.40 ? 26  ARG A CD  1 
ATOM   65   N NE  . ARG A 1 32  ? -17.172 8.648   -11.091 1.00 34.59 ? 26  ARG A NE  1 
ATOM   66   C CZ  . ARG A 1 32  ? -17.215 7.823   -12.132 1.00 36.39 ? 26  ARG A CZ  1 
ATOM   67   N NH1 . ARG A 1 32  ? -16.993 6.525   -12.002 1.00 37.22 ? 26  ARG A NH1 1 
ATOM   68   N NH2 . ARG A 1 32  ? -17.509 8.309   -13.332 1.00 40.10 ? 26  ARG A NH2 1 
ATOM   69   N N   . TRP A 1 33  ? -12.047 9.157   -6.295  1.00 21.29 ? 27  TRP A N   1 
ATOM   70   C CA  . TRP A 1 33  ? -11.226 8.420   -5.323  1.00 20.84 ? 27  TRP A CA  1 
ATOM   71   C C   . TRP A 1 33  ? -11.577 8.723   -3.868  1.00 20.34 ? 27  TRP A C   1 
ATOM   72   O O   . TRP A 1 33  ? -11.581 7.824   -3.041  1.00 19.26 ? 27  TRP A O   1 
ATOM   73   C CB  . TRP A 1 33  ? -9.724  8.685   -5.542  1.00 20.92 ? 27  TRP A CB  1 
ATOM   74   C CG  . TRP A 1 33  ? -8.847  7.488   -5.244  1.00 22.14 ? 27  TRP A CG  1 
ATOM   75   C CD1 . TRP A 1 33  ? -8.448  7.051   -4.017  1.00 23.06 ? 27  TRP A CD1 1 
ATOM   76   C CD2 . TRP A 1 33  ? -8.250  6.590   -6.195  1.00 23.42 ? 27  TRP A CD2 1 
ATOM   77   N NE1 . TRP A 1 33  ? -7.655  5.931   -4.139  1.00 22.98 ? 27  TRP A NE1 1 
ATOM   78   C CE2 . TRP A 1 33  ? -7.525  5.619   -5.459  1.00 23.13 ? 27  TRP A CE2 1 
ATOM   79   C CE3 . TRP A 1 33  ? -8.272  6.499   -7.590  1.00 23.76 ? 27  TRP A CE3 1 
ATOM   80   C CZ2 . TRP A 1 33  ? -6.815  4.578   -6.072  1.00 24.30 ? 27  TRP A CZ2 1 
ATOM   81   C CZ3 . TRP A 1 33  ? -7.570  5.458   -8.202  1.00 23.87 ? 27  TRP A CZ3 1 
ATOM   82   C CH2 . TRP A 1 33  ? -6.854  4.514   -7.440  1.00 24.02 ? 27  TRP A CH2 1 
ATOM   83   N N   . TRP A 1 34  ? -11.846 9.988   -3.578  1.00 19.26 ? 28  TRP A N   1 
ATOM   84   C CA  . TRP A 1 34  ? -12.025 10.463  -2.224  1.00 21.46 ? 28  TRP A CA  1 
ATOM   85   C C   . TRP A 1 34  ? -13.483 10.692  -1.777  1.00 22.78 ? 28  TRP A C   1 
ATOM   86   O O   . TRP A 1 34  ? -13.703 11.160  -0.667  1.00 25.53 ? 28  TRP A O   1 
ATOM   87   C CB  . TRP A 1 34  ? -11.175 11.731  -2.018  1.00 20.75 ? 28  TRP A CB  1 
ATOM   88   C CG  . TRP A 1 34  ? -9.729  11.398  -1.817  1.00 20.51 ? 28  TRP A CG  1 
ATOM   89   C CD1 . TRP A 1 34  ? -8.761  11.352  -2.776  1.00 19.65 ? 28  TRP A CD1 1 
ATOM   90   C CD2 . TRP A 1 34  ? -9.094  11.028  -0.585  1.00 19.61 ? 28  TRP A CD2 1 
ATOM   91   N NE1 . TRP A 1 34  ? -7.568  11.000  -2.218  1.00 19.94 ? 28  TRP A NE1 1 
ATOM   92   C CE2 . TRP A 1 34  ? -7.739  10.798  -0.875  1.00 19.59 ? 28  TRP A CE2 1 
ATOM   93   C CE3 . TRP A 1 34  ? -9.536  10.907  0.738   1.00 19.64 ? 28  TRP A CE3 1 
ATOM   94   C CZ2 . TRP A 1 34  ? -6.813  10.437  0.105   1.00 20.22 ? 28  TRP A CZ2 1 
ATOM   95   C CZ3 . TRP A 1 34  ? -8.624  10.542  1.720   1.00 19.82 ? 28  TRP A CZ3 1 
ATOM   96   C CH2 . TRP A 1 34  ? -7.270  10.306  1.394   1.00 20.00 ? 28  TRP A CH2 1 
ATOM   97   N N   . ASP A 1 35  ? -14.463 10.340  -2.610  1.00 25.38 ? 29  ASP A N   1 
ATOM   98   C CA  . ASP A 1 35  ? -15.867 10.278  -2.162  1.00 26.94 ? 29  ASP A CA  1 
ATOM   99   C C   . ASP A 1 35  ? -16.067 9.055   -1.263  1.00 27.69 ? 29  ASP A C   1 
ATOM   100  O O   . ASP A 1 35  ? -16.077 7.907   -1.733  1.00 25.71 ? 29  ASP A O   1 
ATOM   101  C CB  . ASP A 1 35  ? -16.828 10.215  -3.349  1.00 28.81 ? 29  ASP A CB  1 
ATOM   102  C CG  . ASP A 1 35  ? -18.305 10.279  -2.923  1.00 32.04 ? 29  ASP A CG  1 
ATOM   103  O OD1 . ASP A 1 35  ? -18.638 10.224  -1.703  1.00 31.26 ? 29  ASP A OD1 1 
ATOM   104  O OD2 . ASP A 1 35  ? -19.148 10.397  -3.839  1.00 34.96 ? 29  ASP A OD2 1 
ATOM   105  N N   . LEU A 1 36  ? -16.246 9.318   0.029   1.00 29.77 ? 30  LEU A N   1 
ATOM   106  C CA  . LEU A 1 36  ? -16.341 8.262   1.036   1.00 32.71 ? 30  LEU A CA  1 
ATOM   107  C C   . LEU A 1 36  ? -17.576 7.388   0.836   1.00 33.55 ? 30  LEU A C   1 
ATOM   108  O O   . LEU A 1 36  ? -17.577 6.235   1.241   1.00 34.00 ? 30  LEU A O   1 
ATOM   109  C CB  . LEU A 1 36  ? -16.350 8.860   2.452   1.00 33.48 ? 30  LEU A CB  1 
ATOM   110  C CG  . LEU A 1 36  ? -15.117 9.671   2.885   1.00 36.31 ? 30  LEU A CG  1 
ATOM   111  C CD1 . LEU A 1 36  ? -15.191 10.114  4.350   1.00 37.49 ? 30  LEU A CD1 1 
ATOM   112  C CD2 . LEU A 1 36  ? -13.847 8.883   2.640   1.00 36.32 ? 30  LEU A CD2 1 
ATOM   113  N N   . GLU A 1 37  ? -18.603 7.943   0.199   1.00 35.45 ? 31  GLU A N   1 
ATOM   114  C CA  . GLU A 1 37  ? -19.887 7.261   -0.004  1.00 39.19 ? 31  GLU A CA  1 
ATOM   115  C C   . GLU A 1 37  ? -20.069 6.748   -1.427  1.00 37.06 ? 31  GLU A C   1 
ATOM   116  O O   . GLU A 1 37  ? -21.144 6.252   -1.762  1.00 39.42 ? 31  GLU A O   1 
ATOM   117  C CB  . GLU A 1 37  ? -21.060 8.210   0.309   1.00 41.76 ? 31  GLU A CB  1 
ATOM   118  C CG  . GLU A 1 37  ? -21.092 8.718   1.739   1.00 45.19 ? 31  GLU A CG  1 
ATOM   119  C CD  . GLU A 1 37  ? -21.018 7.588   2.749   1.00 48.66 ? 31  GLU A CD  1 
ATOM   120  O OE1 . GLU A 1 37  ? -21.724 6.565   2.554   1.00 49.12 ? 31  GLU A OE1 1 
ATOM   121  O OE2 . GLU A 1 37  ? -20.237 7.718   3.722   1.00 52.38 ? 31  GLU A OE2 1 
ATOM   122  N N   . GLY A 1 38  ? -19.030 6.858   -2.251  1.00 32.79 ? 32  GLY A N   1 
ATOM   123  C CA  . GLY A 1 38  ? -19.103 6.469   -3.660  1.00 27.81 ? 32  GLY A CA  1 
ATOM   124  C C   . GLY A 1 38  ? -18.478 5.114   -3.905  1.00 26.06 ? 32  GLY A C   1 
ATOM   125  O O   . GLY A 1 38  ? -18.396 4.271   -3.006  1.00 25.51 ? 32  GLY A O   1 
ATOM   126  N N   . GLU A 1 39  ? -18.008 4.915   -5.128  1.00 25.36 ? 33  GLU A N   1 
ATOM   127  C CA  . GLU A 1 39  ? -17.488 3.632   -5.581  1.00 26.11 ? 33  GLU A CA  1 
ATOM   128  C C   . GLU A 1 39  ? -16.232 3.190   -4.834  1.00 24.38 ? 33  GLU A C   1 
ATOM   129  O O   . GLU A 1 39  ? -15.945 2.004   -4.788  1.00 22.50 ? 33  GLU A O   1 
ATOM   130  C CB  . GLU A 1 39  ? -17.171 3.683   -7.080  1.00 28.76 ? 33  GLU A CB  1 
ATOM   131  C CG  . GLU A 1 39  ? -18.348 4.069   -7.971  1.00 32.70 ? 33  GLU A CG  1 
ATOM   132  C CD  . GLU A 1 39  ? -17.996 4.064   -9.448  1.00 35.38 ? 33  GLU A CD  1 
ATOM   133  O OE1 . GLU A 1 39  ? -17.574 3.008   -9.952  1.00 39.44 ? 33  GLU A OE1 1 
ATOM   134  O OE2 . GLU A 1 39  ? -18.156 5.108   -10.111 1.00 39.34 ? 33  GLU A OE2 1 
ATOM   135  N N   . PHE A 1 40  ? -15.483 4.129   -4.249  1.00 21.88 ? 34  PHE A N   1 
ATOM   136  C CA  . PHE A 1 40  ? -14.242 3.762   -3.548  1.00 21.18 ? 34  PHE A CA  1 
ATOM   137  C C   . PHE A 1 40  ? -14.478 3.480   -2.077  1.00 20.86 ? 34  PHE A C   1 
ATOM   138  O O   . PHE A 1 40  ? -13.524 3.254   -1.331  1.00 19.78 ? 34  PHE A O   1 
ATOM   139  C CB  . PHE A 1 40  ? -13.177 4.854   -3.724  1.00 20.96 ? 34  PHE A CB  1 
ATOM   140  C CG  . PHE A 1 40  ? -12.609 4.912   -5.106  1.00 20.96 ? 34  PHE A CG  1 
ATOM   141  C CD1 . PHE A 1 40  ? -13.371 5.384   -6.156  1.00 21.13 ? 34  PHE A CD1 1 
ATOM   142  C CD2 . PHE A 1 40  ? -11.319 4.482   -5.356  1.00 20.59 ? 34  PHE A CD2 1 
ATOM   143  C CE1 . PHE A 1 40  ? -12.864 5.420   -7.448  1.00 21.84 ? 34  PHE A CE1 1 
ATOM   144  C CE2 . PHE A 1 40  ? -10.798 4.531   -6.637  1.00 22.41 ? 34  PHE A CE2 1 
ATOM   145  C CZ  . PHE A 1 40  ? -11.570 5.007   -7.687  1.00 21.73 ? 34  PHE A CZ  1 
ATOM   146  N N   . LYS A 1 41  ? -15.751 3.472   -1.674  1.00 20.92 ? 35  LYS A N   1 
ATOM   147  C CA  . LYS A 1 41  ? -16.159 3.175   -0.303  1.00 22.16 ? 35  LYS A CA  1 
ATOM   148  C C   . LYS A 1 41  ? -15.374 2.036   0.382   1.00 21.44 ? 35  LYS A C   1 
ATOM   149  O O   . LYS A 1 41  ? -14.797 2.254   1.456   1.00 20.92 ? 35  LYS A O   1 
ATOM   150  C CB  . LYS A 1 41  ? -17.681 2.904   -0.243  1.00 23.84 ? 35  LYS A CB  1 
ATOM   151  C CG  . LYS A 1 41  ? -18.262 2.804   1.161   1.00 25.94 ? 35  LYS A CG  1 
ATOM   152  C CD  . LYS A 1 41  ? -19.761 2.515   1.111   1.00 27.70 ? 35  LYS A CD  1 
ATOM   153  C CE  . LYS A 1 41  ? -20.580 3.756   0.824   1.00 29.05 ? 35  LYS A CE  1 
ATOM   154  N NZ  . LYS A 1 41  ? -21.987 3.455   0.406   1.00 31.39 ? 35  LYS A NZ  1 
ATOM   155  N N   . PRO A 1 42  ? -15.325 0.840   -0.236  1.00 21.54 ? 36  PRO A N   1 
ATOM   156  C CA  . PRO A 1 42  ? -14.616 -0.242  0.435   1.00 22.34 ? 36  PRO A CA  1 
ATOM   157  C C   . PRO A 1 42  ? -13.133 0.068   0.734   1.00 23.09 ? 36  PRO A C   1 
ATOM   158  O O   . PRO A 1 42  ? -12.602 -0.405  1.741   1.00 21.66 ? 36  PRO A O   1 
ATOM   159  C CB  . PRO A 1 42  ? -14.733 -1.410  -0.546  1.00 23.04 ? 36  PRO A CB  1 
ATOM   160  C CG  . PRO A 1 42  ? -15.079 -0.802  -1.867  1.00 23.36 ? 36  PRO A CG  1 
ATOM   161  C CD  . PRO A 1 42  ? -15.900 0.402   -1.525  1.00 22.33 ? 36  PRO A CD  1 
ATOM   162  N N   . LEU A 1 43  ? -12.478 0.861   -0.110  1.00 22.53 ? 37  LEU A N   1 
ATOM   163  C CA  . LEU A 1 43  ? -11.072 1.192   0.146   1.00 23.36 ? 37  LEU A CA  1 
ATOM   164  C C   . LEU A 1 43  ? -10.932 2.088   1.383   1.00 22.62 ? 37  LEU A C   1 
ATOM   165  O O   . LEU A 1 43  ? -9.975  1.941   2.178   1.00 19.72 ? 37  LEU A O   1 
ATOM   166  C CB  . LEU A 1 43  ? -10.430 1.827   -1.080  1.00 24.48 ? 37  LEU A CB  1 
ATOM   167  C CG  . LEU A 1 43  ? -10.444 0.866   -2.294  1.00 26.23 ? 37  LEU A CG  1 
ATOM   168  C CD1 . LEU A 1 43  ? -9.651  1.488   -3.429  1.00 28.53 ? 37  LEU A CD1 1 
ATOM   169  C CD2 . LEU A 1 43  ? -9.861  -0.502  -1.965  1.00 26.93 ? 37  LEU A CD2 1 
ATOM   170  N N   . HIS A 1 44  ? -11.899 2.983   1.549   1.00 21.82 ? 38  HIS A N   1 
ATOM   171  C CA  . HIS A 1 44  ? -11.949 3.837   2.730   1.00 23.21 ? 38  HIS A CA  1 
ATOM   172  C C   . HIS A 1 44  ? -12.295 3.066   3.998   1.00 23.40 ? 38  HIS A C   1 
ATOM   173  O O   . HIS A 1 44  ? -11.857 3.450   5.077   1.00 23.45 ? 38  HIS A O   1 
ATOM   174  C CB  . HIS A 1 44  ? -12.907 5.003   2.512   1.00 23.26 ? 38  HIS A CB  1 
ATOM   175  C CG  . HIS A 1 44  ? -12.432 5.963   1.464   1.00 23.95 ? 38  HIS A CG  1 
ATOM   176  N ND1 . HIS A 1 44  ? -12.936 5.973   0.177   1.00 25.34 ? 38  HIS A ND1 1 
ATOM   177  C CD2 . HIS A 1 44  ? -11.460 6.906   1.494   1.00 23.19 ? 38  HIS A CD2 1 
ATOM   178  C CE1 . HIS A 1 44  ? -12.322 6.908   -0.524  1.00 23.86 ? 38  HIS A CE1 1 
ATOM   179  N NE2 . HIS A 1 44  ? -11.428 7.495   0.254   1.00 24.90 ? 38  HIS A NE2 1 
ATOM   180  N N   . ARG A 1 45  ? -13.062 1.984   3.869   1.00 23.83 ? 39  ARG A N   1 
ATOM   181  C CA  . ARG A 1 45  ? -13.381 1.136   5.016   1.00 24.80 ? 39  ARG A CA  1 
ATOM   182  C C   . ARG A 1 45  ? -12.218 0.263   5.444   1.00 22.97 ? 39  ARG A C   1 
ATOM   183  O O   . ARG A 1 45  ? -12.047 0.011   6.626   1.00 22.93 ? 39  ARG A O   1 
ATOM   184  C CB  . ARG A 1 45  ? -14.568 0.216   4.714   1.00 28.25 ? 39  ARG A CB  1 
ATOM   185  C CG  . ARG A 1 45  ? -15.862 0.951   4.472   1.00 31.09 ? 39  ARG A CG  1 
ATOM   186  C CD  . ARG A 1 45  ? -16.363 1.665   5.714   1.00 32.57 ? 39  ARG A CD  1 
ATOM   187  N NE  . ARG A 1 45  ? -17.492 2.499   5.348   1.00 34.17 ? 39  ARG A NE  1 
ATOM   188  C CZ  . ARG A 1 45  ? -18.718 2.049   5.097   1.00 37.43 ? 39  ARG A CZ  1 
ATOM   189  N NH1 . ARG A 1 45  ? -19.015 0.747   5.199   1.00 37.45 ? 39  ARG A NH1 1 
ATOM   190  N NH2 . ARG A 1 45  ? -19.663 2.917   4.748   1.00 38.91 ? 39  ARG A NH2 1 
ATOM   191  N N   . ILE A 1 46  ? -11.445 -0.227  4.480   1.00 21.07 ? 40  ILE A N   1 
ATOM   192  C CA  . ILE A 1 46  ? -10.275 -1.041  4.756   1.00 20.52 ? 40  ILE A CA  1 
ATOM   193  C C   . ILE A 1 46  ? -9.154  -0.238  5.433   1.00 20.54 ? 40  ILE A C   1 
ATOM   194  O O   . ILE A 1 46  ? -8.430  -0.764  6.295   1.00 20.13 ? 40  ILE A O   1 
ATOM   195  C CB  . ILE A 1 46  ? -9.754  -1.699  3.451   1.00 21.73 ? 40  ILE A CB  1 
ATOM   196  C CG1 . ILE A 1 46  ? -10.790 -2.705  2.927   1.00 22.57 ? 40  ILE A CG1 1 
ATOM   197  C CG2 . ILE A 1 46  ? -8.426  -2.423  3.651   1.00 21.67 ? 40  ILE A CG2 1 
ATOM   198  C CD1 . ILE A 1 46  ? -10.454 -3.266  1.558   1.00 22.35 ? 40  ILE A CD1 1 
ATOM   199  N N   . ASN A 1 47  ? -8.997  1.026   5.047   1.00 20.37 ? 41  ASN A N   1 
ATOM   200  C CA  . ASN A 1 47  ? -7.826  1.799   5.470   1.00 19.39 ? 41  ASN A CA  1 
ATOM   201  C C   . ASN A 1 47  ? -7.583  1.900   6.986   1.00 19.05 ? 41  ASN A C   1 
ATOM   202  O O   . ASN A 1 47  ? -6.466  1.729   7.434   1.00 17.11 ? 41  ASN A O   1 
ATOM   203  C CB  . ASN A 1 47  ? -7.854  3.205   4.881   1.00 19.22 ? 41  ASN A CB  1 
ATOM   204  C CG  . ASN A 1 47  ? -6.515  3.909   5.058   1.00 19.25 ? 41  ASN A CG  1 
ATOM   205  O OD1 . ASN A 1 47  ? -5.510  3.496   4.489   1.00 18.67 ? 41  ASN A OD1 1 
ATOM   206  N ND2 . ASN A 1 47  ? -6.490  4.928   5.893   1.00 18.87 ? 41  ASN A ND2 1 
ATOM   207  N N   . PRO A 1 48  ? -8.630  2.187   7.783   1.00 20.03 ? 42  PRO A N   1 
ATOM   208  C CA  . PRO A 1 48  ? -8.355  2.330   9.217   1.00 20.19 ? 42  PRO A CA  1 
ATOM   209  C C   . PRO A 1 48  ? -7.776  1.062   9.849   1.00 20.29 ? 42  PRO A C   1 
ATOM   210  O O   . PRO A 1 48  ? -7.043  1.148   10.833  1.00 20.61 ? 42  PRO A O   1 
ATOM   211  C CB  . PRO A 1 48  ? -9.747  2.651   9.836   1.00 21.38 ? 42  PRO A CB  1 
ATOM   212  C CG  . PRO A 1 48  ? -10.630 3.042   8.699   1.00 21.28 ? 42  PRO A CG  1 
ATOM   213  C CD  . PRO A 1 48  ? -10.040 2.454   7.438   1.00 20.97 ? 42  PRO A CD  1 
ATOM   214  N N   . LEU A 1 49  ? -8.090  -0.101  9.285   1.00 20.59 ? 43  LEU A N   1 
ATOM   215  C CA  . LEU A 1 49  ? -7.560  -1.358  9.787   1.00 21.08 ? 43  LEU A CA  1 
ATOM   216  C C   . LEU A 1 49  ? -6.082  -1.484  9.430   1.00 21.02 ? 43  LEU A C   1 
ATOM   217  O O   . LEU A 1 49  ? -5.289  -1.924  10.242  1.00 19.86 ? 43  LEU A O   1 
ATOM   218  C CB  . LEU A 1 49  ? -8.348  -2.542  9.242   1.00 21.42 ? 43  LEU A CB  1 
ATOM   219  C CG  . LEU A 1 49  ? -9.804  -2.647  9.692   1.00 22.98 ? 43  LEU A CG  1 
ATOM   220  C CD1 . LEU A 1 49  ? -10.401 -3.907  9.095   1.00 24.97 ? 43  LEU A CD1 1 
ATOM   221  C CD2 . LEU A 1 49  ? -9.925  -2.695  11.212  1.00 23.37 ? 43  LEU A CD2 1 
ATOM   222  N N   . ARG A 1 50  ? -5.701  -1.043  8.236   1.00 21.68 ? 44  ARG A N   1 
ATOM   223  C CA  . ARG A 1 50  ? -4.286  -1.080  7.866   1.00 21.99 ? 44  ARG A CA  1 
ATOM   224  C C   . ARG A 1 50  ? -3.506  -0.051  8.639   1.00 20.52 ? 44  ARG A C   1 
ATOM   225  O O   . ARG A 1 50  ? -2.448  -0.365  9.193   1.00 18.74 ? 44  ARG A O   1 
ATOM   226  C CB  . ARG A 1 50  ? -4.104  -0.923  6.353   1.00 24.40 ? 44  ARG A CB  1 
ATOM   227  C CG  . ARG A 1 50  ? -5.003  -1.896  5.622   1.00 27.22 ? 44  ARG A CG  1 
ATOM   228  C CD  . ARG A 1 50  ? -4.371  -2.516  4.403   1.00 29.02 ? 44  ARG A CD  1 
ATOM   229  N NE  . ARG A 1 50  ? -4.449  -1.611  3.279   1.00 29.94 ? 44  ARG A NE  1 
ATOM   230  C CZ  . ARG A 1 50  ? -4.531  -1.986  2.011   1.00 32.66 ? 44  ARG A CZ  1 
ATOM   231  N NH1 . ARG A 1 50  ? -4.559  -3.274  1.672   1.00 35.35 ? 44  ARG A NH1 1 
ATOM   232  N NH2 . ARG A 1 50  ? -4.588  -1.052  1.073   1.00 33.96 ? 44  ARG A NH2 1 
ATOM   233  N N   . LEU A 1 51  ? -4.028  1.172   8.677   1.00 19.94 ? 45  LEU A N   1 
ATOM   234  C CA  . LEU A 1 51  ? -3.407  2.226   9.441   1.00 20.25 ? 45  LEU A CA  1 
ATOM   235  C C   . LEU A 1 51  ? -3.173  1.781   10.888  1.00 19.98 ? 45  LEU A C   1 
ATOM   236  O O   . LEU A 1 51  ? -2.071  1.966   11.412  1.00 19.47 ? 45  LEU A O   1 
ATOM   237  C CB  . LEU A 1 51  ? -4.267  3.490   9.402   1.00 20.70 ? 45  LEU A CB  1 
ATOM   238  C CG  . LEU A 1 51  ? -3.769  4.673   10.236  1.00 21.62 ? 45  LEU A CG  1 
ATOM   239  C CD1 . LEU A 1 51  ? -2.409  5.153   9.734   1.00 22.28 ? 45  LEU A CD1 1 
ATOM   240  C CD2 . LEU A 1 51  ? -4.799  5.794   10.181  1.00 21.38 ? 45  LEU A CD2 1 
ATOM   241  N N   . GLY A 1 52  ? -4.207  1.212   11.518  1.00 19.38 ? 46  GLY A N   1 
ATOM   242  C CA  . GLY A 1 52  ? -4.127  0.734   12.903  1.00 19.64 ? 46  GLY A CA  1 
ATOM   243  C C   . GLY A 1 52  ? -3.043  -0.313  13.130  1.00 19.58 ? 46  GLY A C   1 
ATOM   244  O O   . GLY A 1 52  ? -2.297  -0.254  14.103  1.00 19.26 ? 46  GLY A O   1 
ATOM   245  N N   . TYR A 1 53  ? -2.941  -1.262  12.210  1.00 19.19 ? 47  TYR A N   1 
ATOM   246  C CA  . TYR A 1 53  ? -1.947  -2.327  12.290  1.00 18.88 ? 47  TYR A CA  1 
ATOM   247  C C   . TYR A 1 53  ? -0.533  -1.772  12.129  1.00 18.31 ? 47  TYR A C   1 
ATOM   248  O O   . TYR A 1 53  ? 0.368   -2.138  12.859  1.00 18.17 ? 47  TYR A O   1 
ATOM   249  C CB  . TYR A 1 53  ? -2.237  -3.372  11.212  1.00 20.00 ? 47  TYR A CB  1 
ATOM   250  C CG  . TYR A 1 53  ? -1.336  -4.590  11.243  1.00 19.87 ? 47  TYR A CG  1 
ATOM   251  C CD1 . TYR A 1 53  ? -1.487  -5.567  12.219  1.00 20.43 ? 47  TYR A CD1 1 
ATOM   252  C CD2 . TYR A 1 53  ? -0.325  -4.754  10.302  1.00 20.30 ? 47  TYR A CD2 1 
ATOM   253  C CE1 . TYR A 1 53  ? -0.664  -6.680  12.247  1.00 20.11 ? 47  TYR A CE1 1 
ATOM   254  C CE2 . TYR A 1 53  ? 0.500   -5.862  10.314  1.00 19.69 ? 47  TYR A CE2 1 
ATOM   255  C CZ  . TYR A 1 53  ? 0.329   -6.824  11.286  1.00 20.13 ? 47  TYR A CZ  1 
ATOM   256  O OH  . TYR A 1 53  ? 1.163   -7.911  11.289  1.00 19.65 ? 47  TYR A OH  1 
ATOM   257  N N   . ILE A 1 54  ? -0.356  -0.871  11.172  1.00 18.38 ? 48  ILE A N   1 
ATOM   258  C CA  . ILE A 1 54  ? 0.927   -0.223  10.939  1.00 19.57 ? 48  ILE A CA  1 
ATOM   259  C C   . ILE A 1 54  ? 1.347   0.572   12.173  1.00 20.34 ? 48  ILE A C   1 
ATOM   260  O O   . ILE A 1 54  ? 2.478   0.431   12.666  1.00 21.04 ? 48  ILE A O   1 
ATOM   261  C CB  . ILE A 1 54  ? 0.876   0.685   9.673   1.00 18.99 ? 48  ILE A CB  1 
ATOM   262  C CG1 . ILE A 1 54  ? 0.790   -0.172  8.404   1.00 18.41 ? 48  ILE A CG1 1 
ATOM   263  C CG2 . ILE A 1 54  ? 2.087   1.595   9.604   1.00 19.67 ? 48  ILE A CG2 1 
ATOM   264  C CD1 . ILE A 1 54  ? 0.114   0.535   7.235   1.00 19.35 ? 48  ILE A CD1 1 
ATOM   265  N N   . ALA A 1 55  ? 0.439   1.395   12.685  1.00 20.84 ? 49  ALA A N   1 
ATOM   266  C CA  . ALA A 1 55  ? 0.763   2.235   13.828  1.00 23.16 ? 49  ALA A CA  1 
ATOM   267  C C   . ALA A 1 55  ? 1.091   1.368   15.054  1.00 24.18 ? 49  ALA A C   1 
ATOM   268  O O   . ALA A 1 55  ? 2.069   1.629   15.741  1.00 25.21 ? 49  ALA A O   1 
ATOM   269  C CB  . ALA A 1 55  ? -0.358  3.240   14.125  1.00 22.62 ? 49  ALA A CB  1 
ATOM   270  N N   . GLU A 1 56  ? 0.297   0.330   15.300  1.00 25.80 ? 50  GLU A N   1 
ATOM   271  C CA  . GLU A 1 56  ? 0.561   -0.610  16.402  1.00 26.63 ? 50  GLU A CA  1 
ATOM   272  C C   . GLU A 1 56  ? 1.904   -1.313  16.254  1.00 24.62 ? 50  GLU A C   1 
ATOM   273  O O   . GLU A 1 56  ? 2.724   -1.340  17.183  1.00 22.21 ? 50  GLU A O   1 
ATOM   274  C CB  . GLU A 1 56  ? -0.535  -1.675  16.486  1.00 29.73 ? 50  GLU A CB  1 
ATOM   275  C CG  . GLU A 1 56  ? -0.273  -2.772  17.519  1.00 33.64 ? 50  GLU A CG  1 
ATOM   276  C CD  . GLU A 1 56  ? -1.289  -3.902  17.454  1.00 36.65 ? 50  GLU A CD  1 
ATOM   277  O OE1 . GLU A 1 56  ? -2.435  -3.696  17.893  1.00 42.29 ? 50  GLU A OE1 1 
ATOM   278  O OE2 . GLU A 1 56  ? -0.944  -4.996  16.951  1.00 42.72 ? 50  GLU A OE2 1 
ATOM   279  N N   . ARG A 1 57  ? 2.133   -1.898  15.088  1.00 21.57 ? 51  ARG A N   1 
ATOM   280  C CA  . ARG A 1 57  ? 3.301   -2.718  14.920  1.00 20.62 ? 51  ARG A CA  1 
ATOM   281  C C   . ARG A 1 57  ? 4.589   -1.891  14.836  1.00 20.25 ? 51  ARG A C   1 
ATOM   282  O O   . ARG A 1 57  ? 5.611   -2.357  15.267  1.00 19.11 ? 51  ARG A O   1 
ATOM   283  C CB  . ARG A 1 57  ? 3.151   -3.620  13.704  1.00 22.02 ? 51  ARG A CB  1 
ATOM   284  C CG  . ARG A 1 57  ? 2.022   -4.635  13.826  1.00 23.05 ? 51  ARG A CG  1 
ATOM   285  C CD  . ARG A 1 57  ? 2.448   -5.837  14.658  1.00 25.83 ? 51  ARG A CD  1 
ATOM   286  N NE  . ARG A 1 57  ? 1.309   -6.436  15.341  1.00 27.80 ? 51  ARG A NE  1 
ATOM   287  C CZ  . ARG A 1 57  ? 1.367   -7.525  16.105  1.00 29.74 ? 51  ARG A CZ  1 
ATOM   288  N NH1 . ARG A 1 57  ? 2.518   -8.163  16.287  1.00 29.00 ? 51  ARG A NH1 1 
ATOM   289  N NH2 . ARG A 1 57  ? 0.258   -7.972  16.698  1.00 30.90 ? 51  ARG A NH2 1 
ATOM   290  N N   . ALA A 1 58  ? 4.536   -0.681  14.298  1.00 19.46 ? 52  ALA A N   1 
ATOM   291  C CA  . ALA A 1 58  ? 5.734   0.133   14.136  1.00 20.32 ? 52  ALA A CA  1 
ATOM   292  C C   . ALA A 1 58  ? 6.035   1.020   15.367  1.00 20.90 ? 52  ALA A C   1 
ATOM   293  O O   . ALA A 1 58  ? 7.039   1.726   15.384  1.00 19.30 ? 52  ALA A O   1 
ATOM   294  C CB  . ALA A 1 58  ? 5.607   1.004   12.886  1.00 19.81 ? 52  ALA A CB  1 
ATOM   295  N N   . GLY A 1 59  ? 5.162   1.006   16.368  1.00 22.64 ? 53  GLY A N   1 
ATOM   296  C CA  . GLY A 1 59  ? 5.329   1.874   17.558  1.00 24.11 ? 53  GLY A CA  1 
ATOM   297  C C   . GLY A 1 59  ? 5.042   3.339   17.292  1.00 24.89 ? 53  GLY A C   1 
ATOM   298  O O   . GLY A 1 59  ? 5.774   4.237   17.749  1.00 27.47 ? 53  GLY A O   1 
ATOM   299  N N   . GLY A 1 60  ? 3.960   3.589   16.557  1.00 24.09 ? 54  GLY A N   1 
ATOM   300  C CA  . GLY A 1 60  ? 3.548   4.935   16.223  1.00 22.97 ? 54  GLY A CA  1 
ATOM   301  C C   . GLY A 1 60  ? 4.161   5.449   14.936  1.00 22.36 ? 54  GLY A C   1 
ATOM   302  O O   . GLY A 1 60  ? 5.205   4.967   14.508  1.00 23.35 ? 54  GLY A O   1 
ATOM   303  N N   . LEU A 1 61  ? 3.521   6.457   14.345  1.00 21.30 ? 55  LEU A N   1 
ATOM   304  C CA  . LEU A 1 61  ? 4.006   7.102   13.112  1.00 21.22 ? 55  LEU A CA  1 
ATOM   305  C C   . LEU A 1 61  ? 4.457   8.554   13.311  1.00 20.27 ? 55  LEU A C   1 
ATOM   306  O O   . LEU A 1 61  ? 5.082   9.153   12.414  1.00 20.57 ? 55  LEU A O   1 
ATOM   307  C CB  . LEU A 1 61  ? 2.924   7.034   12.037  1.00 22.70 ? 55  LEU A CB  1 
ATOM   308  C CG  . LEU A 1 61  ? 2.549   5.590   11.638  1.00 23.74 ? 55  LEU A CG  1 
ATOM   309  C CD1 . LEU A 1 61  ? 1.349   5.588   10.716  1.00 24.10 ? 55  LEU A CD1 1 
ATOM   310  C CD2 . LEU A 1 61  ? 3.742   4.874   11.003  1.00 24.74 ? 55  LEU A CD2 1 
ATOM   311  N N   . PHE A 1 62  ? 4.151   9.115   14.479  1.00 19.68 ? 56  PHE A N   1 
ATOM   312  C CA  . PHE A 1 62  ? 4.499   10.504  14.790  1.00 18.93 ? 56  PHE A CA  1 
ATOM   313  C C   . PHE A 1 62  ? 5.993   10.717  14.699  1.00 18.76 ? 56  PHE A C   1 
ATOM   314  O O   . PHE A 1 62  ? 6.751   10.049  15.373  1.00 19.03 ? 56  PHE A O   1 
ATOM   315  C CB  . PHE A 1 62  ? 4.041   10.898  16.192  1.00 18.82 ? 56  PHE A CB  1 
ATOM   316  C CG  . PHE A 1 62  ? 4.245   12.359  16.495  1.00 18.76 ? 56  PHE A CG  1 
ATOM   317  C CD1 . PHE A 1 62  ? 3.324   13.304  16.064  1.00 18.57 ? 56  PHE A CD1 1 
ATOM   318  C CD2 . PHE A 1 62  ? 5.369   12.791  17.180  1.00 20.05 ? 56  PHE A CD2 1 
ATOM   319  C CE1 . PHE A 1 62  ? 3.509   14.649  16.329  1.00 19.32 ? 56  PHE A CE1 1 
ATOM   320  C CE2 . PHE A 1 62  ? 5.561   14.150  17.468  1.00 20.43 ? 56  PHE A CE2 1 
ATOM   321  C CZ  . PHE A 1 62  ? 4.623   15.076  17.050  1.00 19.62 ? 56  PHE A CZ  1 
ATOM   322  N N   . GLY A 1 63  ? 6.413   11.665  13.878  1.00 18.50 ? 57  GLY A N   1 
ATOM   323  C CA  . GLY A 1 63  ? 7.823   11.934  13.728  1.00 18.77 ? 57  GLY A CA  1 
ATOM   324  C C   . GLY A 1 63  ? 8.576   11.000  12.808  1.00 19.26 ? 57  GLY A C   1 
ATOM   325  O O   . GLY A 1 63  ? 9.786   11.122  12.693  1.00 19.39 ? 57  GLY A O   1 
ATOM   326  N N   . LYS A 1 64  ? 7.903   10.051  12.156  1.00 19.42 ? 58  LYS A N   1 
ATOM   327  C CA  . LYS A 1 64  ? 8.623   9.103   11.319  1.00 18.83 ? 58  LYS A CA  1 
ATOM   328  C C   . LYS A 1 64  ? 8.556   9.438   9.849   1.00 18.00 ? 58  LYS A C   1 
ATOM   329  O O   . LYS A 1 64  ? 7.557   9.947   9.364   1.00 17.23 ? 58  LYS A O   1 
ATOM   330  C CB  . LYS A 1 64  ? 8.138   7.683   11.556  1.00 20.30 ? 58  LYS A CB  1 
ATOM   331  C CG  . LYS A 1 64  ? 8.507   7.197   12.949  1.00 21.76 ? 58  LYS A CG  1 
ATOM   332  C CD  . LYS A 1 64  ? 8.331   5.704   13.125  1.00 23.16 ? 58  LYS A CD  1 
ATOM   333  C CE  . LYS A 1 64  ? 8.465   5.364   14.613  1.00 24.08 ? 58  LYS A CE  1 
ATOM   334  N NZ  . LYS A 1 64  ? 8.060   3.967   14.879  1.00 25.54 ? 58  LYS A NZ  1 
ATOM   335  N N   . LYS A 1 65  ? 9.637   9.105   9.159   1.00 17.53 ? 59  LYS A N   1 
ATOM   336  C CA  . LYS A 1 65  ? 9.723   9.213   7.727   1.00 19.07 ? 59  LYS A CA  1 
ATOM   337  C C   . LYS A 1 65  ? 9.186   7.919   7.103   1.00 17.76 ? 59  LYS A C   1 
ATOM   338  O O   . LYS A 1 65  ? 9.652   6.808   7.403   1.00 17.74 ? 59  LYS A O   1 
ATOM   339  C CB  . LYS A 1 65  ? 11.176  9.491   7.304   1.00 21.19 ? 59  LYS A CB  1 
ATOM   340  C CG  . LYS A 1 65  ? 11.250  10.371  6.064   1.00 24.47 ? 59  LYS A CG  1 
ATOM   341  C CD  . LYS A 1 65  ? 12.677  10.521  5.538   1.00 24.86 ? 59  LYS A CD  1 
ATOM   342  C CE  . LYS A 1 65  ? 12.667  10.540  4.029   1.00 25.73 ? 59  LYS A CE  1 
ATOM   343  N NZ  . LYS A 1 65  ? 11.868  11.693  3.541   1.00 27.04 ? 59  LYS A NZ  1 
ATOM   344  N N   . VAL A 1 66  ? 8.175   8.066   6.264   1.00 16.84 ? 60  VAL A N   1 
ATOM   345  C CA  . VAL A 1 66  ? 7.403   6.925   5.801   1.00 17.14 ? 60  VAL A CA  1 
ATOM   346  C C   . VAL A 1 66  ? 7.250   6.920   4.297   1.00 16.87 ? 60  VAL A C   1 
ATOM   347  O O   . VAL A 1 66  ? 6.906   7.944   3.699   1.00 17.33 ? 60  VAL A O   1 
ATOM   348  C CB  . VAL A 1 66  ? 5.971   6.909   6.393   1.00 17.70 ? 60  VAL A CB  1 
ATOM   349  C CG1 . VAL A 1 66  ? 5.233   5.658   5.932   1.00 18.10 ? 60  VAL A CG1 1 
ATOM   350  C CG2 . VAL A 1 66  ? 5.995   6.938   7.908   1.00 18.26 ? 60  VAL A CG2 1 
ATOM   351  N N   . LEU A 1 67  ? 7.457   5.751   3.698   1.00 16.70 ? 61  LEU A N   1 
ATOM   352  C CA  . LEU A 1 67  ? 7.255   5.567   2.280   1.00 17.21 ? 61  LEU A CA  1 
ATOM   353  C C   . LEU A 1 67  ? 6.068   4.655   2.021   1.00 17.47 ? 61  LEU A C   1 
ATOM   354  O O   . LEU A 1 67  ? 6.068   3.478   2.439   1.00 16.91 ? 61  LEU A O   1 
ATOM   355  C CB  . LEU A 1 67  ? 8.497   4.952   1.647   1.00 16.88 ? 61  LEU A CB  1 
ATOM   356  C CG  . LEU A 1 67  ? 8.417   4.725   0.126   1.00 17.37 ? 61  LEU A CG  1 
ATOM   357  C CD1 . LEU A 1 67  ? 8.355   6.055   -0.628  1.00 17.36 ? 61  LEU A CD1 1 
ATOM   358  C CD2 . LEU A 1 67  ? 9.615   3.906   -0.325  1.00 17.26 ? 61  LEU A CD2 1 
ATOM   359  N N   . ASP A 1 68  ? 5.103   5.168   1.278   1.00 17.67 ? 62  ASP A N   1 
ATOM   360  C CA  . ASP A 1 68  ? 3.984   4.343   0.805   1.00 20.74 ? 62  ASP A CA  1 
ATOM   361  C C   . ASP A 1 68  ? 4.155   3.947   -0.662  1.00 19.77 ? 62  ASP A C   1 
ATOM   362  O O   . ASP A 1 68  ? 4.011   4.768   -1.573  1.00 19.33 ? 62  ASP A O   1 
ATOM   363  C CB  . ASP A 1 68  ? 2.645   5.040   1.022   1.00 20.71 ? 62  ASP A CB  1 
ATOM   364  C CG  . ASP A 1 68  ? 1.470   4.127   0.744   1.00 24.60 ? 62  ASP A CG  1 
ATOM   365  O OD1 . ASP A 1 68  ? 1.544   2.890   1.019   1.00 29.17 ? 62  ASP A OD1 1 
ATOM   366  O OD2 . ASP A 1 68  ? 0.451   4.641   0.255   1.00 26.07 ? 62  ASP A OD2 1 
ATOM   367  N N   . VAL A 1 69  ? 4.444   2.672   -0.870  1.00 20.01 ? 63  VAL A N   1 
ATOM   368  C CA  . VAL A 1 69  ? 4.741   2.132   -2.187  1.00 20.97 ? 63  VAL A CA  1 
ATOM   369  C C   . VAL A 1 69  ? 3.436   1.650   -2.804  1.00 22.38 ? 63  VAL A C   1 
ATOM   370  O O   . VAL A 1 69  ? 2.747   0.840   -2.198  1.00 24.95 ? 63  VAL A O   1 
ATOM   371  C CB  . VAL A 1 69  ? 5.746   0.970   -2.076  1.00 20.81 ? 63  VAL A CB  1 
ATOM   372  C CG1 . VAL A 1 69  ? 5.981   0.301   -3.426  1.00 21.42 ? 63  VAL A CG1 1 
ATOM   373  C CG2 . VAL A 1 69  ? 7.042   1.494   -1.488  1.00 20.47 ? 63  VAL A CG2 1 
ATOM   374  N N   . GLY A 1 70  ? 3.087   2.174   -3.983  1.00 22.97 ? 64  GLY A N   1 
ATOM   375  C CA  . GLY A 1 70  ? 1.799   1.868   -4.636  1.00 22.79 ? 64  GLY A CA  1 
ATOM   376  C C   . GLY A 1 70  ? 0.661   2.621   -3.972  1.00 22.48 ? 64  GLY A C   1 
ATOM   377  O O   . GLY A 1 70  ? -0.327  2.034   -3.554  1.00 23.19 ? 64  GLY A O   1 
ATOM   378  N N   . CYS A 1 71  ? 0.792   3.935   -3.889  1.00 22.85 ? 65  CYS A N   1 
ATOM   379  C CA  . CYS A 1 71  ? -0.075  4.732   -3.005  1.00 23.93 ? 65  CYS A CA  1 
ATOM   380  C C   . CYS A 1 71  ? -1.427  5.082   -3.607  1.00 23.53 ? 65  CYS A C   1 
ATOM   381  O O   . CYS A 1 71  ? -2.337  5.537   -2.894  1.00 24.01 ? 65  CYS A O   1 
ATOM   382  C CB  . CYS A 1 71  ? 0.638   6.007   -2.572  1.00 23.74 ? 65  CYS A CB  1 
ATOM   383  S SG  . CYS A 1 71  ? 1.074   7.105   -3.926  1.00 23.63 ? 65  CYS A SG  1 
ATOM   384  N N   . GLY A 1 72  ? -1.568  4.867   -4.915  1.00 22.38 ? 66  GLY A N   1 
ATOM   385  C CA  . GLY A 1 72  ? -2.810  5.176   -5.599  1.00 21.98 ? 66  GLY A CA  1 
ATOM   386  C C   . GLY A 1 72  ? -3.197  6.646   -5.440  1.00 21.26 ? 66  GLY A C   1 
ATOM   387  O O   . GLY A 1 72  ? -2.377  7.537   -5.628  1.00 21.74 ? 66  GLY A O   1 
ATOM   388  N N   . GLY A 1 73  ? -4.444  6.877   -5.060  1.00 20.40 ? 67  GLY A N   1 
ATOM   389  C CA  . GLY A 1 73  ? -4.977  8.221   -4.846  1.00 21.11 ? 67  GLY A CA  1 
ATOM   390  C C   . GLY A 1 73  ? -4.671  8.773   -3.459  1.00 20.88 ? 67  GLY A C   1 
ATOM   391  O O   . GLY A 1 73  ? -5.187  9.827   -3.102  1.00 21.30 ? 67  GLY A O   1 
ATOM   392  N N   . GLY A 1 74  ? -3.873  8.038   -2.677  1.00 20.46 ? 68  GLY A N   1 
ATOM   393  C CA  . GLY A 1 74  ? -3.302  8.524   -1.418  1.00 19.78 ? 68  GLY A CA  1 
ATOM   394  C C   . GLY A 1 74  ? -4.099  8.253   -0.146  1.00 19.90 ? 68  GLY A C   1 
ATOM   395  O O   . GLY A 1 74  ? -3.919  8.947   0.849   1.00 18.62 ? 68  GLY A O   1 
ATOM   396  N N   . ILE A 1 75  ? -4.965  7.242   -0.153  1.00 19.16 ? 69  ILE A N   1 
ATOM   397  C CA  . ILE A 1 75  ? -5.809  6.995   1.000   1.00 19.82 ? 69  ILE A CA  1 
ATOM   398  C C   . ILE A 1 75  ? -4.964  6.680   2.239   1.00 19.39 ? 69  ILE A C   1 
ATOM   399  O O   . ILE A 1 75  ? -5.169  7.280   3.301   1.00 17.98 ? 69  ILE A O   1 
ATOM   400  C CB  . ILE A 1 75  ? -6.819  5.863   0.736   1.00 20.18 ? 69  ILE A CB  1 
ATOM   401  C CG1 . ILE A 1 75  ? -7.870  6.336   -0.266  1.00 21.19 ? 69  ILE A CG1 1 
ATOM   402  C CG2 . ILE A 1 75  ? -7.509  5.473   2.025   1.00 20.38 ? 69  ILE A CG2 1 
ATOM   403  C CD1 . ILE A 1 75  ? -8.742  5.225   -0.814  1.00 21.74 ? 69  ILE A CD1 1 
ATOM   404  N N   . LEU A 1 76  ? -4.006  5.769   2.088   1.00 19.22 ? 70  LEU A N   1 
ATOM   405  C CA  . LEU A 1 76  ? -3.154  5.387   3.207   1.00 20.80 ? 70  LEU A CA  1 
ATOM   406  C C   . LEU A 1 76  ? -2.123  6.471   3.507   1.00 20.36 ? 70  LEU A C   1 
ATOM   407  O O   . LEU A 1 76  ? -1.943  6.855   4.666   1.00 21.27 ? 70  LEU A O   1 
ATOM   408  C CB  . LEU A 1 76  ? -2.470  4.037   2.954   1.00 20.97 ? 70  LEU A CB  1 
ATOM   409  C CG  . LEU A 1 76  ? -1.516  3.577   4.084   1.00 21.93 ? 70  LEU A CG  1 
ATOM   410  C CD1 . LEU A 1 76  ? -2.247  3.271   5.401   1.00 21.04 ? 70  LEU A CD1 1 
ATOM   411  C CD2 . LEU A 1 76  ? -0.702  2.382   3.608   1.00 22.10 ? 70  LEU A CD2 1 
ATOM   412  N N   . ALA A 1 77  ? -1.473  6.970   2.461   1.00 20.66 ? 71  ALA A N   1 
ATOM   413  C CA  . ALA A 1 77  ? -0.461  8.030   2.573   1.00 20.75 ? 71  ALA A CA  1 
ATOM   414  C C   . ALA A 1 77  ? -0.945  9.216   3.388   1.00 20.56 ? 71  ALA A C   1 
ATOM   415  O O   . ALA A 1 77  ? -0.308  9.629   4.349   1.00 19.91 ? 71  ALA A O   1 
ATOM   416  C CB  . ALA A 1 77  ? -0.031  8.501   1.195   1.00 20.85 ? 71  ALA A CB  1 
ATOM   417  N N   . GLU A 1 78  ? -2.100  9.734   3.028   1.00 20.87 ? 72  GLU A N   1 
ATOM   418  C CA  . GLU A 1 78  ? -2.641  10.883  3.729   1.00 23.57 ? 72  GLU A CA  1 
ATOM   419  C C   . GLU A 1 78  ? -3.042  10.573  5.165   1.00 21.79 ? 72  GLU A C   1 
ATOM   420  O O   . GLU A 1 78  ? -2.817  11.399  6.054   1.00 21.52 ? 72  GLU A O   1 
ATOM   421  C CB  . GLU A 1 78  ? -3.823  11.500  2.966   1.00 25.15 ? 72  GLU A CB  1 
ATOM   422  C CG  . GLU A 1 78  ? -3.761  13.004  2.933   1.00 28.34 ? 72  GLU A CG  1 
ATOM   423  C CD  . GLU A 1 78  ? -4.909  13.619  2.166   1.00 30.13 ? 72  GLU A CD  1 
ATOM   424  O OE1 . GLU A 1 78  ? -5.883  14.042  2.821   1.00 31.14 ? 72  GLU A OE1 1 
ATOM   425  O OE2 . GLU A 1 78  ? -4.844  13.647  0.913   1.00 29.95 ? 72  GLU A OE2 1 
ATOM   426  N N   . SER A 1 79  ? -3.621  9.396   5.398   1.00 20.22 ? 73  SER A N   1 
ATOM   427  C CA  . SER A 1 79  ? -3.985  8.997   6.759   1.00 19.23 ? 73  SER A CA  1 
ATOM   428  C C   . SER A 1 79  ? -2.738  8.888   7.683   1.00 18.00 ? 73  SER A C   1 
ATOM   429  O O   . SER A 1 79  ? -2.807  9.195   8.884   1.00 16.91 ? 73  SER A O   1 
ATOM   430  C CB  . SER A 1 79  ? -4.794  7.700   6.754   1.00 19.80 ? 73  SER A CB  1 
ATOM   431  O OG  . SER A 1 79  ? -3.969  6.575   6.448   1.00 19.90 ? 73  SER A OG  1 
ATOM   432  N N   . MET A 1 80  ? -1.612  8.462   7.127   1.00 17.04 ? 74  MET A N   1 
ATOM   433  C CA  . MET A 1 80  ? -0.347  8.447   7.864   1.00 17.55 ? 74  MET A CA  1 
ATOM   434  C C   . MET A 1 80  ? 0.207   9.861   8.115   1.00 17.87 ? 74  MET A C   1 
ATOM   435  O O   . MET A 1 80  ? 0.654   10.163  9.229   1.00 18.22 ? 74  MET A O   1 
ATOM   436  C CB  . MET A 1 80  ? 0.681   7.569   7.158   1.00 18.15 ? 74  MET A CB  1 
ATOM   437  C CG  . MET A 1 80  ? 0.326   6.097   7.265   1.00 18.80 ? 74  MET A CG  1 
ATOM   438  S SD  . MET A 1 80  ? 1.499   4.924   6.598   1.00 18.99 ? 74  MET A SD  1 
ATOM   439  C CE  . MET A 1 80  ? 1.760   5.510   4.919   1.00 19.53 ? 74  MET A CE  1 
ATOM   440  N N   . ALA A 1 81  ? 0.167   10.722  7.103   1.00 17.68 ? 75  ALA A N   1 
ATOM   441  C CA  . ALA A 1 81  ? 0.594   12.103  7.275   1.00 19.09 ? 75  ALA A CA  1 
ATOM   442  C C   . ALA A 1 81  ? -0.186  12.810  8.376   1.00 20.89 ? 75  ALA A C   1 
ATOM   443  O O   . ALA A 1 81  ? 0.394   13.609  9.116   1.00 20.90 ? 75  ALA A O   1 
ATOM   444  C CB  . ALA A 1 81  ? 0.474   12.876  5.975   1.00 19.16 ? 75  ALA A CB  1 
ATOM   445  N N   . ARG A 1 82  ? -1.485  12.534  8.479   1.00 23.11 ? 76  ARG A N   1 
ATOM   446  C CA  . ARG A 1 82  ? -2.342  13.113  9.527   1.00 25.38 ? 76  ARG A CA  1 
ATOM   447  C C   . ARG A 1 82  ? -1.941  12.758  10.950  1.00 26.31 ? 76  ARG A C   1 
ATOM   448  O O   . ARG A 1 82  ? -2.188  13.527  11.870  1.00 27.73 ? 76  ARG A O   1 
ATOM   449  C CB  . ARG A 1 82  ? -3.797  12.681  9.340   1.00 27.07 ? 76  ARG A CB  1 
ATOM   450  C CG  . ARG A 1 82  ? -4.573  13.595  8.440   1.00 31.03 ? 76  ARG A CG  1 
ATOM   451  C CD  . ARG A 1 82  ? -6.014  13.119  8.277   1.00 34.22 ? 76  ARG A CD  1 
ATOM   452  N NE  . ARG A 1 82  ? -6.599  13.694  7.079   1.00 38.57 ? 76  ARG A NE  1 
ATOM   453  C CZ  . ARG A 1 82  ? -7.010  14.957  6.956   1.00 40.56 ? 76  ARG A CZ  1 
ATOM   454  N NH1 . ARG A 1 82  ? -6.906  15.817  7.963   1.00 41.77 ? 76  ARG A NH1 1 
ATOM   455  N NH2 . ARG A 1 82  ? -7.527  15.364  5.805   1.00 42.29 ? 76  ARG A NH2 1 
ATOM   456  N N   . GLU A 1 83  ? -1.361  11.583  11.134  1.00 27.38 ? 77  GLU A N   1 
ATOM   457  C CA  . GLU A 1 83  ? -0.895  11.161  12.437  1.00 29.58 ? 77  GLU A CA  1 
ATOM   458  C C   . GLU A 1 83  ? 0.520   11.702  12.716  1.00 27.04 ? 77  GLU A C   1 
ATOM   459  O O   . GLU A 1 83  ? 1.121   11.339  13.711  1.00 26.86 ? 77  GLU A O   1 
ATOM   460  C CB  . GLU A 1 83  ? -0.879  9.626   12.531  1.00 34.33 ? 77  GLU A CB  1 
ATOM   461  C CG  . GLU A 1 83  ? -2.182  8.915   12.180  1.00 40.58 ? 77  GLU A CG  1 
ATOM   462  C CD  . GLU A 1 83  ? -3.168  8.817   13.346  1.00 49.74 ? 77  GLU A CD  1 
ATOM   463  O OE1 . GLU A 1 83  ? -3.565  7.671   13.697  1.00 55.28 ? 77  GLU A OE1 1 
ATOM   464  O OE2 . GLU A 1 83  ? -3.556  9.878   13.905  1.00 54.26 ? 77  GLU A OE2 1 
ATOM   465  N N   . GLY A 1 84  ? 1.075   12.522  11.825  1.00 24.29 ? 78  GLY A N   1 
ATOM   466  C CA  . GLY A 1 84  ? 2.381   13.138  12.071  1.00 23.36 ? 78  GLY A CA  1 
ATOM   467  C C   . GLY A 1 84  ? 3.607   12.539  11.403  1.00 21.08 ? 78  GLY A C   1 
ATOM   468  O O   . GLY A 1 84  ? 4.736   12.906  11.741  1.00 21.82 ? 78  GLY A O   1 
ATOM   469  N N   . ALA A 1 85  ? 3.416   11.626  10.461  1.00 20.39 ? 79  ALA A N   1 
ATOM   470  C CA  . ALA A 1 85  ? 4.532   11.134  9.636   1.00 19.10 ? 79  ALA A CA  1 
ATOM   471  C C   . ALA A 1 85  ? 4.819   12.062  8.466   1.00 19.16 ? 79  ALA A C   1 
ATOM   472  O O   . ALA A 1 85  ? 3.936   12.749  7.960   1.00 18.59 ? 79  ALA A O   1 
ATOM   473  C CB  . ALA A 1 85  ? 4.240   9.746   9.113   1.00 19.31 ? 79  ALA A CB  1 
ATOM   474  N N   . THR A 1 86  ? 6.071   12.044  8.039   1.00 19.08 ? 80  THR A N   1 
ATOM   475  C CA  . THR A 1 86  ? 6.528   12.743  6.876   1.00 19.30 ? 80  THR A CA  1 
ATOM   476  C C   . THR A 1 86  ? 6.501   11.726  5.743   1.00 18.78 ? 80  THR A C   1 
ATOM   477  O O   . THR A 1 86  ? 7.387   10.865  5.626   1.00 18.66 ? 80  THR A O   1 
ATOM   478  C CB  . THR A 1 86  ? 7.957   13.280  7.124   1.00 20.31 ? 80  THR A CB  1 
ATOM   479  O OG1 . THR A 1 86  ? 7.925   14.124  8.279   1.00 20.44 ? 80  THR A OG1 1 
ATOM   480  C CG2 . THR A 1 86  ? 8.467   14.088  5.921   1.00 21.21 ? 80  THR A CG2 1 
ATOM   481  N N   . VAL A 1 87  ? 5.478   11.816  4.904   1.00 17.91 ? 81  VAL A N   1 
ATOM   482  C CA  . VAL A 1 87  ? 5.175   10.733  3.984   1.00 18.09 ? 81  VAL A CA  1 
ATOM   483  C C   . VAL A 1 87  ? 5.575   11.043  2.564   1.00 18.40 ? 81  VAL A C   1 
ATOM   484  O O   . VAL A 1 87  ? 5.324   12.142  2.052   1.00 18.49 ? 81  VAL A O   1 
ATOM   485  C CB  . VAL A 1 87  ? 3.669   10.395  3.986   1.00 19.09 ? 81  VAL A CB  1 
ATOM   486  C CG1 . VAL A 1 87  ? 3.376   9.213   3.053   1.00 19.04 ? 81  VAL A CG1 1 
ATOM   487  C CG2 . VAL A 1 87  ? 3.196   10.138  5.418   1.00 19.59 ? 81  VAL A CG2 1 
ATOM   488  N N   . THR A 1 88  ? 6.168   10.036  1.932   1.00 18.47 ? 82  THR A N   1 
ATOM   489  C CA  . THR A 1 88  ? 6.354   9.990   0.496   1.00 18.74 ? 82  THR A CA  1 
ATOM   490  C C   . THR A 1 88  ? 5.492   8.879   -0.094  1.00 18.39 ? 82  THR A C   1 
ATOM   491  O O   . THR A 1 88  ? 5.490   7.746   0.406   1.00 17.70 ? 82  THR A O   1 
ATOM   492  C CB  . THR A 1 88  ? 7.840   9.759   0.150   1.00 19.22 ? 82  THR A CB  1 
ATOM   493  O OG1 . THR A 1 88  ? 8.606   10.780  0.782   1.00 19.74 ? 82  THR A OG1 1 
ATOM   494  C CG2 . THR A 1 88  ? 8.076   9.833   -1.346  1.00 19.57 ? 82  THR A CG2 1 
ATOM   495  N N   . GLY A 1 89  ? 4.753   9.211   -1.145  1.00 18.75 ? 83  GLY A N   1 
ATOM   496  C CA  . GLY A 1 89  ? 3.959   8.236   -1.885  1.00 20.43 ? 83  GLY A CA  1 
ATOM   497  C C   . GLY A 1 89  ? 4.531   7.985   -3.268  1.00 22.13 ? 83  GLY A C   1 
ATOM   498  O O   . GLY A 1 89  ? 4.858   8.949   -3.989  1.00 22.66 ? 83  GLY A O   1 
ATOM   499  N N   . LEU A 1 90  ? 4.670   6.707   -3.632  1.00 22.93 ? 84  LEU A N   1 
ATOM   500  C CA  . LEU A 1 90  ? 5.095   6.308   -4.972  1.00 25.27 ? 84  LEU A CA  1 
ATOM   501  C C   . LEU A 1 90  ? 3.991   5.574   -5.703  1.00 26.48 ? 84  LEU A C   1 
ATOM   502  O O   . LEU A 1 90  ? 3.375   4.650   -5.146  1.00 24.51 ? 84  LEU A O   1 
ATOM   503  C CB  . LEU A 1 90  ? 6.265   5.328   -4.941  1.00 26.98 ? 84  LEU A CB  1 
ATOM   504  C CG  . LEU A 1 90  ? 7.565   5.720   -4.283  1.00 28.81 ? 84  LEU A CG  1 
ATOM   505  C CD1 . LEU A 1 90  ? 8.548   4.578   -4.475  1.00 29.58 ? 84  LEU A CD1 1 
ATOM   506  C CD2 . LEU A 1 90  ? 8.095   7.011   -4.875  1.00 30.78 ? 84  LEU A CD2 1 
ATOM   507  N N   . ASP A 1 91  ? 3.792   5.932   -6.967  1.00 27.01 ? 85  ASP A N   1 
ATOM   508  C CA  . ASP A 1 91  ? 2.951   5.139   -7.857  1.00 31.10 ? 85  ASP A CA  1 
ATOM   509  C C   . ASP A 1 91  ? 3.405   5.386   -9.288  1.00 31.93 ? 85  ASP A C   1 
ATOM   510  O O   . ASP A 1 91  ? 3.799   6.499   -9.624  1.00 34.33 ? 85  ASP A O   1 
ATOM   511  C CB  . ASP A 1 91  ? 1.465   5.503   -7.683  1.00 32.26 ? 85  ASP A CB  1 
ATOM   512  C CG  . ASP A 1 91  ? 0.530   4.344   -8.043  1.00 34.78 ? 85  ASP A CG  1 
ATOM   513  O OD1 . ASP A 1 91  ? 0.458   3.982   -9.241  1.00 37.89 ? 85  ASP A OD1 1 
ATOM   514  O OD2 . ASP A 1 91  ? -0.131  3.787   -7.134  1.00 34.80 ? 85  ASP A OD2 1 
ATOM   515  N N   . MET A 1 92  ? 3.357   4.360   -10.126 1.00 32.64 ? 86  MET A N   1 
ATOM   516  C CA  . MET A 1 92  ? 3.705   4.534   -11.542 1.00 36.08 ? 86  MET A CA  1 
ATOM   517  C C   . MET A 1 92  ? 2.492   4.939   -12.377 1.00 35.50 ? 86  MET A C   1 
ATOM   518  O O   . MET A 1 92  ? 2.643   5.357   -13.512 1.00 39.70 ? 86  MET A O   1 
ATOM   519  C CB  . MET A 1 92  ? 4.377   3.279   -12.107 1.00 37.90 ? 86  MET A CB  1 
ATOM   520  C CG  . MET A 1 92  ? 5.904   3.308   -11.988 1.00 40.11 ? 86  MET A CG  1 
ATOM   521  S SD  . MET A 1 92  ? 6.722   4.821   -12.599 1.00 43.61 ? 86  MET A SD  1 
ATOM   522  C CE  . MET A 1 92  ? 6.628   4.616   -14.372 1.00 46.54 ? 86  MET A CE  1 
ATOM   523  N N   . GLY A 1 93  ? 1.302   4.840   -11.794 1.00 34.04 ? 87  GLY A N   1 
ATOM   524  C CA  . GLY A 1 93  ? 0.063   5.243   -12.448 1.00 34.22 ? 87  GLY A CA  1 
ATOM   525  C C   . GLY A 1 93  ? -0.152  6.740   -12.373 1.00 33.79 ? 87  GLY A C   1 
ATOM   526  O O   . GLY A 1 93  ? -0.352  7.308   -11.274 1.00 35.45 ? 87  GLY A O   1 
ATOM   527  N N   . PHE A 1 94  ? -0.118  7.381   -13.538 1.00 31.23 ? 88  PHE A N   1 
ATOM   528  C CA  . PHE A 1 94  ? -0.192  8.833   -13.615 1.00 29.77 ? 88  PHE A CA  1 
ATOM   529  C C   . PHE A 1 94  ? -1.463  9.370   -12.966 1.00 27.95 ? 88  PHE A C   1 
ATOM   530  O O   . PHE A 1 94  ? -1.387  10.194  -12.077 1.00 27.92 ? 88  PHE A O   1 
ATOM   531  C CB  . PHE A 1 94  ? -0.082  9.329   -15.061 1.00 30.43 ? 88  PHE A CB  1 
ATOM   532  C CG  . PHE A 1 94  ? -0.076  10.825  -15.177 1.00 30.15 ? 88  PHE A CG  1 
ATOM   533  C CD1 . PHE A 1 94  ? 1.070   11.550  -14.892 1.00 31.27 ? 88  PHE A CD1 1 
ATOM   534  C CD2 . PHE A 1 94  ? -1.230  11.515  -15.526 1.00 30.41 ? 88  PHE A CD2 1 
ATOM   535  C CE1 . PHE A 1 94  ? 1.080   12.942  -14.964 1.00 30.13 ? 88  PHE A CE1 1 
ATOM   536  C CE2 . PHE A 1 94  ? -1.221  12.903  -15.620 1.00 30.95 ? 88  PHE A CE2 1 
ATOM   537  C CZ  . PHE A 1 94  ? -0.062  13.614  -15.335 1.00 29.95 ? 88  PHE A CZ  1 
ATOM   538  N N   . GLU A 1 95  ? -2.617  8.871   -13.383 1.00 27.74 ? 89  GLU A N   1 
ATOM   539  C CA  . GLU A 1 95  ? -3.905  9.436   -12.962 1.00 28.59 ? 89  GLU A CA  1 
ATOM   540  C C   . GLU A 1 95  ? -4.186  9.392   -11.449 1.00 28.38 ? 89  GLU A C   1 
ATOM   541  O O   . GLU A 1 95  ? -4.499  10.421  -10.863 1.00 28.66 ? 89  GLU A O   1 
ATOM   542  C CB  . GLU A 1 95  ? -5.063  8.797   -13.726 1.00 30.90 ? 89  GLU A CB  1 
ATOM   543  C CG  . GLU A 1 95  ? -5.723  9.728   -14.731 1.00 33.87 ? 89  GLU A CG  1 
ATOM   544  C CD  . GLU A 1 95  ? -6.589  10.793  -14.061 1.00 35.54 ? 89  GLU A CD  1 
ATOM   545  N N   . PRO A 1 96  ? -4.083  8.210   -10.816 1.00 27.77 ? 90  PRO A N   1 
ATOM   546  C CA  . PRO A 1 96  ? -4.295  8.153   -9.371  1.00 26.09 ? 90  PRO A CA  1 
ATOM   547  C C   . PRO A 1 96  ? -3.378  9.107   -8.610  1.00 24.23 ? 90  PRO A C   1 
ATOM   548  O O   . PRO A 1 96  ? -3.802  9.735   -7.656  1.00 21.18 ? 90  PRO A O   1 
ATOM   549  C CB  . PRO A 1 96  ? -3.956  6.685   -9.018  1.00 26.67 ? 90  PRO A CB  1 
ATOM   550  C CG  . PRO A 1 96  ? -4.174  5.936   -10.295 1.00 28.16 ? 90  PRO A CG  1 
ATOM   551  C CD  . PRO A 1 96  ? -3.711  6.884   -11.364 1.00 28.08 ? 90  PRO A CD  1 
ATOM   552  N N   . LEU A 1 97  ? -2.131  9.210   -9.049  1.00 23.62 ? 91  LEU A N   1 
ATOM   553  C CA  . LEU A 1 97  ? -1.168  10.069  -8.405  1.00 25.37 ? 91  LEU A CA  1 
ATOM   554  C C   . LEU A 1 97  ? -1.555  11.550  -8.493  1.00 25.65 ? 91  LEU A C   1 
ATOM   555  O O   . LEU A 1 97  ? -1.265  12.311  -7.568  1.00 26.12 ? 91  LEU A O   1 
ATOM   556  C CB  . LEU A 1 97  ? 0.227   9.849   -9.001  1.00 26.86 ? 91  LEU A CB  1 
ATOM   557  C CG  . LEU A 1 97  ? 1.366   10.340  -8.106  1.00 29.29 ? 91  LEU A CG  1 
ATOM   558  C CD1 . LEU A 1 97  ? 1.566   9.381   -6.936  1.00 29.17 ? 91  LEU A CD1 1 
ATOM   559  C CD2 . LEU A 1 97  ? 2.653   10.498  -8.895  1.00 32.14 ? 91  LEU A CD2 1 
ATOM   560  N N   . GLN A 1 98  ? -2.205  11.954  -9.592  1.00 24.55 ? 92  GLN A N   1 
ATOM   561  C CA  . GLN A 1 98  ? -2.666  13.343  -9.738  1.00 25.47 ? 92  GLN A CA  1 
ATOM   562  C C   . GLN A 1 98  ? -3.782  13.631  -8.759  1.00 24.62 ? 92  GLN A C   1 
ATOM   563  O O   . GLN A 1 98  ? -3.846  14.704  -8.137  1.00 23.27 ? 92  GLN A O   1 
ATOM   564  C CB  . GLN A 1 98  ? -3.145  13.609  -11.174 1.00 27.27 ? 92  GLN A CB  1 
ATOM   565  C CG  . GLN A 1 98  ? -2.074  13.367  -12.230 1.00 28.34 ? 92  GLN A CG  1 
ATOM   566  C CD  . GLN A 1 98  ? -0.719  13.915  -11.823 1.00 30.06 ? 92  GLN A CD  1 
ATOM   567  O OE1 . GLN A 1 98  ? 0.276   13.185  -11.801 1.00 37.61 ? 92  GLN A OE1 1 
ATOM   568  N NE2 . GLN A 1 98  ? -0.675  15.186  -11.466 1.00 30.58 ? 92  GLN A NE2 1 
ATOM   569  N N   . VAL A 1 99  ? -4.655  12.648  -8.619  1.00 24.12 ? 93  VAL A N   1 
ATOM   570  C CA  . VAL A 1 99  ? -5.755  12.722  -7.673  1.00 24.92 ? 93  VAL A CA  1 
ATOM   571  C C   . VAL A 1 99  ? -5.234  12.800  -6.234  1.00 22.73 ? 93  VAL A C   1 
ATOM   572  O O   . VAL A 1 99  ? -5.781  13.529  -5.413  1.00 21.88 ? 93  VAL A O   1 
ATOM   573  C CB  . VAL A 1 99  ? -6.718  11.521  -7.862  1.00 27.15 ? 93  VAL A CB  1 
ATOM   574  C CG1 . VAL A 1 99  ? -7.787  11.487  -6.771  1.00 27.67 ? 93  VAL A CG1 1 
ATOM   575  C CG2 . VAL A 1 99  ? -7.368  11.596  -9.239  1.00 28.08 ? 93  VAL A CG2 1 
ATOM   576  N N   . ALA A 1 100 ? -4.175  12.058  -5.934  1.00 21.13 ? 94  ALA A N   1 
ATOM   577  C CA  . ALA A 1 100 ? -3.514  12.146  -4.624  1.00 19.99 ? 94  ALA A CA  1 
ATOM   578  C C   . ALA A 1 100 ? -2.982  13.557  -4.362  1.00 19.97 ? 94  ALA A C   1 
ATOM   579  O O   . ALA A 1 100 ? -3.206  14.136  -3.286  1.00 18.34 ? 94  ALA A O   1 
ATOM   580  C CB  . ALA A 1 100 ? -2.382  11.121  -4.531  1.00 19.26 ? 94  ALA A CB  1 
ATOM   581  N N   . LYS A 1 101 ? -2.303  14.121  -5.359  1.00 21.37 ? 95  LYS A N   1 
ATOM   582  C CA  . LYS A 1 101 ? -1.733  15.477  -5.236  1.00 22.88 ? 95  LYS A CA  1 
ATOM   583  C C   . LYS A 1 101 ? -2.820  16.504  -5.017  1.00 23.44 ? 95  LYS A C   1 
ATOM   584  O O   . LYS A 1 101 ? -2.725  17.333  -4.100  1.00 24.19 ? 95  LYS A O   1 
ATOM   585  C CB  . LYS A 1 101 ? -0.906  15.837  -6.466  1.00 25.15 ? 95  LYS A CB  1 
ATOM   586  C CG  . LYS A 1 101 ? 0.369   15.027  -6.589  1.00 27.14 ? 95  LYS A CG  1 
ATOM   587  C CD  . LYS A 1 101 ? 1.130   15.285  -7.894  1.00 30.71 ? 95  LYS A CD  1 
ATOM   588  C CE  . LYS A 1 101 ? 2.630   15.114  -7.673  1.00 33.02 ? 95  LYS A CE  1 
ATOM   589  N NZ  . LYS A 1 101 ? 3.429   14.889  -8.909  1.00 35.67 ? 95  LYS A NZ  1 
ATOM   590  N N   . LEU A 1 102 ? -3.877  16.422  -5.825  1.00 22.04 ? 96  LEU A N   1 
ATOM   591  C CA  . LEU A 1 102 ? -4.955  17.371  -5.741  1.00 22.09 ? 96  LEU A CA  1 
ATOM   592  C C   . LEU A 1 102 ? -5.661  17.323  -4.394  1.00 21.27 ? 96  LEU A C   1 
ATOM   593  O O   . LEU A 1 102 ? -5.917  18.365  -3.801  1.00 18.82 ? 96  LEU A O   1 
ATOM   594  C CB  . LEU A 1 102 ? -5.963  17.167  -6.874  1.00 22.91 ? 96  LEU A CB  1 
ATOM   595  C CG  . LEU A 1 102 ? -5.446  17.611  -8.243  1.00 24.40 ? 96  LEU A CG  1 
ATOM   596  C CD1 . LEU A 1 102 ? -6.271  16.988  -9.355  1.00 25.06 ? 96  LEU A CD1 1 
ATOM   597  C CD2 . LEU A 1 102 ? -5.431  19.127  -8.374  1.00 24.98 ? 96  LEU A CD2 1 
ATOM   598  N N   . HIS A 1 103 ? -5.980  16.118  -3.917  1.00 20.30 ? 97  HIS A N   1 
ATOM   599  C CA  . HIS A 1 103 ? -6.624  15.990  -2.621  1.00 20.39 ? 97  HIS A CA  1 
ATOM   600  C C   . HIS A 1 103 ? -5.778  16.552  -1.459  1.00 19.11 ? 97  HIS A C   1 
ATOM   601  O O   . HIS A 1 103 ? -6.302  17.209  -0.544  1.00 18.12 ? 97  HIS A O   1 
ATOM   602  C CB  . HIS A 1 103 ? -7.019  14.530  -2.341  1.00 20.45 ? 97  HIS A CB  1 
ATOM   603  C CG  . HIS A 1 103 ? -7.861  14.388  -1.116  1.00 21.55 ? 97  HIS A CG  1 
ATOM   604  N ND1 . HIS A 1 103 ? -9.233  14.568  -1.121  1.00 23.82 ? 97  HIS A ND1 1 
ATOM   605  C CD2 . HIS A 1 103 ? -7.517  14.178  0.169   1.00 20.36 ? 97  HIS A CD2 1 
ATOM   606  C CE1 . HIS A 1 103 ? -9.696  14.424  0.107   1.00 22.29 ? 97  HIS A CE1 1 
ATOM   607  N NE2 . HIS A 1 103 ? -8.669  14.210  0.910   1.00 23.31 ? 97  HIS A NE2 1 
ATOM   608  N N   . ALA A 1 104 ? -4.485  16.272  -1.482  1.00 19.18 ? 98  ALA A N   1 
ATOM   609  C CA  . ALA A 1 104 ? -3.571  16.811  -0.479  1.00 20.37 ? 98  ALA A CA  1 
ATOM   610  C C   . ALA A 1 104 ? -3.562  18.348  -0.506  1.00 22.42 ? 98  ALA A C   1 
ATOM   611  O O   . ALA A 1 104 ? -3.520  19.003  0.547   1.00 23.29 ? 98  ALA A O   1 
ATOM   612  C CB  . ALA A 1 104 ? -2.180  16.278  -0.719  1.00 20.19 ? 98  ALA A CB  1 
ATOM   613  N N   . LEU A 1 105 ? -3.602  18.916  -1.710  1.00 24.21 ? 99  LEU A N   1 
ATOM   614  C CA  . LEU A 1 105 ? -3.702  20.356  -1.860  1.00 26.16 ? 99  LEU A CA  1 
ATOM   615  C C   . LEU A 1 105 ? -4.970  20.907  -1.264  1.00 27.11 ? 99  LEU A C   1 
ATOM   616  O O   . LEU A 1 105 ? -4.928  21.931  -0.620  1.00 30.59 ? 99  LEU A O   1 
ATOM   617  C CB  . LEU A 1 105 ? -3.632  20.781  -3.320  1.00 26.73 ? 99  LEU A CB  1 
ATOM   618  C CG  . LEU A 1 105 ? -2.272  21.189  -3.829  1.00 28.30 ? 99  LEU A CG  1 
ATOM   619  C CD1 . LEU A 1 105 ? -2.391  21.495  -5.317  1.00 29.65 ? 99  LEU A CD1 1 
ATOM   620  C CD2 . LEU A 1 105 ? -1.726  22.384  -3.057  1.00 27.74 ? 99  LEU A CD2 1 
ATOM   621  N N   . GLU A 1 106 ? -6.099  20.249  -1.492  1.00 28.52 ? 100 GLU A N   1 
ATOM   622  C CA  . GLU A 1 106 ? -7.361  20.708  -0.916  1.00 30.63 ? 100 GLU A CA  1 
ATOM   623  C C   . GLU A 1 106 ? -7.369  20.576  0.600   1.00 31.29 ? 100 GLU A C   1 
ATOM   624  O O   . GLU A 1 106 ? -7.905  21.432  1.299   1.00 32.64 ? 100 GLU A O   1 
ATOM   625  C CB  . GLU A 1 106 ? -8.548  19.914  -1.472  1.00 33.61 ? 100 GLU A CB  1 
ATOM   626  C CG  . GLU A 1 106 ? -8.846  20.113  -2.958  1.00 36.59 ? 100 GLU A CG  1 
ATOM   627  C CD  . GLU A 1 106 ? -10.084 19.336  -3.404  1.00 40.85 ? 100 GLU A CD  1 
ATOM   628  O OE1 . GLU A 1 106 ? -10.250 18.181  -2.957  1.00 43.60 ? 100 GLU A OE1 1 
ATOM   629  O OE2 . GLU A 1 106 ? -10.899 19.870  -4.187  1.00 41.75 ? 100 GLU A OE2 1 
ATOM   630  N N   . SER A 1 107 ? -6.802  19.483  1.098   1.00 32.26 ? 101 SER A N   1 
ATOM   631  C CA  . SER A 1 107 ? -6.863  19.136  2.515   1.00 33.36 ? 101 SER A CA  1 
ATOM   632  C C   . SER A 1 107 ? -5.853  19.886  3.351   1.00 31.76 ? 101 SER A C   1 
ATOM   633  O O   . SER A 1 107 ? -5.965  19.890  4.554   1.00 32.54 ? 101 SER A O   1 
ATOM   634  C CB  . SER A 1 107 ? -6.576  17.643  2.704   1.00 35.14 ? 101 SER A CB  1 
ATOM   635  O OG  . SER A 1 107 ? -7.491  16.879  1.969   1.00 39.31 ? 101 SER A OG  1 
ATOM   636  N N   . GLY A 1 108 ? -4.842  20.459  2.715   1.00 32.69 ? 102 GLY A N   1 
ATOM   637  C CA  . GLY A 1 108 ? -3.737  21.102  3.424   1.00 33.36 ? 102 GLY A CA  1 
ATOM   638  C C   . GLY A 1 108 ? -2.735  20.133  4.036   1.00 34.29 ? 102 GLY A C   1 
ATOM   639  O O   . GLY A 1 108 ? -1.883  20.539  4.805   1.00 35.23 ? 102 GLY A O   1 
ATOM   640  N N   . ILE A 1 109 ? -2.814  18.851  3.700   1.00 34.11 ? 103 ILE A N   1 
ATOM   641  C CA  . ILE A 1 109 ? -1.880  17.878  4.253   1.00 34.44 ? 103 ILE A CA  1 
ATOM   642  C C   . ILE A 1 109 ? -0.699  17.803  3.299   1.00 33.84 ? 103 ILE A C   1 
ATOM   643  O O   . ILE A 1 109 ? -0.879  17.626  2.104   1.00 34.89 ? 103 ILE A O   1 
ATOM   644  C CB  . ILE A 1 109 ? -2.516  16.486  4.427   1.00 36.01 ? 103 ILE A CB  1 
ATOM   645  C CG1 . ILE A 1 109 ? -3.869  16.572  5.154   1.00 35.86 ? 103 ILE A CG1 1 
ATOM   646  C CG2 . ILE A 1 109 ? -1.588  15.566  5.213   1.00 37.96 ? 103 ILE A CG2 1 
ATOM   647  C CD1 . ILE A 1 109 ? -3.805  17.088  6.573   1.00 36.73 ? 103 ILE A CD1 1 
ATOM   648  N N   . GLN A 1 110 ? 0.508   17.953  3.820   1.00 31.74 ? 104 GLN A N   1 
ATOM   649  C CA  . GLN A 1 110 ? 1.709   17.868  2.997   1.00 32.74 ? 104 GLN A CA  1 
ATOM   650  C C   . GLN A 1 110 ? 2.106   16.392  2.812   1.00 30.34 ? 104 GLN A C   1 
ATOM   651  O O   . GLN A 1 110 ? 2.357   15.681  3.777   1.00 30.52 ? 104 GLN A O   1 
ATOM   652  C CB  . GLN A 1 110 ? 2.851   18.643  3.673   1.00 36.58 ? 104 GLN A CB  1 
ATOM   653  C CG  . GLN A 1 110 ? 3.715   19.477  2.735   1.00 40.43 ? 104 GLN A CG  1 
ATOM   654  C CD  . GLN A 1 110 ? 3.253   20.932  2.653   1.00 41.80 ? 104 GLN A CD  1 
ATOM   655  N N   . VAL A 1 111 ? 2.148   15.928  1.576   1.00 28.82 ? 105 VAL A N   1 
ATOM   656  C CA  . VAL A 1 111 ? 2.673   14.595  1.250   1.00 27.08 ? 105 VAL A CA  1 
ATOM   657  C C   . VAL A 1 111 ? 3.441   14.748  -0.055  1.00 27.49 ? 105 VAL A C   1 
ATOM   658  O O   . VAL A 1 111 ? 2.950   15.403  -0.966  1.00 26.78 ? 105 VAL A O   1 
ATOM   659  C CB  . VAL A 1 111 ? 1.531   13.585  1.006   1.00 26.71 ? 105 VAL A CB  1 
ATOM   660  C CG1 . VAL A 1 111 ? 2.057   12.209  0.589   1.00 26.13 ? 105 VAL A CG1 1 
ATOM   661  C CG2 . VAL A 1 111 ? 0.629   13.496  2.215   1.00 26.60 ? 105 VAL A CG2 1 
ATOM   662  N N   . ASP A 1 112 ? 4.632   14.162  -0.141  1.00 26.54 ? 106 ASP A N   1 
ATOM   663  C CA  . ASP A 1 112 ? 5.393   14.166  -1.378  1.00 28.28 ? 106 ASP A CA  1 
ATOM   664  C C   . ASP A 1 112 ? 4.976   12.954  -2.216  1.00 26.11 ? 106 ASP A C   1 
ATOM   665  O O   . ASP A 1 112 ? 5.164   11.814  -1.799  1.00 25.14 ? 106 ASP A O   1 
ATOM   666  C CB  . ASP A 1 112 ? 6.889   14.125  -1.068  1.00 32.24 ? 106 ASP A CB  1 
ATOM   667  C CG  . ASP A 1 112 ? 7.758   14.262  -2.309  1.00 38.24 ? 106 ASP A CG  1 
ATOM   668  O OD1 . ASP A 1 112 ? 7.255   14.698  -3.369  1.00 43.69 ? 106 ASP A OD1 1 
ATOM   669  O OD2 . ASP A 1 112 ? 8.968   13.937  -2.223  1.00 43.76 ? 106 ASP A OD2 1 
ATOM   670  N N   . TYR A 1 113 ? 4.384   13.204  -3.377  1.00 22.95 ? 107 TYR A N   1 
ATOM   671  C CA  . TYR A 1 113 ? 3.970   12.140  -4.270  1.00 23.07 ? 107 TYR A CA  1 
ATOM   672  C C   . TYR A 1 113 ? 4.891   12.114  -5.484  1.00 23.86 ? 107 TYR A C   1 
ATOM   673  O O   . TYR A 1 113 ? 5.095   13.142  -6.117  1.00 24.37 ? 107 TYR A O   1 
ATOM   674  C CB  . TYR A 1 113 ? 2.522   12.349  -4.707  1.00 21.62 ? 107 TYR A CB  1 
ATOM   675  C CG  . TYR A 1 113 ? 1.510   12.069  -3.618  1.00 20.41 ? 107 TYR A CG  1 
ATOM   676  C CD1 . TYR A 1 113 ? 1.323   10.779  -3.152  1.00 19.68 ? 107 TYR A CD1 1 
ATOM   677  C CD2 . TYR A 1 113 ? 0.734   13.093  -3.066  1.00 20.02 ? 107 TYR A CD2 1 
ATOM   678  C CE1 . TYR A 1 113 ? 0.414   10.499  -2.139  1.00 19.51 ? 107 TYR A CE1 1 
ATOM   679  C CE2 . TYR A 1 113 ? -0.199  12.824  -2.059  1.00 19.36 ? 107 TYR A CE2 1 
ATOM   680  C CZ  . TYR A 1 113 ? -0.353  11.512  -1.613  1.00 19.29 ? 107 TYR A CZ  1 
ATOM   681  O OH  . TYR A 1 113 ? -1.250  11.196  -0.622  1.00 19.02 ? 107 TYR A OH  1 
ATOM   682  N N   . VAL A 1 114 ? 5.430   10.948  -5.813  1.00 24.80 ? 108 VAL A N   1 
ATOM   683  C CA  . VAL A 1 114 ? 6.410   10.800  -6.900  1.00 26.15 ? 108 VAL A CA  1 
ATOM   684  C C   . VAL A 1 114 ? 6.009   9.671   -7.833  1.00 27.48 ? 108 VAL A C   1 
ATOM   685  O O   . VAL A 1 114 ? 5.629   8.569   -7.378  1.00 26.43 ? 108 VAL A O   1 
ATOM   686  C CB  . VAL A 1 114 ? 7.822   10.508  -6.343  1.00 28.97 ? 108 VAL A CB  1 
ATOM   687  C CG1 . VAL A 1 114 ? 8.847   10.478  -7.468  1.00 32.05 ? 108 VAL A CG1 1 
ATOM   688  C CG2 . VAL A 1 114 ? 8.222   11.553  -5.315  1.00 29.43 ? 108 VAL A CG2 1 
ATOM   689  N N   . GLN A 1 115 ? 6.087   9.935   -9.137  1.00 27.21 ? 109 GLN A N   1 
ATOM   690  C CA  . GLN A 1 115 ? 5.842   8.915   -10.139 1.00 28.20 ? 109 GLN A CA  1 
ATOM   691  C C   . GLN A 1 115 ? 7.159   8.234   -10.518 1.00 29.77 ? 109 GLN A C   1 
ATOM   692  O O   . GLN A 1 115 ? 7.846   8.666   -11.435 1.00 30.86 ? 109 GLN A O   1 
ATOM   693  C CB  . GLN A 1 115 ? 5.166   9.502   -11.389 1.00 29.14 ? 109 GLN A CB  1 
ATOM   694  C CG  . GLN A 1 115 ? 4.582   8.430   -12.297 1.00 31.04 ? 109 GLN A CG  1 
ATOM   695  C CD  . GLN A 1 115 ? 4.137   8.941   -13.653 1.00 33.60 ? 109 GLN A CD  1 
ATOM   696  O OE1 . GLN A 1 115 ? 4.427   10.060  -14.040 1.00 34.24 ? 109 GLN A OE1 1 
ATOM   697  N NE2 . GLN A 1 115 ? 3.422   8.101   -14.385 1.00 34.66 ? 109 GLN A NE2 1 
ATOM   698  N N   . GLU A 1 116 ? 7.519   7.184   -9.791  1.00 30.38 ? 110 GLU A N   1 
ATOM   699  C CA  . GLU A 1 116 ? 8.638   6.331   -10.183 1.00 31.59 ? 110 GLU A CA  1 
ATOM   700  C C   . GLU A 1 116 ? 8.471   4.925   -9.611  1.00 29.88 ? 110 GLU A C   1 
ATOM   701  O O   . GLU A 1 116 ? 7.569   4.672   -8.817  1.00 28.94 ? 110 GLU A O   1 
ATOM   702  C CB  . GLU A 1 116 ? 9.990   6.949   -9.797  1.00 34.10 ? 110 GLU A CB  1 
ATOM   703  C CG  . GLU A 1 116 ? 10.208  7.228   -8.317  1.00 38.18 ? 110 GLU A CG  1 
ATOM   704  C CD  . GLU A 1 116 ? 11.450  8.085   -8.048  1.00 41.97 ? 110 GLU A CD  1 
ATOM   705  O OE1 . GLU A 1 116 ? 11.859  8.867   -8.930  1.00 47.63 ? 110 GLU A OE1 1 
ATOM   706  O OE2 . GLU A 1 116 ? 12.028  7.988   -6.946  1.00 41.93 ? 110 GLU A OE2 1 
ATOM   707  N N   . THR A 1 117 ? 9.315   4.006   -10.060 1.00 27.79 ? 111 THR A N   1 
ATOM   708  C CA  . THR A 1 117 ? 9.261   2.620   -9.606  1.00 27.21 ? 111 THR A CA  1 
ATOM   709  C C   . THR A 1 117 ? 9.916   2.576   -8.248  1.00 25.89 ? 111 THR A C   1 
ATOM   710  O O   . THR A 1 117 ? 10.769  3.401   -7.951  1.00 26.01 ? 111 THR A O   1 
ATOM   711  C CB  . THR A 1 117 ? 10.019  1.669   -10.556 1.00 26.26 ? 111 THR A CB  1 
ATOM   712  O OG1 . THR A 1 117 ? 11.389  2.067   -10.624 1.00 26.40 ? 111 THR A OG1 1 
ATOM   713  C CG2 . THR A 1 117 ? 9.409   1.686   -11.958 1.00 27.07 ? 111 THR A CG2 1 
ATOM   714  N N   . VAL A 1 118 ? 9.540   1.604   -7.426  1.00 26.17 ? 112 VAL A N   1 
ATOM   715  C CA  . VAL A 1 118 ? 10.185  1.449   -6.130  1.00 25.44 ? 112 VAL A CA  1 
ATOM   716  C C   . VAL A 1 118 ? 11.673  1.139   -6.311  1.00 24.97 ? 112 VAL A C   1 
ATOM   717  O O   . VAL A 1 118 ? 12.494  1.538   -5.484  1.00 24.30 ? 112 VAL A O   1 
ATOM   718  C CB  . VAL A 1 118 ? 9.485   0.384   -5.238  1.00 25.75 ? 112 VAL A CB  1 
ATOM   719  C CG1 . VAL A 1 118 ? 9.661   -1.033  -5.794  1.00 25.45 ? 112 VAL A CG1 1 
ATOM   720  C CG2 . VAL A 1 118 ? 10.010  0.470   -3.814  1.00 24.82 ? 112 VAL A CG2 1 
ATOM   721  N N   . GLU A 1 119 ? 12.022  0.449   -7.400  1.00 25.50 ? 113 GLU A N   1 
ATOM   722  C CA  . GLU A 1 119 ? 13.437  0.191   -7.733  1.00 24.88 ? 113 GLU A CA  1 
ATOM   723  C C   . GLU A 1 119 ? 14.206  1.484   -7.993  1.00 24.04 ? 113 GLU A C   1 
ATOM   724  O O   . GLU A 1 119 ? 15.324  1.659   -7.515  1.00 21.77 ? 113 GLU A O   1 
ATOM   725  C CB  . GLU A 1 119 ? 13.574  -0.700  -8.973  1.00 26.63 ? 113 GLU A CB  1 
ATOM   726  C CG  . GLU A 1 119 ? 13.166  -2.148  -8.776  1.00 28.22 ? 113 GLU A CG  1 
ATOM   727  C CD  . GLU A 1 119 ? 11.677  -2.393  -8.931  1.00 29.09 ? 113 GLU A CD  1 
ATOM   728  O OE1 . GLU A 1 119 ? 10.933  -1.456  -9.289  1.00 33.07 ? 113 GLU A OE1 1 
ATOM   729  O OE2 . GLU A 1 119 ? 11.245  -3.537  -8.685  1.00 30.00 ? 113 GLU A OE2 1 
ATOM   730  N N   . GLU A 1 120 ? 13.629  2.386   -8.776  1.00 24.62 ? 114 GLU A N   1 
ATOM   731  C CA  . GLU A 1 120 ? 14.286  3.673   -9.011  1.00 26.04 ? 114 GLU A CA  1 
ATOM   732  C C   . GLU A 1 120 ? 14.489  4.410   -7.708  1.00 23.80 ? 114 GLU A C   1 
ATOM   733  O O   . GLU A 1 120 ? 15.544  4.976   -7.461  1.00 23.04 ? 114 GLU A O   1 
ATOM   734  C CB  . GLU A 1 120 ? 13.441  4.586   -9.885  1.00 30.00 ? 114 GLU A CB  1 
ATOM   735  C CG  . GLU A 1 120 ? 13.359  4.250   -11.353 1.00 35.10 ? 114 GLU A CG  1 
ATOM   736  C CD  . GLU A 1 120 ? 12.333  5.147   -12.017 1.00 40.58 ? 114 GLU A CD  1 
ATOM   737  O OE1 . GLU A 1 120 ? 11.252  4.641   -12.392 1.00 40.28 ? 114 GLU A OE1 1 
ATOM   738  O OE2 . GLU A 1 120 ? 12.598  6.378   -12.098 1.00 44.67 ? 114 GLU A OE2 1 
ATOM   739  N N   . HIS A 1 121 ? 13.447  4.430   -6.883  1.00 22.71 ? 115 HIS A N   1 
ATOM   740  C CA  . HIS A 1 121 ? 13.465  5.215   -5.652  1.00 21.22 ? 115 HIS A CA  1 
ATOM   741  C C   . HIS A 1 121 ? 14.487  4.614   -4.693  1.00 20.67 ? 115 HIS A C   1 
ATOM   742  O O   . HIS A 1 121 ? 15.228  5.344   -4.050  1.00 21.38 ? 115 HIS A O   1 
ATOM   743  C CB  . HIS A 1 121 ? 12.042  5.280   -5.050  1.00 21.47 ? 115 HIS A CB  1 
ATOM   744  C CG  . HIS A 1 121 ? 11.844  6.388   -4.059  1.00 21.24 ? 115 HIS A CG  1 
ATOM   745  N ND1 . HIS A 1 121 ? 11.638  7.703   -4.434  1.00 22.65 ? 115 HIS A ND1 1 
ATOM   746  C CD2 . HIS A 1 121 ? 11.815  6.373   -2.706  1.00 20.74 ? 115 HIS A CD2 1 
ATOM   747  C CE1 . HIS A 1 121 ? 11.512  8.453   -3.351  1.00 22.05 ? 115 HIS A CE1 1 
ATOM   748  N NE2 . HIS A 1 121 ? 11.612  7.669   -2.289  1.00 21.25 ? 115 HIS A NE2 1 
ATOM   749  N N   . ALA A 1 122 ? 14.544  3.287   -4.623  1.00 20.80 ? 116 ALA A N   1 
ATOM   750  C CA  . ALA A 1 122 ? 15.523  2.579   -3.782  1.00 21.56 ? 116 ALA A CA  1 
ATOM   751  C C   . ALA A 1 122 ? 16.979  2.908   -4.165  1.00 22.73 ? 116 ALA A C   1 
ATOM   752  O O   . ALA A 1 122 ? 17.839  3.007   -3.299  1.00 22.25 ? 116 ALA A O   1 
ATOM   753  C CB  . ALA A 1 122 ? 15.302  1.071   -3.860  1.00 21.25 ? 116 ALA A CB  1 
ATOM   754  N N   . ALA A 1 123 ? 17.241  3.085   -5.460  1.00 23.17 ? 117 ALA A N   1 
ATOM   755  C CA  . ALA A 1 123 ? 18.607  3.410   -5.930  1.00 24.03 ? 117 ALA A CA  1 
ATOM   756  C C   . ALA A 1 123 ? 19.048  4.845   -5.525  1.00 25.61 ? 117 ALA A C   1 
ATOM   757  O O   . ALA A 1 123 ? 20.230  5.119   -5.349  1.00 23.80 ? 117 ALA A O   1 
ATOM   758  C CB  . ALA A 1 123 ? 18.682  3.222   -7.432  1.00 23.45 ? 117 ALA A CB  1 
ATOM   759  N N   . LYS A 1 124 ? 18.091  5.754   -5.365  1.00 27.79 ? 118 LYS A N   1 
ATOM   760  C CA  . LYS A 1 124 ? 18.396  7.139   -4.992  1.00 29.43 ? 118 LYS A CA  1 
ATOM   761  C C   . LYS A 1 124 ? 18.259  7.417   -3.507  1.00 28.90 ? 118 LYS A C   1 
ATOM   762  O O   . LYS A 1 124 ? 18.872  8.344   -3.005  1.00 28.14 ? 118 LYS A O   1 
ATOM   763  C CB  . LYS A 1 124 ? 17.516  8.099   -5.795  1.00 32.49 ? 118 LYS A CB  1 
ATOM   764  C CG  . LYS A 1 124 ? 17.808  7.991   -7.287  1.00 35.29 ? 118 LYS A CG  1 
ATOM   765  C CD  . LYS A 1 124 ? 17.123  9.053   -8.119  1.00 37.82 ? 118 LYS A CD  1 
ATOM   766  C CE  . LYS A 1 124 ? 15.625  8.835   -8.154  1.00 39.69 ? 118 LYS A CE  1 
ATOM   767  N NZ  . LYS A 1 124 ? 15.030  9.515   -9.332  1.00 41.59 ? 118 LYS A NZ  1 
ATOM   768  N N   . HIS A 1 125 ? 17.480  6.611   -2.788  1.00 28.52 ? 119 HIS A N   1 
ATOM   769  C CA  . HIS A 1 125 ? 17.148  6.931   -1.391  1.00 27.74 ? 119 HIS A CA  1 
ATOM   770  C C   . HIS A 1 125 ? 17.332  5.754   -0.440  1.00 26.28 ? 119 HIS A C   1 
ATOM   771  O O   . HIS A 1 125 ? 16.554  5.586   0.493   1.00 26.11 ? 119 HIS A O   1 
ATOM   772  C CB  . HIS A 1 125 ? 15.703  7.441   -1.309  1.00 27.28 ? 119 HIS A CB  1 
ATOM   773  C CG  . HIS A 1 125 ? 15.426  8.602   -2.209  1.00 28.87 ? 119 HIS A CG  1 
ATOM   774  N ND1 . HIS A 1 125 ? 15.737  9.900   -1.865  1.00 30.38 ? 119 HIS A ND1 1 
ATOM   775  C CD2 . HIS A 1 125 ? 14.885  8.661   -3.449  1.00 29.53 ? 119 HIS A CD2 1 
ATOM   776  C CE1 . HIS A 1 125 ? 15.387  10.712  -2.848  1.00 31.49 ? 119 HIS A CE1 1 
ATOM   777  N NE2 . HIS A 1 125 ? 14.866  9.986   -3.821  1.00 31.37 ? 119 HIS A NE2 1 
ATOM   778  N N   . ALA A 1 126 ? 18.362  4.948   -0.648  1.00 25.07 ? 120 ALA A N   1 
ATOM   779  C CA  . ALA A 1 126 ? 18.552  3.777   0.201   1.00 26.42 ? 120 ALA A CA  1 
ATOM   780  C C   . ALA A 1 126 ? 18.617  4.166   1.680   1.00 26.23 ? 120 ALA A C   1 
ATOM   781  O O   . ALA A 1 126 ? 19.248  5.153   2.036   1.00 27.34 ? 120 ALA A O   1 
ATOM   782  C CB  . ALA A 1 126 ? 19.816  3.019   -0.194  1.00 25.81 ? 120 ALA A CB  1 
ATOM   783  N N   . GLY A 1 127 ? 17.965  3.381   2.530   1.00 26.70 ? 121 GLY A N   1 
ATOM   784  C CA  . GLY A 1 127 ? 18.102  3.526   3.981   1.00 26.84 ? 121 GLY A CA  1 
ATOM   785  C C   . GLY A 1 127 ? 17.559  4.815   4.575   1.00 26.15 ? 121 GLY A C   1 
ATOM   786  O O   . GLY A 1 127 ? 17.858  5.137   5.709   1.00 26.35 ? 121 GLY A O   1 
ATOM   787  N N   . GLN A 1 128 ? 16.729  5.533   3.840   1.00 24.98 ? 122 GLN A N   1 
ATOM   788  C CA  . GLN A 1 128 ? 16.226  6.821   4.331   1.00 27.38 ? 122 GLN A CA  1 
ATOM   789  C C   . GLN A 1 128 ? 14.967  6.739   5.186   1.00 24.80 ? 122 GLN A C   1 
ATOM   790  O O   . GLN A 1 128 ? 14.628  7.702   5.867   1.00 25.86 ? 122 GLN A O   1 
ATOM   791  C CB  . GLN A 1 128 ? 15.909  7.741   3.158   1.00 29.26 ? 122 GLN A CB  1 
ATOM   792  C CG  . GLN A 1 128 ? 17.040  7.892   2.171   1.00 33.91 ? 122 GLN A CG  1 
ATOM   793  C CD  . GLN A 1 128 ? 17.911  9.072   2.444   1.00 39.36 ? 122 GLN A CD  1 
ATOM   794  O OE1 . GLN A 1 128 ? 18.145  9.445   3.605   1.00 44.91 ? 122 GLN A OE1 1 
ATOM   795  N NE2 . GLN A 1 128 ? 18.416  9.680   1.369   1.00 42.97 ? 122 GLN A NE2 1 
ATOM   796  N N   . TYR A 1 129 ? 14.240  5.623   5.140   1.00 23.12 ? 123 TYR A N   1 
ATOM   797  C CA  . TYR A 1 129 ? 12.861  5.622   5.671   1.00 21.18 ? 123 TYR A CA  1 
ATOM   798  C C   . TYR A 1 129 ? 12.742  4.819   6.962   1.00 20.88 ? 123 TYR A C   1 
ATOM   799  O O   . TYR A 1 129 ? 13.274  3.719   7.060   1.00 20.32 ? 123 TYR A O   1 
ATOM   800  C CB  . TYR A 1 129 ? 11.898  5.089   4.596   1.00 20.88 ? 123 TYR A CB  1 
ATOM   801  C CG  . TYR A 1 129 ? 11.700  6.034   3.419   1.00 20.78 ? 123 TYR A CG  1 
ATOM   802  C CD1 . TYR A 1 129 ? 10.797  7.097   3.487   1.00 19.79 ? 123 TYR A CD1 1 
ATOM   803  C CD2 . TYR A 1 129 ? 12.397  5.858   2.237   1.00 20.95 ? 123 TYR A CD2 1 
ATOM   804  C CE1 . TYR A 1 129 ? 10.618  7.950   2.425   1.00 19.75 ? 123 TYR A CE1 1 
ATOM   805  C CE2 . TYR A 1 129 ? 12.224  6.721   1.167   1.00 20.57 ? 123 TYR A CE2 1 
ATOM   806  C CZ  . TYR A 1 129 ? 11.341  7.760   1.264   1.00 20.50 ? 123 TYR A CZ  1 
ATOM   807  O OH  . TYR A 1 129 ? 11.179  8.618   0.182   1.00 22.00 ? 123 TYR A OH  1 
ATOM   808  N N   . ASP A 1 130 ? 12.027  5.366   7.951   1.00 19.98 ? 124 ASP A N   1 
ATOM   809  C CA  . ASP A 1 130 ? 11.700  4.624   9.178   1.00 20.37 ? 124 ASP A CA  1 
ATOM   810  C C   . ASP A 1 130 ? 10.739  3.485   8.920   1.00 20.73 ? 124 ASP A C   1 
ATOM   811  O O   . ASP A 1 130 ? 10.849  2.407   9.520   1.00 21.32 ? 124 ASP A O   1 
ATOM   812  C CB  . ASP A 1 130 ? 11.067  5.562   10.207  1.00 21.23 ? 124 ASP A CB  1 
ATOM   813  C CG  . ASP A 1 130 ? 12.018  6.627   10.652  1.00 21.40 ? 124 ASP A CG  1 
ATOM   814  O OD1 . ASP A 1 130 ? 13.064  6.257   11.211  1.00 23.55 ? 124 ASP A OD1 1 
ATOM   815  O OD2 . ASP A 1 130 ? 11.759  7.823   10.399  1.00 23.06 ? 124 ASP A OD2 1 
ATOM   816  N N   . VAL A 1 131 ? 9.775   3.740   8.032   1.00 19.55 ? 125 VAL A N   1 
ATOM   817  C CA  . VAL A 1 131 ? 8.744   2.782   7.711   1.00 18.61 ? 125 VAL A CA  1 
ATOM   818  C C   . VAL A 1 131 ? 8.491   2.755   6.222   1.00 17.79 ? 125 VAL A C   1 
ATOM   819  O O   . VAL A 1 131 ? 8.408   3.815   5.585   1.00 16.09 ? 125 VAL A O   1 
ATOM   820  C CB  . VAL A 1 131 ? 7.417   3.139   8.403   1.00 18.18 ? 125 VAL A CB  1 
ATOM   821  C CG1 . VAL A 1 131 ? 6.336   2.127   8.030   1.00 18.87 ? 125 VAL A CG1 1 
ATOM   822  C CG2 . VAL A 1 131 ? 7.618   3.167   9.911   1.00 18.70 ? 125 VAL A CG2 1 
ATOM   823  N N   . VAL A 1 132 ? 8.369   1.552   5.678   1.00 17.35 ? 126 VAL A N   1 
ATOM   824  C CA  . VAL A 1 132 ? 7.910   1.363   4.294   1.00 17.67 ? 126 VAL A CA  1 
ATOM   825  C C   . VAL A 1 132 ? 6.661   0.502   4.271   1.00 17.97 ? 126 VAL A C   1 
ATOM   826  O O   . VAL A 1 132 ? 6.627   -0.581  4.874   1.00 17.02 ? 126 VAL A O   1 
ATOM   827  C CB  . VAL A 1 132 ? 8.984   0.694   3.435   1.00 17.98 ? 126 VAL A CB  1 
ATOM   828  C CG1 . VAL A 1 132 ? 8.521   0.564   1.977   1.00 18.20 ? 126 VAL A CG1 1 
ATOM   829  C CG2 . VAL A 1 132 ? 10.282  1.484   3.527   1.00 18.21 ? 126 VAL A CG2 1 
ATOM   830  N N   . THR A 1 133 ? 5.638   0.974   3.573   1.00 18.99 ? 127 THR A N   1 
ATOM   831  C CA  . THR A 1 133 ? 4.405   0.214   3.431   1.00 20.03 ? 127 THR A CA  1 
ATOM   832  C C   . THR A 1 133 ? 4.204   -0.115  1.971   1.00 20.63 ? 127 THR A C   1 
ATOM   833  O O   . THR A 1 133 ? 4.305   0.759   1.105   1.00 19.71 ? 127 THR A O   1 
ATOM   834  C CB  . THR A 1 133 ? 3.162   0.958   3.960   1.00 20.10 ? 127 THR A CB  1 
ATOM   835  O OG1 . THR A 1 133 ? 2.968   2.173   3.233   1.00 21.11 ? 127 THR A OG1 1 
ATOM   836  C CG2 . THR A 1 133 ? 3.337   1.291   5.438   1.00 20.95 ? 127 THR A CG2 1 
ATOM   837  N N   . CYS A 1 134 ? 3.923   -1.381  1.706   1.00 21.07 ? 128 CYS A N   1 
ATOM   838  C CA  . CYS A 1 134 ? 3.628   -1.847  0.352   1.00 23.31 ? 128 CYS A CA  1 
ATOM   839  C C   . CYS A 1 134 ? 2.311   -2.615  0.355   1.00 23.65 ? 128 CYS A C   1 
ATOM   840  O O   . CYS A 1 134 ? 2.285   -3.837  0.531   1.00 21.64 ? 128 CYS A O   1 
ATOM   841  C CB  . CYS A 1 134 ? 4.751   -2.731  -0.129  1.00 24.53 ? 128 CYS A CB  1 
ATOM   842  S SG  . CYS A 1 134 ? 4.477   -3.312  -1.808  1.00 31.66 ? 128 CYS A SG  1 
ATOM   843  N N   . MET A 1 135 ? 1.211   -1.895  0.206   1.00 25.45 ? 129 MET A N   1 
ATOM   844  C CA  . MET A 1 135 ? -0.087  -2.457  0.541   1.00 29.13 ? 129 MET A CA  1 
ATOM   845  C C   . MET A 1 135 ? -0.969  -2.833  -0.644  1.00 31.92 ? 129 MET A C   1 
ATOM   846  O O   . MET A 1 135 ? -2.034  -3.403  -0.438  1.00 32.89 ? 129 MET A O   1 
ATOM   847  C CB  . MET A 1 135 ? -0.866  -1.486  1.437   1.00 31.57 ? 129 MET A CB  1 
ATOM   848  C CG  . MET A 1 135 ? -0.144  -1.030  2.692   1.00 34.35 ? 129 MET A CG  1 
ATOM   849  S SD  . MET A 1 135 ? 0.051   -2.306  3.952   1.00 40.60 ? 129 MET A SD  1 
ATOM   850  C CE  . MET A 1 135 ? 1.733   -2.730  3.709   1.00 36.85 ? 129 MET A CE  1 
ATOM   851  N N   . GLU A 1 136 ? -0.568  -2.531  -1.871  1.00 35.18 ? 130 GLU A N   1 
ATOM   852  C CA  . GLU A 1 136 ? -1.495  -2.712  -2.992  1.00 40.54 ? 130 GLU A CA  1 
ATOM   853  C C   . GLU A 1 136 ? -0.989  -3.406  -4.248  1.00 41.53 ? 130 GLU A C   1 
ATOM   854  O O   . GLU A 1 136 ? -1.746  -4.145  -4.873  1.00 52.31 ? 130 GLU A O   1 
ATOM   855  C CB  . GLU A 1 136 ? -2.106  -1.357  -3.398  1.00 43.10 ? 130 GLU A CB  1 
ATOM   856  C CG  . GLU A 1 136 ? -3.183  -0.847  -2.450  1.00 45.80 ? 130 GLU A CG  1 
ATOM   857  C CD  . GLU A 1 136 ? -4.435  -1.719  -2.438  1.00 48.42 ? 130 GLU A CD  1 
ATOM   858  O OE1 . GLU A 1 136 ? -5.378  -1.414  -1.673  1.00 49.24 ? 130 GLU A OE1 1 
ATOM   859  O OE2 . GLU A 1 136 ? -4.484  -2.715  -3.188  1.00 47.11 ? 130 GLU A OE2 1 
ATOM   860  N N   . MET A 1 137 ? 0.243   -3.183  -4.656  1.00 39.89 ? 131 MET A N   1 
ATOM   861  C CA  . MET A 1 137 ? 0.589   -3.560  -6.025  1.00 41.02 ? 131 MET A CA  1 
ATOM   862  C C   . MET A 1 137 ? 1.443   -4.833  -6.180  1.00 34.72 ? 131 MET A C   1 
ATOM   863  O O   . MET A 1 137 ? 1.840   -5.169  -7.301  1.00 32.58 ? 131 MET A O   1 
ATOM   864  C CB  . MET A 1 137 ? 1.199   -2.348  -6.760  1.00 45.42 ? 131 MET A CB  1 
ATOM   865  C CG  . MET A 1 137 ? 0.305   -1.086  -6.765  1.00 49.28 ? 131 MET A CG  1 
ATOM   866  S SD  . MET A 1 137 ? -1.236  -1.119  -7.743  1.00 57.87 ? 131 MET A SD  1 
ATOM   867  C CE  . MET A 1 137 ? -0.745  -0.269  -9.251  1.00 57.42 ? 131 MET A CE  1 
ATOM   868  N N   . LEU A 1 138 ? 1.703   -5.559  -5.091  1.00 31.18 ? 132 LEU A N   1 
ATOM   869  C CA  . LEU A 1 138 ? 2.478   -6.805  -5.179  1.00 31.93 ? 132 LEU A CA  1 
ATOM   870  C C   . LEU A 1 138 ? 1.867   -7.809  -6.133  1.00 30.45 ? 132 LEU A C   1 
ATOM   871  O O   . LEU A 1 138 ? 2.575   -8.426  -6.912  1.00 30.15 ? 132 LEU A O   1 
ATOM   872  C CB  . LEU A 1 138 ? 2.649   -7.504  -3.816  1.00 31.99 ? 132 LEU A CB  1 
ATOM   873  C CG  . LEU A 1 138 ? 3.858   -7.166  -2.956  1.00 33.66 ? 132 LEU A CG  1 
ATOM   874  C CD1 . LEU A 1 138 ? 3.885   -8.100  -1.744  1.00 34.29 ? 132 LEU A CD1 1 
ATOM   875  C CD2 . LEU A 1 138 ? 5.158   -7.252  -3.751  1.00 32.92 ? 132 LEU A CD2 1 
ATOM   876  N N   . GLU A 1 139 ? 0.558   -7.977  -6.046  1.00 30.08 ? 133 GLU A N   1 
ATOM   877  C CA  . GLU A 1 139 ? -0.165  -8.946  -6.869  1.00 32.29 ? 133 GLU A CA  1 
ATOM   878  C C   . GLU A 1 139 ? -0.366  -8.517  -8.337  1.00 32.85 ? 133 GLU A C   1 
ATOM   879  O O   . GLU A 1 139 ? -0.838  -9.318  -9.147  1.00 31.08 ? 133 GLU A O   1 
ATOM   880  C CB  . GLU A 1 139 ? -1.536  -9.251  -6.240  1.00 34.57 ? 133 GLU A CB  1 
ATOM   881  C CG  . GLU A 1 139 ? -2.480  -8.058  -6.117  1.00 36.42 ? 133 GLU A CG  1 
ATOM   882  C CD  . GLU A 1 139 ? -2.404  -7.345  -4.776  1.00 38.99 ? 133 GLU A CD  1 
ATOM   883  O OE1 . GLU A 1 139 ? -3.445  -6.767  -4.376  1.00 43.82 ? 133 GLU A OE1 1 
ATOM   884  O OE2 . GLU A 1 139 ? -1.327  -7.354  -4.119  1.00 39.52 ? 133 GLU A OE2 1 
ATOM   885  N N   . HIS A 1 140 ? -0.021  -7.266  -8.661  1.00 31.51 ? 134 HIS A N   1 
ATOM   886  C CA  . HIS A 1 140 ? -0.229  -6.705  -9.996  1.00 31.98 ? 134 HIS A CA  1 
ATOM   887  C C   . HIS A 1 140 ? 1.047   -6.509  -10.828 1.00 31.83 ? 134 HIS A C   1 
ATOM   888  O O   . HIS A 1 140 ? 0.962   -6.224  -12.025 1.00 32.65 ? 134 HIS A O   1 
ATOM   889  C CB  . HIS A 1 140 ? -0.915  -5.345  -9.887  1.00 32.00 ? 134 HIS A CB  1 
ATOM   890  C CG  . HIS A 1 140 ? -2.229  -5.381  -9.174  1.00 31.90 ? 134 HIS A CG  1 
ATOM   891  N ND1 . HIS A 1 140 ? -3.271  -6.188  -9.576  1.00 32.29 ? 134 HIS A ND1 1 
ATOM   892  C CD2 . HIS A 1 140 ? -2.677  -4.691  -8.100  1.00 31.08 ? 134 HIS A CD2 1 
ATOM   893  C CE1 . HIS A 1 140 ? -4.304  -6.001  -8.774  1.00 31.80 ? 134 HIS A CE1 1 
ATOM   894  N NE2 . HIS A 1 140 ? -3.971  -5.094  -7.874  1.00 32.93 ? 134 HIS A NE2 1 
ATOM   895  N N   . VAL A 1 141 ? 2.214   -6.613  -10.207 1.00 31.03 ? 135 VAL A N   1 
ATOM   896  C CA  . VAL A 1 141 ? 3.454   -6.295  -10.902 1.00 30.90 ? 135 VAL A CA  1 
ATOM   897  C C   . VAL A 1 141 ? 4.090   -7.575  -11.414 1.00 32.26 ? 135 VAL A C   1 
ATOM   898  O O   . VAL A 1 141 ? 3.896   -8.633  -10.819 1.00 32.07 ? 135 VAL A O   1 
ATOM   899  C CB  . VAL A 1 141 ? 4.473   -5.548  -10.008 1.00 32.27 ? 135 VAL A CB  1 
ATOM   900  C CG1 . VAL A 1 141 ? 4.017   -4.121  -9.740  1.00 33.46 ? 135 VAL A CG1 1 
ATOM   901  C CG2 . VAL A 1 141 ? 4.757   -6.303  -8.715  1.00 31.31 ? 135 VAL A CG2 1 
ATOM   902  N N   . PRO A 1 142 ? 4.849   -7.489  -12.517 1.00 34.39 ? 136 PRO A N   1 
ATOM   903  C CA  . PRO A 1 142 ? 5.528   -8.684  -13.022 1.00 35.20 ? 136 PRO A CA  1 
ATOM   904  C C   . PRO A 1 142 ? 6.646   -9.235  -12.118 1.00 35.71 ? 136 PRO A C   1 
ATOM   905  O O   . PRO A 1 142 ? 6.914   -10.426 -12.168 1.00 37.15 ? 136 PRO A O   1 
ATOM   906  C CB  . PRO A 1 142 ? 6.081   -8.240  -14.386 1.00 34.96 ? 136 PRO A CB  1 
ATOM   907  C CG  . PRO A 1 142 ? 6.014   -6.763  -14.391 1.00 35.42 ? 136 PRO A CG  1 
ATOM   908  C CD  . PRO A 1 142 ? 4.897   -6.376  -13.480 1.00 34.63 ? 136 PRO A CD  1 
ATOM   909  N N   . ASP A 1 143 ? 7.274   -8.400  -11.287 1.00 33.25 ? 137 ASP A N   1 
ATOM   910  C CA  . ASP A 1 143 ? 8.400   -8.857  -10.463 1.00 31.53 ? 137 ASP A CA  1 
ATOM   911  C C   . ASP A 1 143 ? 8.274   -8.452  -8.976  1.00 29.43 ? 137 ASP A C   1 
ATOM   912  O O   . ASP A 1 143 ? 9.001   -7.575  -8.498  1.00 28.50 ? 137 ASP A O   1 
ATOM   913  C CB  . ASP A 1 143 ? 9.707   -8.334  -11.065 1.00 33.01 ? 137 ASP A CB  1 
ATOM   914  C CG  . ASP A 1 143 ? 10.940  -9.031  -10.506 1.00 34.10 ? 137 ASP A CG  1 
ATOM   915  O OD1 . ASP A 1 143 ? 10.810  -9.890  -9.597  1.00 37.45 ? 137 ASP A OD1 1 
ATOM   916  O OD2 . ASP A 1 143 ? 12.043  -8.709  -10.989 1.00 34.90 ? 137 ASP A OD2 1 
ATOM   917  N N   . PRO A 1 144 ? 7.365   -9.113  -8.236  1.00 28.69 ? 138 PRO A N   1 
ATOM   918  C CA  . PRO A 1 144 ? 7.129   -8.776  -6.819  1.00 27.55 ? 138 PRO A CA  1 
ATOM   919  C C   . PRO A 1 144 ? 8.365   -8.976  -5.931  1.00 27.25 ? 138 PRO A C   1 
ATOM   920  O O   . PRO A 1 144 ? 8.564   -8.257  -4.962  1.00 25.19 ? 138 PRO A O   1 
ATOM   921  C CB  . PRO A 1 144 ? 5.987   -9.731  -6.420  1.00 27.14 ? 138 PRO A CB  1 
ATOM   922  C CG  . PRO A 1 144 ? 6.029   -10.836 -7.434  1.00 27.44 ? 138 PRO A CG  1 
ATOM   923  C CD  . PRO A 1 144 ? 6.442   -10.167 -8.701  1.00 27.74 ? 138 PRO A CD  1 
ATOM   924  N N   . GLN A 1 145 ? 9.203   -9.943  -6.274  1.00 28.15 ? 139 GLN A N   1 
ATOM   925  C CA  . GLN A 1 145 ? 10.414  -10.181 -5.513  1.00 28.34 ? 139 GLN A CA  1 
ATOM   926  C C   . GLN A 1 145 ? 11.323  -8.965  -5.526  1.00 26.82 ? 139 GLN A C   1 
ATOM   927  O O   . GLN A 1 145 ? 11.982  -8.639  -4.524  1.00 25.21 ? 139 GLN A O   1 
ATOM   928  C CB  . GLN A 1 145 ? 11.169  -11.375 -6.075  1.00 29.92 ? 139 GLN A CB  1 
ATOM   929  C CG  . GLN A 1 145 ? 12.475  -11.594 -5.344  1.00 31.07 ? 139 GLN A CG  1 
ATOM   930  C CD  . GLN A 1 145 ? 13.180  -12.847 -5.768  1.00 34.18 ? 139 GLN A CD  1 
ATOM   931  O OE1 . GLN A 1 145 ? 13.809  -13.529 -4.951  1.00 37.21 ? 139 GLN A OE1 1 
ATOM   932  N NE2 . GLN A 1 145 ? 13.102  -13.153 -7.049  1.00 34.75 ? 139 GLN A NE2 1 
ATOM   933  N N   . SER A 1 146 ? 11.374  -8.317  -6.680  1.00 26.44 ? 140 SER A N   1 
ATOM   934  C CA  . SER A 1 146 ? 12.149  -7.094  -6.854  1.00 26.17 ? 140 SER A CA  1 
ATOM   935  C C   . SER A 1 146 ? 11.618  -5.931  -5.976  1.00 24.02 ? 140 SER A C   1 
ATOM   936  O O   . SER A 1 146 ? 12.400  -5.144  -5.426  1.00 22.22 ? 140 SER A O   1 
ATOM   937  C CB  . SER A 1 146 ? 12.171  -6.732  -8.351  1.00 26.68 ? 140 SER A CB  1 
ATOM   938  O OG  . SER A 1 146 ? 12.681  -5.442  -8.576  1.00 28.79 ? 140 SER A OG  1 
ATOM   939  N N   . VAL A 1 147 ? 10.293  -5.841  -5.848  1.00 22.71 ? 141 VAL A N   1 
ATOM   940  C CA  . VAL A 1 147 ? 9.652   -4.870  -4.946  1.00 21.36 ? 141 VAL A CA  1 
ATOM   941  C C   . VAL A 1 147 ? 10.067  -5.138  -3.499  1.00 20.43 ? 141 VAL A C   1 
ATOM   942  O O   . VAL A 1 147 ? 10.456  -4.224  -2.767  1.00 19.98 ? 141 VAL A O   1 
ATOM   943  C CB  . VAL A 1 147 ? 8.113   -4.927  -5.063  1.00 21.53 ? 141 VAL A CB  1 
ATOM   944  C CG1 . VAL A 1 147 ? 7.458   -4.033  -4.027  1.00 21.57 ? 141 VAL A CG1 1 
ATOM   945  C CG2 . VAL A 1 147 ? 7.668   -4.531  -6.468  1.00 22.34 ? 141 VAL A CG2 1 
ATOM   946  N N   . VAL A 1 148 ? 10.015  -6.401  -3.096  1.00 19.51 ? 142 VAL A N   1 
ATOM   947  C CA  . VAL A 1 148 ? 10.375  -6.762  -1.734  1.00 19.67 ? 142 VAL A CA  1 
ATOM   948  C C   . VAL A 1 148 ? 11.831  -6.355  -1.419  1.00 20.17 ? 142 VAL A C   1 
ATOM   949  O O   . VAL A 1 148 ? 12.094  -5.745  -0.370  1.00 19.09 ? 142 VAL A O   1 
ATOM   950  C CB  . VAL A 1 148 ? 10.103  -8.262  -1.458  1.00 20.14 ? 142 VAL A CB  1 
ATOM   951  C CG1 . VAL A 1 148 ? 10.634  -8.668  -0.092  1.00 20.16 ? 142 VAL A CG1 1 
ATOM   952  C CG2 . VAL A 1 148 ? 8.604   -8.554  -1.528  1.00 19.49 ? 142 VAL A CG2 1 
ATOM   953  N N   . ARG A 1 149 ? 12.757  -6.648  -2.341  1.00 19.64 ? 143 ARG A N   1 
ATOM   954  C CA  . ARG A 1 149 ? 14.159  -6.260  -2.180  1.00 20.89 ? 143 ARG A CA  1 
ATOM   955  C C   . ARG A 1 149 ? 14.386  -4.744  -2.156  1.00 19.91 ? 143 ARG A C   1 
ATOM   956  O O   . ARG A 1 149 ? 15.230  -4.281  -1.417  1.00 19.34 ? 143 ARG A O   1 
ATOM   957  C CB  . ARG A 1 149 ? 15.010  -6.852  -3.295  1.00 23.93 ? 143 ARG A CB  1 
ATOM   958  C CG  . ARG A 1 149 ? 15.222  -8.345  -3.163  1.00 27.74 ? 143 ARG A CG  1 
ATOM   959  C CD  . ARG A 1 149 ? 15.742  -8.946  -4.457  1.00 31.91 ? 143 ARG A CD  1 
ATOM   960  N NE  . ARG A 1 149 ? 16.166  -10.330 -4.252  1.00 36.06 ? 143 ARG A NE  1 
ATOM   961  C CZ  . ARG A 1 149 ? 16.603  -11.146 -5.211  1.00 37.01 ? 143 ARG A CZ  1 
ATOM   962  N NH1 . ARG A 1 149 ? 16.683  -10.731 -6.464  1.00 34.83 ? 143 ARG A NH1 1 
ATOM   963  N NH2 . ARG A 1 149 ? 16.958  -12.386 -4.897  1.00 39.15 ? 143 ARG A NH2 1 
ATOM   964  N N   . ALA A 1 150 ? 13.648  -3.993  -2.981  1.00 18.76 ? 144 ALA A N   1 
ATOM   965  C CA  . ALA A 1 150 ? 13.732  -2.543  -2.970  1.00 19.27 ? 144 ALA A CA  1 
ATOM   966  C C   . ALA A 1 150 ? 13.236  -1.951  -1.638  1.00 20.69 ? 144 ALA A C   1 
ATOM   967  O O   . ALA A 1 150 ? 13.888  -1.052  -1.053  1.00 20.40 ? 144 ALA A O   1 
ATOM   968  C CB  . ALA A 1 150 ? 12.947  -1.972  -4.142  1.00 18.99 ? 144 ALA A CB  1 
ATOM   969  N N   . CYS A 1 151 ? 12.099  -2.455  -1.148  1.00 20.70 ? 145 CYS A N   1 
ATOM   970  C CA  . CYS A 1 151 ? 11.566  -1.988  0.138   1.00 21.01 ? 145 CYS A CA  1 
ATOM   971  C C   . CYS A 1 151 ? 12.564  -2.234  1.251   1.00 21.31 ? 145 CYS A C   1 
ATOM   972  O O   . CYS A 1 151 ? 12.802  -1.359  2.080   1.00 21.41 ? 145 CYS A O   1 
ATOM   973  C CB  . CYS A 1 151 ? 10.222  -2.640  0.470   1.00 21.12 ? 145 CYS A CB  1 
ATOM   974  S SG  . CYS A 1 151 ? 8.895   -2.255  -0.714  1.00 22.53 ? 145 CYS A SG  1 
ATOM   975  N N   . ALA A 1 152 ? 13.188  -3.403  1.248   1.00 22.34 ? 146 ALA A N   1 
ATOM   976  C CA  . ALA A 1 152 ? 14.231  -3.695  2.226   1.00 23.17 ? 146 ALA A CA  1 
ATOM   977  C C   . ALA A 1 152 ? 15.412  -2.728  2.140   1.00 24.43 ? 146 ALA A C   1 
ATOM   978  O O   . ALA A 1 152 ? 15.998  -2.391  3.156   1.00 23.98 ? 146 ALA A O   1 
ATOM   979  C CB  . ALA A 1 152 ? 14.721  -5.125  2.060   1.00 23.45 ? 146 ALA A CB  1 
ATOM   980  N N   . GLN A 1 153 ? 15.767  -2.301  0.929   1.00 26.18 ? 147 GLN A N   1 
ATOM   981  C CA  . GLN A 1 153 ? 16.874  -1.343  0.727   1.00 26.55 ? 147 GLN A CA  1 
ATOM   982  C C   . GLN A 1 153 ? 16.472  0.061   1.194   1.00 24.71 ? 147 GLN A C   1 
ATOM   983  O O   . GLN A 1 153 ? 17.317  0.832   1.602   1.00 24.12 ? 147 GLN A O   1 
ATOM   984  C CB  . GLN A 1 153 ? 17.303  -1.311  -0.758  1.00 28.53 ? 147 GLN A CB  1 
ATOM   985  C CG  . GLN A 1 153 ? 18.377  -0.277  -1.101  1.00 31.38 ? 147 GLN A CG  1 
ATOM   986  C CD  . GLN A 1 153 ? 18.882  -0.317  -2.553  1.00 33.74 ? 147 GLN A CD  1 
ATOM   987  O OE1 . GLN A 1 153 ? 19.899  0.317   -2.893  1.00 39.09 ? 147 GLN A OE1 1 
ATOM   988  N NE2 . GLN A 1 153 ? 18.195  -1.059  -3.405  1.00 33.36 ? 147 GLN A NE2 1 
ATOM   989  N N   . LEU A 1 154 ? 15.178  0.379   1.139   1.00 22.77 ? 148 LEU A N   1 
ATOM   990  C CA  . LEU A 1 154 ? 14.690  1.741   1.429   1.00 22.02 ? 148 LEU A CA  1 
ATOM   991  C C   . LEU A 1 154 ? 14.604  2.084   2.911   1.00 22.32 ? 148 LEU A C   1 
ATOM   992  O O   . LEU A 1 154 ? 14.599  3.256   3.292   1.00 20.80 ? 148 LEU A O   1 
ATOM   993  C CB  . LEU A 1 154 ? 13.319  1.940   0.777   1.00 21.25 ? 148 LEU A CB  1 
ATOM   994  C CG  . LEU A 1 154 ? 13.483  2.295   -0.704  1.00 21.56 ? 148 LEU A CG  1 
ATOM   995  C CD1 . LEU A 1 154 ? 12.310  1.813   -1.552  1.00 22.09 ? 148 LEU A CD1 1 
ATOM   996  C CD2 . LEU A 1 154 ? 13.702  3.793   -0.838  1.00 21.04 ? 148 LEU A CD2 1 
ATOM   997  N N   . VAL A 1 155 ? 14.537  1.053   3.744   1.00 22.20 ? 149 VAL A N   1 
ATOM   998  C CA  . VAL A 1 155 ? 14.263  1.236   5.149   1.00 22.46 ? 149 VAL A CA  1 
ATOM   999  C C   . VAL A 1 155 ? 15.591  1.342   5.896   1.00 23.07 ? 149 VAL A C   1 
ATOM   1000 O O   . VAL A 1 155 ? 16.567  0.712   5.508   1.00 20.70 ? 149 VAL A O   1 
ATOM   1001 C CB  . VAL A 1 155 ? 13.367  0.082   5.676   1.00 22.82 ? 149 VAL A CB  1 
ATOM   1002 C CG1 . VAL A 1 155 ? 14.142  -1.192  5.905   1.00 22.70 ? 149 VAL A CG1 1 
ATOM   1003 C CG2 . VAL A 1 155 ? 12.621  0.481   6.932   1.00 23.18 ? 149 VAL A CG2 1 
ATOM   1004 N N   . LYS A 1 156 ? 15.614  2.170   6.936   1.00 24.83 ? 150 LYS A N   1 
ATOM   1005 C CA  . LYS A 1 156 ? 16.745  2.273   7.867   1.00 27.15 ? 150 LYS A CA  1 
ATOM   1006 C C   . LYS A 1 156 ? 17.024  0.978   8.612   1.00 28.36 ? 150 LYS A C   1 
ATOM   1007 O O   . LYS A 1 156 ? 16.148  0.126   8.728   1.00 27.96 ? 150 LYS A O   1 
ATOM   1008 C CB  . LYS A 1 156 ? 16.447  3.315   8.944   1.00 28.64 ? 150 LYS A CB  1 
ATOM   1009 C CG  . LYS A 1 156 ? 16.427  4.745   8.462   1.00 30.72 ? 150 LYS A CG  1 
ATOM   1010 C CD  . LYS A 1 156 ? 16.006  5.647   9.611   1.00 33.62 ? 150 LYS A CD  1 
ATOM   1011 C CE  . LYS A 1 156 ? 16.070  7.109   9.209   1.00 35.24 ? 150 LYS A CE  1 
ATOM   1012 N NZ  . LYS A 1 156 ? 15.428  7.933   10.260  1.00 36.48 ? 150 LYS A NZ  1 
ATOM   1013 N N   . PRO A 1 157 ? 18.247  0.843   9.163   1.00 31.31 ? 151 PRO A N   1 
ATOM   1014 C CA  . PRO A 1 157 ? 18.487  -0.244  10.111  1.00 30.95 ? 151 PRO A CA  1 
ATOM   1015 C C   . PRO A 1 157 ? 17.468  -0.198  11.241  1.00 29.48 ? 151 PRO A C   1 
ATOM   1016 O O   . PRO A 1 157 ? 17.193  0.873   11.795  1.00 31.57 ? 151 PRO A O   1 
ATOM   1017 C CB  . PRO A 1 157 ? 19.906  0.041   10.641  1.00 31.23 ? 151 PRO A CB  1 
ATOM   1018 C CG  . PRO A 1 157 ? 20.544  0.872   9.577   1.00 31.89 ? 151 PRO A CG  1 
ATOM   1019 C CD  . PRO A 1 157 ? 19.438  1.696   8.980   1.00 30.63 ? 151 PRO A CD  1 
ATOM   1020 N N   . GLY A 1 158 ? 16.873  -1.344  11.541  1.00 28.80 ? 152 GLY A N   1 
ATOM   1021 C CA  . GLY A 1 158 ? 15.871  -1.427  12.585  1.00 28.44 ? 152 GLY A CA  1 
ATOM   1022 C C   . GLY A 1 158 ? 14.483  -0.904  12.222  1.00 27.73 ? 152 GLY A C   1 
ATOM   1023 O O   . GLY A 1 158 ? 13.604  -0.904  13.066  1.00 27.28 ? 152 GLY A O   1 
ATOM   1024 N N   . GLY A 1 159 ? 14.274  -0.457  10.985  1.00 25.65 ? 153 GLY A N   1 
ATOM   1025 C CA  . GLY A 1 159 ? 12.965  0.063   10.577  1.00 25.17 ? 153 GLY A CA  1 
ATOM   1026 C C   . GLY A 1 159 ? 11.952  -1.031  10.218  1.00 24.20 ? 153 GLY A C   1 
ATOM   1027 O O   . GLY A 1 159 ? 12.284  -2.213  10.132  1.00 25.26 ? 153 GLY A O   1 
ATOM   1028 N N   . ASP A 1 160 ? 10.721  -0.619  9.955   1.00 22.83 ? 154 ASP A N   1 
ATOM   1029 C CA  . ASP A 1 160 ? 9.606   -1.534  9.719   1.00 21.57 ? 154 ASP A CA  1 
ATOM   1030 C C   . ASP A 1 160 ? 9.192   -1.531  8.260   1.00 19.68 ? 154 ASP A C   1 
ATOM   1031 O O   . ASP A 1 160 ? 9.067   -0.473  7.657   1.00 18.56 ? 154 ASP A O   1 
ATOM   1032 C CB  . ASP A 1 160 ? 8.428   -1.105  10.597  1.00 22.76 ? 154 ASP A CB  1 
ATOM   1033 C CG  . ASP A 1 160 ? 8.787   -1.089  12.082  1.00 25.10 ? 154 ASP A CG  1 
ATOM   1034 O OD1 . ASP A 1 160 ? 8.773   -2.167  12.710  1.00 24.86 ? 154 ASP A OD1 1 
ATOM   1035 O OD2 . ASP A 1 160 ? 9.102   0.005   12.622  1.00 27.31 ? 154 ASP A OD2 1 
ATOM   1036 N N   . VAL A 1 161 ? 8.977   -2.716  7.690   1.00 18.50 ? 155 VAL A N   1 
ATOM   1037 C CA  . VAL A 1 161 ? 8.389   -2.834  6.347   1.00 18.20 ? 155 VAL A CA  1 
ATOM   1038 C C   . VAL A 1 161 ? 7.148   -3.705  6.407   1.00 16.95 ? 155 VAL A C   1 
ATOM   1039 O O   . VAL A 1 161 ? 7.199   -4.816  6.951   1.00 16.13 ? 155 VAL A O   1 
ATOM   1040 C CB  . VAL A 1 161 ? 9.376   -3.414  5.323   1.00 18.26 ? 155 VAL A CB  1 
ATOM   1041 C CG1 . VAL A 1 161 ? 8.781   -3.371  3.927   1.00 18.68 ? 155 VAL A CG1 1 
ATOM   1042 C CG2 . VAL A 1 161 ? 10.680  -2.651  5.375   1.00 19.46 ? 155 VAL A CG2 1 
ATOM   1043 N N   . PHE A 1 162 ? 6.042   -3.174  5.884   1.00 16.79 ? 156 PHE A N   1 
ATOM   1044 C CA  . PHE A 1 162 ? 4.772   -3.868  5.831   1.00 17.07 ? 156 PHE A CA  1 
ATOM   1045 C C   . PHE A 1 162 ? 4.367   -4.185  4.404   1.00 18.63 ? 156 PHE A C   1 
ATOM   1046 O O   . PHE A 1 162 ? 4.470   -3.331  3.491   1.00 17.09 ? 156 PHE A O   1 
ATOM   1047 C CB  . PHE A 1 162 ? 3.653   -3.019  6.425   1.00 17.81 ? 156 PHE A CB  1 
ATOM   1048 C CG  . PHE A 1 162 ? 3.856   -2.672  7.859   1.00 17.96 ? 156 PHE A CG  1 
ATOM   1049 C CD1 . PHE A 1 162 ? 4.639   -1.577  8.220   1.00 17.60 ? 156 PHE A CD1 1 
ATOM   1050 C CD2 . PHE A 1 162 ? 3.267   -3.435  8.854   1.00 18.26 ? 156 PHE A CD2 1 
ATOM   1051 C CE1 . PHE A 1 162 ? 4.850   -1.260  9.550   1.00 17.79 ? 156 PHE A CE1 1 
ATOM   1052 C CE2 . PHE A 1 162 ? 3.467   -3.124  10.185  1.00 18.26 ? 156 PHE A CE2 1 
ATOM   1053 C CZ  . PHE A 1 162 ? 4.265   -2.032  10.540  1.00 18.74 ? 156 PHE A CZ  1 
ATOM   1054 N N   . PHE A 1 163 ? 3.841   -5.397  4.234   1.00 18.93 ? 157 PHE A N   1 
ATOM   1055 C CA  . PHE A 1 163 ? 3.247   -5.833  2.993   1.00 19.59 ? 157 PHE A CA  1 
ATOM   1056 C C   . PHE A 1 163 ? 1.817   -6.256  3.228   1.00 21.15 ? 157 PHE A C   1 
ATOM   1057 O O   . PHE A 1 163 ? 1.453   -6.743  4.313   1.00 22.74 ? 157 PHE A O   1 
ATOM   1058 C CB  . PHE A 1 163 ? 4.028   -6.991  2.397   1.00 19.87 ? 157 PHE A CB  1 
ATOM   1059 C CG  . PHE A 1 163 ? 5.460   -6.674  2.131   1.00 19.60 ? 157 PHE A CG  1 
ATOM   1060 C CD1 . PHE A 1 163 ? 5.819   -5.966  1.008   1.00 20.24 ? 157 PHE A CD1 1 
ATOM   1061 C CD2 . PHE A 1 163 ? 6.448   -7.064  3.013   1.00 20.18 ? 157 PHE A CD2 1 
ATOM   1062 C CE1 . PHE A 1 163 ? 7.146   -5.652  0.754   1.00 20.39 ? 157 PHE A CE1 1 
ATOM   1063 C CE2 . PHE A 1 163 ? 7.773   -6.760  2.767   1.00 20.38 ? 157 PHE A CE2 1 
ATOM   1064 C CZ  . PHE A 1 163 ? 8.126   -6.053  1.633   1.00 20.08 ? 157 PHE A CZ  1 
ATOM   1065 N N   . SER A 1 164 ? 0.998   -6.051  2.220   1.00 21.74 ? 158 SER A N   1 
ATOM   1066 C CA  . SER A 1 164 ? -0.378  -6.499  2.263   1.00 24.25 ? 158 SER A CA  1 
ATOM   1067 C C   . SER A 1 164 ? -0.736  -6.953  0.859   1.00 24.66 ? 158 SER A C   1 
ATOM   1068 O O   . SER A 1 164 ? -0.424  -6.270  -0.096  1.00 21.92 ? 158 SER A O   1 
ATOM   1069 C CB  . SER A 1 164 ? -1.303  -5.374  2.715   1.00 25.86 ? 158 SER A CB  1 
ATOM   1070 O OG  . SER A 1 164 ? -2.655  -5.796  2.723   1.00 29.29 ? 158 SER A OG  1 
ATOM   1071 N N   . THR A 1 165 ? -1.380  -8.110  0.751   1.00 25.50 ? 159 THR A N   1 
ATOM   1072 C CA  . THR A 1 165 ? -1.741  -8.667  -0.539  1.00 26.49 ? 159 THR A CA  1 
ATOM   1073 C C   . THR A 1 165 ? -2.850  -9.714  -0.329  1.00 26.06 ? 159 THR A C   1 
ATOM   1074 O O   . THR A 1 165 ? -3.449  -9.797  0.746   1.00 24.31 ? 159 THR A O   1 
ATOM   1075 C CB  . THR A 1 165 ? -0.487  -9.216  -1.273  1.00 27.98 ? 159 THR A CB  1 
ATOM   1076 O OG1 . THR A 1 165 ? -0.834  -9.700  -2.581  1.00 30.00 ? 159 THR A OG1 1 
ATOM   1077 C CG2 . THR A 1 165 ? 0.188   -10.325 -0.491  1.00 28.53 ? 159 THR A CG2 1 
ATOM   1078 N N   . LEU A 1 166 ? -3.144  -10.486 -1.363  1.00 26.22 ? 160 LEU A N   1 
ATOM   1079 C CA  . LEU A 1 166 ? -4.212  -11.470 -1.299  1.00 27.38 ? 160 LEU A CA  1 
ATOM   1080 C C   . LEU A 1 166 ? -3.660  -12.847 -1.596  1.00 25.25 ? 160 LEU A C   1 
ATOM   1081 O O   . LEU A 1 166 ? -2.777  -13.012 -2.446  1.00 23.44 ? 160 LEU A O   1 
ATOM   1082 C CB  . LEU A 1 166 ? -5.351  -11.143 -2.275  1.00 30.18 ? 160 LEU A CB  1 
ATOM   1083 C CG  . LEU A 1 166 ? -5.130  -11.413 -3.761  1.00 32.42 ? 160 LEU A CG  1 
ATOM   1084 C CD1 . LEU A 1 166 ? -6.446  -11.381 -4.526  1.00 34.62 ? 160 LEU A CD1 1 
ATOM   1085 C CD2 . LEU A 1 166 ? -4.157  -10.396 -4.339  1.00 35.97 ? 160 LEU A CD2 1 
ATOM   1086 N N   . ASN A 1 167 ? -4.184  -13.830 -0.881  1.00 25.56 ? 161 ASN A N   1 
ATOM   1087 C CA  . ASN A 1 167 ? -3.907  -15.233 -1.178  1.00 26.05 ? 161 ASN A CA  1 
ATOM   1088 C C   . ASN A 1 167 ? -4.825  -15.657 -2.344  1.00 28.46 ? 161 ASN A C   1 
ATOM   1089 O O   . ASN A 1 167 ? -5.619  -14.837 -2.854  1.00 27.51 ? 161 ASN A O   1 
ATOM   1090 C CB  . ASN A 1 167 ? -4.157  -16.077 0.078   1.00 24.72 ? 161 ASN A CB  1 
ATOM   1091 C CG  . ASN A 1 167 ? -3.345  -17.356 0.106   1.00 24.73 ? 161 ASN A CG  1 
ATOM   1092 O OD1 . ASN A 1 167 ? -2.838  -17.817 -0.914  1.00 25.12 ? 161 ASN A OD1 1 
ATOM   1093 N ND2 . ASN A 1 167 ? -3.208  -17.928 1.283   1.00 25.04 ? 161 ASN A ND2 1 
ATOM   1094 N N   . ARG A 1 168 ? -4.716  -16.918 -2.766  1.00 29.94 ? 162 ARG A N   1 
ATOM   1095 C CA  . ARG A 1 168 ? -5.461  -17.430 -3.915  1.00 31.58 ? 162 ARG A CA  1 
ATOM   1096 C C   . ARG A 1 168 ? -6.951  -17.168 -3.802  1.00 31.04 ? 162 ARG A C   1 
ATOM   1097 O O   . ARG A 1 168 ? -7.581  -16.848 -4.805  1.00 31.52 ? 162 ARG A O   1 
ATOM   1098 C CB  . ARG A 1 168 ? -5.199  -18.935 -4.130  1.00 34.80 ? 162 ARG A CB  1 
ATOM   1099 C CG  . ARG A 1 168 ? -5.936  -19.544 -5.321  1.00 36.08 ? 162 ARG A CG  1 
ATOM   1100 C CD  . ARG A 1 168 ? -5.783  -21.061 -5.403  1.00 38.70 ? 162 ARG A CD  1 
ATOM   1101 N NE  . ARG A 1 168 ? -4.647  -21.461 -6.239  1.00 40.46 ? 162 ARG A NE  1 
ATOM   1102 C CZ  . ARG A 1 168 ? -3.433  -21.778 -5.789  1.00 43.24 ? 162 ARG A CZ  1 
ATOM   1103 N NH1 . ARG A 1 168 ? -3.151  -21.756 -4.480  1.00 46.59 ? 162 ARG A NH1 1 
ATOM   1104 N NH2 . ARG A 1 168 ? -2.487  -22.124 -6.655  1.00 41.64 ? 162 ARG A NH2 1 
ATOM   1105 N N   . ASN A 1 169 ? -7.506  -17.277 -2.598  1.00 30.05 ? 163 ASN A N   1 
ATOM   1106 C CA  . ASN A 1 169 ? -8.941  -17.065 -2.390  1.00 31.32 ? 163 ASN A CA  1 
ATOM   1107 C C   . ASN A 1 169 ? -9.328  -15.648 -1.932  1.00 31.90 ? 163 ASN A C   1 
ATOM   1108 O O   . ASN A 1 169 ? -10.468 -15.410 -1.542  1.00 31.89 ? 163 ASN A O   1 
ATOM   1109 C CB  . ASN A 1 169 ? -9.479  -18.078 -1.374  1.00 34.31 ? 163 ASN A CB  1 
ATOM   1110 C CG  . ASN A 1 169 ? -9.178  -19.519 -1.759  1.00 34.79 ? 163 ASN A CG  1 
ATOM   1111 O OD1 . ASN A 1 169 ? -8.847  -19.822 -2.898  1.00 38.48 ? 163 ASN A OD1 1 
ATOM   1112 N ND2 . ASN A 1 169 ? -9.287  -20.405 -0.801  1.00 38.07 ? 163 ASN A ND2 1 
ATOM   1113 N N   . GLY A 1 170 ? -8.390  -14.710 -1.972  1.00 31.04 ? 164 GLY A N   1 
ATOM   1114 C CA  . GLY A 1 170 ? -8.675  -13.340 -1.560  1.00 30.16 ? 164 GLY A CA  1 
ATOM   1115 C C   . GLY A 1 170 ? -9.264  -12.513 -2.688  1.00 28.85 ? 164 GLY A C   1 
ATOM   1116 O O   . GLY A 1 170 ? -9.528  -13.027 -3.765  1.00 27.21 ? 164 GLY A O   1 
ATOM   1117 N N   . LYS A 1 171 ? -9.438  -11.218 -2.439  1.00 28.89 ? 165 LYS A N   1 
ATOM   1118 C CA  . LYS A 1 171 ? -10.005 -10.283 -3.409  1.00 28.17 ? 165 LYS A CA  1 
ATOM   1119 C C   . LYS A 1 171 ? -9.168  -9.000  -3.451  1.00 29.75 ? 165 LYS A C   1 
ATOM   1120 O O   . LYS A 1 171 ? -8.791  -8.449  -2.407  1.00 25.84 ? 165 LYS A O   1 
ATOM   1121 C CB  . LYS A 1 171 ? -11.457 -9.979  -3.025  1.00 29.79 ? 165 LYS A CB  1 
ATOM   1122 C CG  . LYS A 1 171 ? -12.197 -9.000  -3.927  1.00 29.92 ? 165 LYS A CG  1 
ATOM   1123 C CD  . LYS A 1 171 ? -13.655 -8.913  -3.517  1.00 32.28 ? 165 LYS A CD  1 
ATOM   1124 C CE  . LYS A 1 171 ? -14.416 -7.856  -4.310  1.00 33.16 ? 165 LYS A CE  1 
ATOM   1125 N NZ  . LYS A 1 171 ? -14.466 -8.201  -5.762  1.00 34.10 ? 165 LYS A NZ  1 
ATOM   1126 N N   . SER A 1 172 ? -8.856  -8.544  -4.666  1.00 30.22 ? 166 SER A N   1 
ATOM   1127 C CA  . SER A 1 172 ? -8.175  -7.279  -4.852  1.00 31.58 ? 166 SER A CA  1 
ATOM   1128 C C   . SER A 1 172 ? -9.279  -6.253  -4.928  1.00 31.52 ? 166 SER A C   1 
ATOM   1129 O O   . SER A 1 172 ? -9.950  -6.119  -5.950  1.00 30.55 ? 166 SER A O   1 
ATOM   1130 C CB  . SER A 1 172 ? -7.330  -7.274  -6.123  1.00 34.50 ? 166 SER A CB  1 
ATOM   1131 O OG  . SER A 1 172 ? -6.824  -5.970  -6.370  1.00 40.57 ? 166 SER A OG  1 
ATOM   1132 N N   . TRP A 1 173 ? -9.507  -5.565  -3.818  1.00 28.48 ? 167 TRP A N   1 
ATOM   1133 C CA  . TRP A 1 173 ? -10.551 -4.565  -3.768  1.00 27.67 ? 167 TRP A CA  1 
ATOM   1134 C C   . TRP A 1 173 ? -10.258 -3.366  -4.675  1.00 27.65 ? 167 TRP A C   1 
ATOM   1135 O O   . TRP A 1 173 ? -11.187 -2.771  -5.228  1.00 26.03 ? 167 TRP A O   1 
ATOM   1136 C CB  . TRP A 1 173 ? -10.791 -4.138  -2.327  1.00 28.35 ? 167 TRP A CB  1 
ATOM   1137 C CG  . TRP A 1 173 ? -11.490 -5.212  -1.557  1.00 28.05 ? 167 TRP A CG  1 
ATOM   1138 C CD1 . TRP A 1 173 ? -10.915 -6.206  -0.814  1.00 27.40 ? 167 TRP A CD1 1 
ATOM   1139 C CD2 . TRP A 1 173 ? -12.894 -5.423  -1.496  1.00 28.48 ? 167 TRP A CD2 1 
ATOM   1140 N NE1 . TRP A 1 173 ? -11.877 -7.006  -0.285  1.00 27.98 ? 167 TRP A NE1 1 
ATOM   1141 C CE2 . TRP A 1 173 ? -13.107 -6.552  -0.688  1.00 28.43 ? 167 TRP A CE2 1 
ATOM   1142 C CE3 . TRP A 1 173 ? -13.996 -4.773  -2.058  1.00 28.97 ? 167 TRP A CE3 1 
ATOM   1143 C CZ2 . TRP A 1 173 ? -14.375 -7.035  -0.410  1.00 28.25 ? 167 TRP A CZ2 1 
ATOM   1144 C CZ3 . TRP A 1 173 ? -15.247 -5.251  -1.785  1.00 30.03 ? 167 TRP A CZ3 1 
ATOM   1145 C CH2 . TRP A 1 173 ? -15.433 -6.377  -0.965  1.00 29.14 ? 167 TRP A CH2 1 
ATOM   1146 N N   . LEU A 1 174 ? -8.990  -3.006  -4.846  1.00 29.02 ? 168 LEU A N   1 
ATOM   1147 C CA  . LEU A 1 174 ? -8.674  -1.899  -5.767  1.00 31.42 ? 168 LEU A CA  1 
ATOM   1148 C C   . LEU A 1 174 ? -9.135  -2.264  -7.182  1.00 32.35 ? 168 LEU A C   1 
ATOM   1149 O O   . LEU A 1 174 ? -9.829  -1.486  -7.843  1.00 30.26 ? 168 LEU A O   1 
ATOM   1150 C CB  . LEU A 1 174 ? -7.189  -1.548  -5.753  1.00 32.29 ? 168 LEU A CB  1 
ATOM   1151 C CG  . LEU A 1 174 ? -6.759  -0.483  -6.782  1.00 34.04 ? 168 LEU A CG  1 
ATOM   1152 C CD1 . LEU A 1 174 ? -7.503  0.831   -6.567  1.00 33.45 ? 168 LEU A CD1 1 
ATOM   1153 C CD2 . LEU A 1 174 ? -5.248  -0.273  -6.730  1.00 34.71 ? 168 LEU A CD2 1 
ATOM   1154 N N   . MET A 1 175 ? -8.782  -3.469  -7.620  1.00 35.26 ? 169 MET A N   1 
ATOM   1155 C CA  . MET A 1 175 ? -9.190  -3.953  -8.944  1.00 39.03 ? 169 MET A CA  1 
ATOM   1156 C C   . MET A 1 175 ? -10.705 -4.112  -9.047  1.00 36.94 ? 169 MET A C   1 
ATOM   1157 O O   . MET A 1 175 ? -11.265 -3.902  -10.108 1.00 37.51 ? 169 MET A O   1 
ATOM   1158 C CB  . MET A 1 175 ? -8.493  -5.268  -9.304  1.00 40.88 ? 169 MET A CB  1 
ATOM   1159 C CG  . MET A 1 175 ? -8.491  -5.557  -10.803 1.00 44.84 ? 169 MET A CG  1 
ATOM   1160 S SD  . MET A 1 175 ? -7.578  -7.052  -11.256 1.00 48.21 ? 169 MET A SD  1 
ATOM   1161 C CE  . MET A 1 175 ? -8.687  -8.268  -10.543 1.00 43.45 ? 169 MET A CE  1 
ATOM   1162 N N   . ALA A 1 176 ? -11.359 -4.462  -7.947  1.00 35.58 ? 170 ALA A N   1 
ATOM   1163 C CA  . ALA A 1 176 ? -12.820 -4.455  -7.890  1.00 37.62 ? 170 ALA A CA  1 
ATOM   1164 C C   . ALA A 1 176 ? -13.412 -3.058  -8.174  1.00 39.40 ? 170 ALA A C   1 
ATOM   1165 O O   . ALA A 1 176 ? -14.490 -2.939  -8.763  1.00 40.67 ? 170 ALA A O   1 
ATOM   1166 C CB  . ALA A 1 176 ? -13.306 -4.948  -6.535  1.00 36.73 ? 170 ALA A CB  1 
ATOM   1167 N N   . VAL A 1 177 ? -12.725 -2.006  -7.734  1.00 38.45 ? 171 VAL A N   1 
ATOM   1168 C CA  . VAL A 1 177 ? -13.249 -0.655  -7.886  1.00 35.78 ? 171 VAL A CA  1 
ATOM   1169 C C   . VAL A 1 177 ? -12.942 -0.112  -9.280  1.00 34.51 ? 171 VAL A C   1 
ATOM   1170 O O   . VAL A 1 177 ? -13.839 0.351   -9.959  1.00 32.78 ? 171 VAL A O   1 
ATOM   1171 C CB  . VAL A 1 177 ? -12.713 0.302   -6.803  1.00 36.28 ? 171 VAL A CB  1 
ATOM   1172 C CG1 . VAL A 1 177 ? -13.176 1.733   -7.071  1.00 36.26 ? 171 VAL A CG1 1 
ATOM   1173 C CG2 . VAL A 1 177 ? -13.180 -0.146  -5.429  1.00 36.19 ? 171 VAL A CG2 1 
ATOM   1174 N N   . VAL A 1 178 ? -11.687 -0.190  -9.708  1.00 35.82 ? 172 VAL A N   1 
ATOM   1175 C CA  . VAL A 1 178 ? -11.282 0.449   -10.962 1.00 35.56 ? 172 VAL A CA  1 
ATOM   1176 C C   . VAL A 1 178 ? -11.310 -0.477  -12.163 1.00 36.33 ? 172 VAL A C   1 
ATOM   1177 O O   . VAL A 1 178 ? -11.298 -0.002  -13.294 1.00 37.96 ? 172 VAL A O   1 
ATOM   1178 C CB  . VAL A 1 178 ? -9.894  1.125   -10.879 1.00 35.49 ? 172 VAL A CB  1 
ATOM   1179 C CG1 . VAL A 1 178 ? -9.887  2.181   -9.784  1.00 36.65 ? 172 VAL A CG1 1 
ATOM   1180 C CG2 . VAL A 1 178 ? -8.771  0.118   -10.682 1.00 34.87 ? 172 VAL A CG2 1 
ATOM   1181 N N   . GLY A 1 179 ? -11.328 -1.784  -11.929 1.00 35.28 ? 173 GLY A N   1 
ATOM   1182 C CA  . GLY A 1 179 ? -11.388 -2.754  -13.019 1.00 34.76 ? 173 GLY A CA  1 
ATOM   1183 C C   . GLY A 1 179 ? -10.007 -3.146  -13.494 1.00 33.46 ? 173 GLY A C   1 
ATOM   1184 O O   . GLY A 1 179 ? -9.051  -2.392  -13.329 1.00 33.01 ? 173 GLY A O   1 
ATOM   1185 N N   . ALA A 1 180 ? -9.915  -4.327  -14.102 1.00 36.45 ? 174 ALA A N   1 
ATOM   1186 C CA  . ALA A 1 180 ? -8.630  -4.918  -14.484 1.00 35.88 ? 174 ALA A CA  1 
ATOM   1187 C C   . ALA A 1 180 ? -7.937  -4.122  -15.568 1.00 38.29 ? 174 ALA A C   1 
ATOM   1188 O O   . ALA A 1 180 ? -6.707  -4.008  -15.560 1.00 41.39 ? 174 ALA A O   1 
ATOM   1189 C CB  . ALA A 1 180 ? -8.816  -6.359  -14.932 1.00 36.44 ? 174 ALA A CB  1 
ATOM   1190 N N   . GLU A 1 181 ? -8.706  -3.561  -16.499 1.00 39.17 ? 175 GLU A N   1 
ATOM   1191 C CA  . GLU A 1 181 ? -8.109  -2.743  -17.563 1.00 40.87 ? 175 GLU A CA  1 
ATOM   1192 C C   . GLU A 1 181 ? -7.399  -1.532  -16.982 1.00 39.70 ? 175 GLU A C   1 
ATOM   1193 O O   . GLU A 1 181 ? -6.275  -1.226  -17.368 1.00 38.61 ? 175 GLU A O   1 
ATOM   1194 C CB  . GLU A 1 181 ? -9.160  -2.288  -18.586 1.00 42.95 ? 175 GLU A CB  1 
ATOM   1195 N N   . TYR A 1 182 ? -8.039  -0.857  -16.032 1.00 41.73 ? 176 TYR A N   1 
ATOM   1196 C CA  . TYR A 1 182 ? -7.442  0.338   -15.426 1.00 43.92 ? 176 TYR A CA  1 
ATOM   1197 C C   . TYR A 1 182 ? -6.105  0.042   -14.730 1.00 42.83 ? 176 TYR A C   1 
ATOM   1198 O O   . TYR A 1 182 ? -5.176  0.850   -14.813 1.00 39.17 ? 176 TYR A O   1 
ATOM   1199 C CB  . TYR A 1 182 ? -8.409  0.999   -14.441 1.00 47.90 ? 176 TYR A CB  1 
ATOM   1200 C CG  . TYR A 1 182 ? -7.973  2.396   -14.054 1.00 51.55 ? 176 TYR A CG  1 
ATOM   1201 C CD1 . TYR A 1 182 ? -6.954  2.598   -13.126 1.00 52.90 ? 176 TYR A CD1 1 
ATOM   1202 C CD2 . TYR A 1 182 ? -8.572  3.520   -14.625 1.00 55.29 ? 176 TYR A CD2 1 
ATOM   1203 C CE1 . TYR A 1 182 ? -6.546  3.873   -12.779 1.00 55.11 ? 176 TYR A CE1 1 
ATOM   1204 C CE2 . TYR A 1 182 ? -8.170  4.796   -14.277 1.00 54.40 ? 176 TYR A CE2 1 
ATOM   1205 C CZ  . TYR A 1 182 ? -7.158  4.963   -13.363 1.00 54.66 ? 176 TYR A CZ  1 
ATOM   1206 O OH  . TYR A 1 182 ? -6.758  6.225   -13.031 1.00 57.80 ? 176 TYR A OH  1 
ATOM   1207 N N   . ILE A 1 183 ? -6.026  -1.102  -14.040 1.00 42.08 ? 177 ILE A N   1 
ATOM   1208 C CA  . ILE A 1 183 ? -4.787  -1.543  -13.371 1.00 43.55 ? 177 ILE A CA  1 
ATOM   1209 C C   . ILE A 1 183 ? -3.634  -1.715  -14.364 1.00 45.60 ? 177 ILE A C   1 
ATOM   1210 O O   . ILE A 1 183 ? -2.490  -1.339  -14.081 1.00 42.94 ? 177 ILE A O   1 
ATOM   1211 C CB  . ILE A 1 183 ? -4.968  -2.895  -12.619 1.00 44.00 ? 177 ILE A CB  1 
ATOM   1212 C CG1 . ILE A 1 183 ? -6.024  -2.792  -11.510 1.00 44.43 ? 177 ILE A CG1 1 
ATOM   1213 C CG2 . ILE A 1 183 ? -3.645  -3.385  -12.033 1.00 43.40 ? 177 ILE A CG2 1 
ATOM   1214 C CD1 . ILE A 1 183 ? -5.660  -1.882  -10.359 1.00 45.21 ? 177 ILE A CD1 1 
ATOM   1215 N N   . LEU A 1 184 ? -3.940  -2.287  -15.523 1.00 50.57 ? 178 LEU A N   1 
ATOM   1216 C CA  . LEU A 1 184 ? -2.924  -2.570  -16.541 1.00 54.70 ? 178 LEU A CA  1 
ATOM   1217 C C   . LEU A 1 184 ? -2.324  -1.292  -17.133 1.00 54.74 ? 178 LEU A C   1 
ATOM   1218 O O   . LEU A 1 184 ? -1.140  -1.256  -17.458 1.00 55.74 ? 178 LEU A O   1 
ATOM   1219 C CB  . LEU A 1 184 ? -3.510  -3.453  -17.650 1.00 56.32 ? 178 LEU A CB  1 
ATOM   1220 C CG  . LEU A 1 184 ? -4.015  -4.824  -17.183 1.00 55.73 ? 178 LEU A CG  1 
ATOM   1221 C CD1 . LEU A 1 184 ? -4.918  -5.449  -18.236 1.00 58.36 ? 178 LEU A CD1 1 
ATOM   1222 C CD2 . LEU A 1 184 ? -2.853  -5.743  -16.842 1.00 56.14 ? 178 LEU A CD2 1 
ATOM   1223 N N   . ARG A 1 185 ? -3.131  -0.244  -17.260 1.00 56.52 ? 179 ARG A N   1 
ATOM   1224 C CA  . ARG A 1 185 ? -2.598  1.072   -17.622 1.00 57.90 ? 179 ARG A CA  1 
ATOM   1225 C C   . ARG A 1 185 ? -1.600  1.570   -16.560 1.00 59.87 ? 179 ARG A C   1 
ATOM   1226 O O   . ARG A 1 185 ? -0.603  2.209   -16.896 1.00 69.06 ? 179 ARG A O   1 
ATOM   1227 C CB  . ARG A 1 185 ? -3.733  2.085   -17.813 1.00 56.63 ? 179 ARG A CB  1 
ATOM   1228 N N   . MET A 1 186 ? -1.852  1.246   -15.291 1.00 57.84 ? 180 MET A N   1 
ATOM   1229 C CA  . MET A 1 186 ? -1.016  1.699   -14.174 1.00 57.84 ? 180 MET A CA  1 
ATOM   1230 C C   . MET A 1 186 ? 0.242   0.853   -13.894 1.00 58.52 ? 180 MET A C   1 
ATOM   1231 O O   . MET A 1 186 ? 0.970   1.138   -12.938 1.00 54.98 ? 180 MET A O   1 
ATOM   1232 C CB  . MET A 1 186 ? -1.868  1.770   -12.894 1.00 57.38 ? 180 MET A CB  1 
ATOM   1233 N N   . VAL A 1 187 ? 0.508   -0.172  -14.702 1.00 58.48 ? 181 VAL A N   1 
ATOM   1234 C CA  . VAL A 1 187 ? 1.654   -1.064  -14.459 1.00 60.01 ? 181 VAL A CA  1 
ATOM   1235 C C   . VAL A 1 187 ? 2.363   -1.461  -15.759 1.00 62.07 ? 181 VAL A C   1 
ATOM   1236 O O   . VAL A 1 187 ? 1.705   -1.644  -16.782 1.00 63.26 ? 181 VAL A O   1 
ATOM   1237 C CB  . VAL A 1 187 ? 1.201   -2.359  -13.731 1.00 58.86 ? 181 VAL A CB  1 
ATOM   1238 C CG1 . VAL A 1 187 ? 2.341   -3.370  -13.617 1.00 58.35 ? 181 VAL A CG1 1 
ATOM   1239 C CG2 . VAL A 1 187 ? 0.637   -2.033  -12.354 1.00 58.24 ? 181 VAL A CG2 1 
ATOM   1240 N N   . PRO A 1 188 ? 3.703   -1.611  -15.726 1.00 66.59 ? 182 PRO A N   1 
ATOM   1241 C CA  . PRO A 1 188 ? 4.378   -2.255  -16.864 1.00 69.79 ? 182 PRO A CA  1 
ATOM   1242 C C   . PRO A 1 188 ? 3.900   -3.691  -17.100 1.00 71.51 ? 182 PRO A C   1 
ATOM   1243 O O   . PRO A 1 188 ? 4.037   -4.211  -18.207 1.00 73.27 ? 182 PRO A O   1 
ATOM   1244 C CB  . PRO A 1 188 ? 5.861   -2.249  -16.451 1.00 68.96 ? 182 PRO A CB  1 
ATOM   1245 C CG  . PRO A 1 188 ? 5.863   -1.985  -14.981 1.00 68.65 ? 182 PRO A CG  1 
ATOM   1246 C CD  . PRO A 1 188 ? 4.681   -1.094  -14.753 1.00 68.22 ? 182 PRO A CD  1 
ATOM   1247 N N   . LYS A 1 196 ? -1.996  -12.844 -10.054 1.00 34.30 ? 190 LYS A N   1 
ATOM   1248 C CA  . LYS A 1 196 ? -3.039  -12.042 -9.427  1.00 34.68 ? 190 LYS A CA  1 
ATOM   1249 C C   . LYS A 1 196 ? -3.289  -12.454 -7.968  1.00 33.98 ? 190 LYS A C   1 
ATOM   1250 O O   . LYS A 1 196 ? -4.321  -12.133 -7.383  1.00 35.61 ? 190 LYS A O   1 
ATOM   1251 C CB  . LYS A 1 196 ? -4.336  -12.134 -10.237 1.00 35.30 ? 190 LYS A CB  1 
ATOM   1252 N N   . PHE A 1 197 ? -2.358  -13.186 -7.385  1.00 32.77 ? 191 PHE A N   1 
ATOM   1253 C CA  . PHE A 1 197 ? -2.371  -13.411 -5.943  1.00 32.78 ? 191 PHE A CA  1 
ATOM   1254 C C   . PHE A 1 197 ? -0.939  -13.728 -5.539  1.00 30.01 ? 191 PHE A C   1 
ATOM   1255 O O   . PHE A 1 197 ? -0.124  -14.056 -6.388  1.00 29.00 ? 191 PHE A O   1 
ATOM   1256 C CB  . PHE A 1 197 ? -3.344  -14.528 -5.559  1.00 33.56 ? 191 PHE A CB  1 
ATOM   1257 C CG  . PHE A 1 197 ? -2.978  -15.863 -6.130  1.00 36.44 ? 191 PHE A CG  1 
ATOM   1258 C CD1 . PHE A 1 197 ? -2.130  -16.718 -5.435  1.00 36.09 ? 191 PHE A CD1 1 
ATOM   1259 C CD2 . PHE A 1 197 ? -3.472  -16.262 -7.368  1.00 36.43 ? 191 PHE A CD2 1 
ATOM   1260 C CE1 . PHE A 1 197 ? -1.782  -17.947 -5.967  1.00 38.11 ? 191 PHE A CE1 1 
ATOM   1261 C CE2 . PHE A 1 197 ? -3.122  -17.484 -7.904  1.00 37.35 ? 191 PHE A CE2 1 
ATOM   1262 C CZ  . PHE A 1 197 ? -2.273  -18.328 -7.203  1.00 38.05 ? 191 PHE A CZ  1 
ATOM   1263 N N   . ILE A 1 198 ? -0.615  -13.571 -4.265  1.00 28.72 ? 192 ILE A N   1 
ATOM   1264 C CA  . ILE A 1 198 ? 0.725   -13.882 -3.783  1.00 29.44 ? 192 ILE A CA  1 
ATOM   1265 C C   . ILE A 1 198 ? 0.574   -14.864 -2.630  1.00 29.46 ? 192 ILE A C   1 
ATOM   1266 O O   . ILE A 1 198 ? -0.090  -14.553 -1.650  1.00 27.97 ? 192 ILE A O   1 
ATOM   1267 C CB  . ILE A 1 198 ? 1.475   -12.636 -3.268  1.00 30.28 ? 192 ILE A CB  1 
ATOM   1268 C CG1 . ILE A 1 198 ? 1.583   -11.549 -4.349  1.00 29.76 ? 192 ILE A CG1 1 
ATOM   1269 C CG2 . ILE A 1 198 ? 2.854   -13.040 -2.734  1.00 30.75 ? 192 ILE A CG2 1 
ATOM   1270 C CD1 . ILE A 1 198 ? 2.597   -11.840 -5.430  1.00 30.25 ? 192 ILE A CD1 1 
ATOM   1271 N N   . LYS A 1 199 ? 1.186   -16.037 -2.760  1.00 30.87 ? 193 LYS A N   1 
ATOM   1272 C CA  . LYS A 1 199 ? 1.162   -17.037 -1.699  1.00 32.05 ? 193 LYS A CA  1 
ATOM   1273 C C   . LYS A 1 199 ? 1.993   -16.517 -0.532  1.00 29.85 ? 193 LYS A C   1 
ATOM   1274 O O   . LYS A 1 199 ? 3.106   -16.051 -0.735  1.00 27.14 ? 193 LYS A O   1 
ATOM   1275 C CB  . LYS A 1 199 ? 1.751   -18.357 -2.187  1.00 35.41 ? 193 LYS A CB  1 
ATOM   1276 C CG  . LYS A 1 199 ? 0.959   -19.014 -3.302  1.00 39.65 ? 193 LYS A CG  1 
ATOM   1277 C CD  . LYS A 1 199 ? 1.713   -20.213 -3.856  1.00 43.65 ? 193 LYS A CD  1 
ATOM   1278 C CE  . LYS A 1 199 ? 1.015   -20.803 -5.064  1.00 44.55 ? 193 LYS A CE  1 
ATOM   1279 N NZ  . LYS A 1 199 ? 1.873   -21.847 -5.695  1.00 47.39 ? 193 LYS A NZ  1 
ATOM   1280 N N   . PRO A 1 200 ? 1.444   -16.564 0.688   1.00 28.73 ? 194 PRO A N   1 
ATOM   1281 C CA  . PRO A 1 200 ? 2.232   -16.133 1.841   1.00 30.30 ? 194 PRO A CA  1 
ATOM   1282 C C   . PRO A 1 200 ? 3.618   -16.756 1.870   1.00 30.77 ? 194 PRO A C   1 
ATOM   1283 O O   . PRO A 1 200 ? 4.587   -16.075 2.212   1.00 30.82 ? 194 PRO A O   1 
ATOM   1284 C CB  . PRO A 1 200 ? 1.395   -16.594 3.024   1.00 29.44 ? 194 PRO A CB  1 
ATOM   1285 C CG  . PRO A 1 200 ? -0.002  -16.550 2.524   1.00 28.62 ? 194 PRO A CG  1 
ATOM   1286 C CD  . PRO A 1 200 ? 0.049   -16.854 1.054   1.00 28.90 ? 194 PRO A CD  1 
ATOM   1287 N N   . ALA A 1 201 ? 3.707   -18.027 1.480   1.00 32.37 ? 195 ALA A N   1 
ATOM   1288 C CA  . ALA A 1 201 ? 4.981   -18.754 1.391   1.00 33.07 ? 195 ALA A CA  1 
ATOM   1289 C C   . ALA A 1 201 ? 5.965   -18.128 0.406   1.00 32.97 ? 195 ALA A C   1 
ATOM   1290 O O   . ALA A 1 201 ? 7.159   -18.048 0.682   1.00 32.02 ? 195 ALA A O   1 
ATOM   1291 C CB  . ALA A 1 201 ? 4.720   -20.203 0.990   1.00 33.68 ? 195 ALA A CB  1 
ATOM   1292 N N   . GLU A 1 202 ? 5.467   -17.724 -0.760  1.00 32.12 ? 196 GLU A N   1 
ATOM   1293 C CA  . GLU A 1 202 ? 6.283   -16.974 -1.715  1.00 34.10 ? 196 GLU A CA  1 
ATOM   1294 C C   . GLU A 1 202 ? 6.827   -15.707 -1.066  1.00 30.83 ? 196 GLU A C   1 
ATOM   1295 O O   . GLU A 1 202 ? 8.019   -15.451 -1.076  1.00 28.71 ? 196 GLU A O   1 
ATOM   1296 C CB  . GLU A 1 202 ? 5.461   -16.584 -2.944  1.00 37.26 ? 196 GLU A CB  1 
ATOM   1297 C CG  . GLU A 1 202 ? 5.205   -17.729 -3.902  1.00 41.17 ? 196 GLU A CG  1 
ATOM   1298 C CD  . GLU A 1 202 ? 4.469   -17.274 -5.150  1.00 45.94 ? 196 GLU A CD  1 
ATOM   1299 O OE1 . GLU A 1 202 ? 3.626   -16.353 -5.057  1.00 47.63 ? 196 GLU A OE1 1 
ATOM   1300 O OE2 . GLU A 1 202 ? 4.736   -17.839 -6.229  1.00 52.32 ? 196 GLU A OE2 1 
ATOM   1301 N N   . LEU A 1 203 ? 5.937   -14.925 -0.478  1.00 27.76 ? 197 LEU A N   1 
ATOM   1302 C CA  . LEU A 1 203 ? 6.348   -13.679 0.168   1.00 27.30 ? 197 LEU A CA  1 
ATOM   1303 C C   . LEU A 1 203 ? 7.414   -13.921 1.236   1.00 27.04 ? 197 LEU A C   1 
ATOM   1304 O O   . LEU A 1 203 ? 8.411   -13.203 1.302   1.00 25.48 ? 197 LEU A O   1 
ATOM   1305 C CB  . LEU A 1 203 ? 5.129   -12.972 0.768   1.00 26.22 ? 197 LEU A CB  1 
ATOM   1306 C CG  . LEU A 1 203 ? 5.388   -11.651 1.490   1.00 25.97 ? 197 LEU A CG  1 
ATOM   1307 C CD1 . LEU A 1 203 ? 6.124   -10.663 0.588   1.00 25.55 ? 197 LEU A CD1 1 
ATOM   1308 C CD2 . LEU A 1 203 ? 4.055   -11.087 1.984   1.00 25.12 ? 197 LEU A CD2 1 
ATOM   1309 N N   . LEU A 1 204 ? 7.203   -14.939 2.063   1.00 27.47 ? 198 LEU A N   1 
ATOM   1310 C CA  . LEU A 1 204 ? 8.162   -15.292 3.115   1.00 28.39 ? 198 LEU A CA  1 
ATOM   1311 C C   . LEU A 1 204 ? 9.526   -15.656 2.545   1.00 27.77 ? 198 LEU A C   1 
ATOM   1312 O O   . LEU A 1 204 ? 10.539  -15.194 3.051   1.00 27.94 ? 198 LEU A O   1 
ATOM   1313 C CB  . LEU A 1 204 ? 7.643   -16.445 3.971   1.00 30.08 ? 198 LEU A CB  1 
ATOM   1314 C CG  . LEU A 1 204 ? 6.470   -16.122 4.900   1.00 31.85 ? 198 LEU A CG  1 
ATOM   1315 C CD1 . LEU A 1 204 ? 6.275   -17.247 5.908   1.00 33.95 ? 198 LEU A CD1 1 
ATOM   1316 C CD2 . LEU A 1 204 ? 6.695   -14.822 5.631   1.00 32.72 ? 198 LEU A CD2 1 
ATOM   1317 N N   . GLY A 1 205 ? 9.539   -16.469 1.493   1.00 27.76 ? 199 GLY A N   1 
ATOM   1318 C CA  . GLY A 1 205 ? 10.761  -16.756 0.745   1.00 28.72 ? 199 GLY A CA  1 
ATOM   1319 C C   . GLY A 1 205 ? 11.494  -15.497 0.288   1.00 28.40 ? 199 GLY A C   1 
ATOM   1320 O O   . GLY A 1 205 ? 12.689  -15.345 0.536   1.00 27.83 ? 199 GLY A O   1 
ATOM   1321 N N   . TRP A 1 206 ? 10.779  -14.578 -0.356  1.00 26.80 ? 200 TRP A N   1 
ATOM   1322 C CA  . TRP A 1 206 ? 11.398  -13.330 -0.804  1.00 25.96 ? 200 TRP A CA  1 
ATOM   1323 C C   . TRP A 1 206 ? 11.937  -12.526 0.368   1.00 25.99 ? 200 TRP A C   1 
ATOM   1324 O O   . TRP A 1 206 ? 13.052  -12.010 0.320   1.00 25.97 ? 200 TRP A O   1 
ATOM   1325 C CB  . TRP A 1 206 ? 10.421  -12.484 -1.617  1.00 26.43 ? 200 TRP A CB  1 
ATOM   1326 C CG  . TRP A 1 206 ? 9.873   -13.189 -2.792  1.00 27.12 ? 200 TRP A CG  1 
ATOM   1327 C CD1 . TRP A 1 206 ? 10.511  -14.132 -3.549  1.00 27.90 ? 200 TRP A CD1 1 
ATOM   1328 C CD2 . TRP A 1 206 ? 8.580   -13.017 -3.369  1.00 28.03 ? 200 TRP A CD2 1 
ATOM   1329 N NE1 . TRP A 1 206 ? 9.689   -14.565 -4.551  1.00 27.56 ? 200 TRP A NE1 1 
ATOM   1330 C CE2 . TRP A 1 206 ? 8.494   -13.902 -4.468  1.00 28.63 ? 200 TRP A CE2 1 
ATOM   1331 C CE3 . TRP A 1 206 ? 7.475   -12.213 -3.060  1.00 28.19 ? 200 TRP A CE3 1 
ATOM   1332 C CZ2 . TRP A 1 206 ? 7.344   -14.007 -5.263  1.00 27.69 ? 200 TRP A CZ2 1 
ATOM   1333 C CZ3 . TRP A 1 206 ? 6.331   -12.317 -3.852  1.00 28.85 ? 200 TRP A CZ3 1 
ATOM   1334 C CH2 . TRP A 1 206 ? 6.280   -13.206 -4.944  1.00 28.68 ? 200 TRP A CH2 1 
ATOM   1335 N N   . VAL A 1 207 ? 11.159  -12.432 1.437   1.00 26.07 ? 201 VAL A N   1 
ATOM   1336 C CA  . VAL A 1 207 ? 11.600  -11.695 2.610   1.00 26.69 ? 201 VAL A CA  1 
ATOM   1337 C C   . VAL A 1 207 ? 12.876  -12.295 3.230   1.00 28.31 ? 201 VAL A C   1 
ATOM   1338 O O   . VAL A 1 207 ? 13.776  -11.556 3.625   1.00 27.39 ? 201 VAL A O   1 
ATOM   1339 C CB  . VAL A 1 207 ? 10.466  -11.590 3.644   1.00 26.19 ? 201 VAL A CB  1 
ATOM   1340 C CG1 . VAL A 1 207 ? 10.993  -11.113 4.985   1.00 26.60 ? 201 VAL A CG1 1 
ATOM   1341 C CG2 . VAL A 1 207 ? 9.380   -10.649 3.128   1.00 25.97 ? 201 VAL A CG2 1 
ATOM   1342 N N   . ASP A 1 208 ? 12.941  -13.624 3.287   1.00 30.74 ? 202 ASP A N   1 
ATOM   1343 C CA  . ASP A 1 208 ? 14.087  -14.347 3.843   1.00 35.12 ? 202 ASP A CA  1 
ATOM   1344 C C   . ASP A 1 208 ? 15.402  -14.095 3.118   1.00 34.77 ? 202 ASP A C   1 
ATOM   1345 O O   . ASP A 1 208 ? 16.453  -14.190 3.730   1.00 34.00 ? 202 ASP A O   1 
ATOM   1346 C CB  . ASP A 1 208 ? 13.822  -15.857 3.834   1.00 39.62 ? 202 ASP A CB  1 
ATOM   1347 C CG  . ASP A 1 208 ? 12.759  -16.267 4.839   1.00 44.84 ? 202 ASP A CG  1 
ATOM   1348 O OD1 . ASP A 1 208 ? 12.280  -15.389 5.592   1.00 49.04 ? 202 ASP A OD1 1 
ATOM   1349 O OD2 . ASP A 1 208 ? 12.399  -17.463 4.878   1.00 51.32 ? 202 ASP A OD2 1 
ATOM   1350 N N   . GLN A 1 209 ? 15.340  -13.791 1.826   1.00 35.11 ? 203 GLN A N   1 
ATOM   1351 C CA  . GLN A 1 209 ? 16.533  -13.447 1.054   1.00 36.65 ? 203 GLN A CA  1 
ATOM   1352 C C   . GLN A 1 209 ? 16.999  -11.998 1.259   1.00 34.40 ? 203 GLN A C   1 
ATOM   1353 O O   . GLN A 1 209 ? 17.960  -11.570 0.623   1.00 35.48 ? 203 GLN A O   1 
ATOM   1354 C CB  . GLN A 1 209 ? 16.278  -13.671 -0.434  1.00 41.81 ? 203 GLN A CB  1 
ATOM   1355 C CG  . GLN A 1 209 ? 16.003  -15.114 -0.834  1.00 46.74 ? 203 GLN A CG  1 
ATOM   1356 C CD  . GLN A 1 209 ? 15.434  -15.214 -2.248  1.00 51.92 ? 203 GLN A CD  1 
ATOM   1357 O OE1 . GLN A 1 209 ? 14.326  -14.740 -2.517  1.00 56.69 ? 203 GLN A OE1 1 
ATOM   1358 N NE2 . GLN A 1 209 ? 16.188  -15.829 -3.157  1.00 53.83 ? 203 GLN A NE2 1 
ATOM   1359 N N   . THR A 1 210 ? 16.326  -11.238 2.122   1.00 29.08 ? 204 THR A N   1 
ATOM   1360 C CA  . THR A 1 210 ? 16.707  -9.848  2.377   1.00 27.30 ? 204 THR A CA  1 
ATOM   1361 C C   . THR A 1 210 ? 17.187  -9.708  3.807   1.00 25.96 ? 204 THR A C   1 
ATOM   1362 O O   . THR A 1 210 ? 17.242  -10.685 4.542   1.00 27.27 ? 204 THR A O   1 
ATOM   1363 C CB  . THR A 1 210 ? 15.533  -8.866  2.131   1.00 26.60 ? 204 THR A CB  1 
ATOM   1364 O OG1 . THR A 1 210 ? 14.528  -9.026  3.140   1.00 25.69 ? 204 THR A OG1 1 
ATOM   1365 C CG2 . THR A 1 210 ? 14.922  -9.092  0.773   1.00 26.29 ? 204 THR A CG2 1 
ATOM   1366 N N   . SER A 1 211 ? 17.529  -8.490  4.200   1.00 24.92 ? 205 SER A N   1 
ATOM   1367 C CA  . SER A 1 211 ? 17.859  -8.203  5.584   1.00 24.31 ? 205 SER A CA  1 
ATOM   1368 C C   . SER A 1 211 ? 16.606  -8.034  6.470   1.00 23.88 ? 205 SER A C   1 
ATOM   1369 O O   . SER A 1 211 ? 16.736  -7.794  7.673   1.00 24.09 ? 205 SER A O   1 
ATOM   1370 C CB  . SER A 1 211 ? 18.742  -6.955  5.665   1.00 24.45 ? 205 SER A CB  1 
ATOM   1371 O OG  . SER A 1 211 ? 18.025  -5.790  5.290   1.00 24.51 ? 205 SER A OG  1 
ATOM   1372 N N   . LEU A 1 212 ? 15.409  -8.155  5.895   1.00 21.91 ? 206 LEU A N   1 
ATOM   1373 C CA  . LEU A 1 212 ? 14.176  -8.043  6.688   1.00 22.49 ? 206 LEU A CA  1 
ATOM   1374 C C   . LEU A 1 212 ? 13.912  -9.346  7.438   1.00 22.68 ? 206 LEU A C   1 
ATOM   1375 O O   . LEU A 1 212 ? 14.191  -10.415 6.924   1.00 23.91 ? 206 LEU A O   1 
ATOM   1376 C CB  . LEU A 1 212 ? 12.972  -7.708  5.808   1.00 20.93 ? 206 LEU A CB  1 
ATOM   1377 C CG  . LEU A 1 212 ? 13.030  -6.359  5.094   1.00 20.80 ? 206 LEU A CG  1 
ATOM   1378 C CD1 . LEU A 1 212 ? 11.885  -6.231  4.102   1.00 20.34 ? 206 LEU A CD1 1 
ATOM   1379 C CD2 . LEU A 1 212 ? 13.020  -5.209  6.095   1.00 20.37 ? 206 LEU A CD2 1 
ATOM   1380 N N   . LYS A 1 213 ? 13.382  -9.234  8.650   1.00 23.36 ? 207 LYS A N   1 
ATOM   1381 C CA  . LYS A 1 213 ? 12.958  -10.395 9.431   1.00 24.42 ? 207 LYS A CA  1 
ATOM   1382 C C   . LYS A 1 213 ? 11.446  -10.282 9.642   1.00 24.87 ? 207 LYS A C   1 
ATOM   1383 O O   . LYS A 1 213 ? 10.973  -9.252  10.113  1.00 21.54 ? 207 LYS A O   1 
ATOM   1384 C CB  . LYS A 1 213 ? 13.682  -10.427 10.783  1.00 25.01 ? 207 LYS A CB  1 
ATOM   1385 N N   . GLU A 1 214 ? 10.713  -11.343 9.292   1.00 26.15 ? 208 GLU A N   1 
ATOM   1386 C CA  . GLU A 1 214 ? 9.280   -11.449 9.579   1.00 28.17 ? 208 GLU A CA  1 
ATOM   1387 C C   . GLU A 1 214 ? 9.014   -11.411 11.072  1.00 25.86 ? 208 GLU A C   1 
ATOM   1388 O O   . GLU A 1 214 ? 9.672   -12.115 11.826  1.00 25.11 ? 208 GLU A O   1 
ATOM   1389 C CB  . GLU A 1 214 ? 8.710   -12.774 9.094   1.00 31.31 ? 208 GLU A CB  1 
ATOM   1390 C CG  . GLU A 1 214 ? 8.839   -13.027 7.608   1.00 37.33 ? 208 GLU A CG  1 
ATOM   1391 C CD  . GLU A 1 214 ? 10.120  -13.757 7.219   1.00 40.94 ? 208 GLU A CD  1 
ATOM   1392 O OE1 . GLU A 1 214 ? 11.020  -13.900 8.089   1.00 41.88 ? 208 GLU A OE1 1 
ATOM   1393 O OE2 . GLU A 1 214 ? 10.226  -14.169 6.032   1.00 44.46 ? 208 GLU A OE2 1 
ATOM   1394 N N   . ARG A 1 215 ? 8.023   -10.635 11.480  1.00 23.10 ? 209 ARG A N   1 
ATOM   1395 C CA  . ARG A 1 215 ? 7.679   -10.489 12.895  1.00 23.59 ? 209 ARG A CA  1 
ATOM   1396 C C   . ARG A 1 215 ? 6.284   -10.988 13.205  1.00 22.99 ? 209 ARG A C   1 
ATOM   1397 O O   . ARG A 1 215 ? 6.092   -11.646 14.213  1.00 22.69 ? 209 ARG A O   1 
ATOM   1398 C CB  . ARG A 1 215 ? 7.757   -9.042  13.331  1.00 24.86 ? 209 ARG A CB  1 
ATOM   1399 C CG  . ARG A 1 215 ? 9.153   -8.467  13.360  1.00 29.00 ? 209 ARG A CG  1 
ATOM   1400 C CD  . ARG A 1 215 ? 10.126  -9.375  14.088  1.00 32.61 ? 209 ARG A CD  1 
ATOM   1401 N NE  . ARG A 1 215 ? 11.372  -8.678  14.349  1.00 39.17 ? 209 ARG A NE  1 
ATOM   1402 C CZ  . ARG A 1 215 ? 12.539  -9.268  14.617  1.00 43.26 ? 209 ARG A CZ  1 
ATOM   1403 N NH1 . ARG A 1 215 ? 12.648  -10.596 14.697  1.00 42.96 ? 209 ARG A NH1 1 
ATOM   1404 N NH2 . ARG A 1 215 ? 13.609  -8.508  14.824  1.00 44.54 ? 209 ARG A NH2 1 
ATOM   1405 N N   . HIS A 1 216 ? 5.318   -10.658 12.352  1.00 20.36 ? 210 HIS A N   1 
ATOM   1406 C CA  . HIS A 1 216 ? 3.925   -10.997 12.600  1.00 21.18 ? 210 HIS A CA  1 
ATOM   1407 C C   . HIS A 1 216 ? 3.187   -11.025 11.267  1.00 20.76 ? 210 HIS A C   1 
ATOM   1408 O O   . HIS A 1 216 ? 3.595   -10.365 10.296  1.00 19.98 ? 210 HIS A O   1 
ATOM   1409 C CB  . HIS A 1 216 ? 3.300   -9.984  13.562  1.00 21.41 ? 210 HIS A CB  1 
ATOM   1410 C CG  . HIS A 1 216 ? 1.868   -10.267 13.921  1.00 23.04 ? 210 HIS A CG  1 
ATOM   1411 N ND1 . HIS A 1 216 ? 1.497   -11.272 14.793  1.00 24.66 ? 210 HIS A ND1 1 
ATOM   1412 C CD2 . HIS A 1 216 ? 0.721   -9.652  13.555  1.00 22.80 ? 210 HIS A CD2 1 
ATOM   1413 C CE1 . HIS A 1 216 ? 0.183   -11.269 14.940  1.00 23.81 ? 210 HIS A CE1 1 
ATOM   1414 N NE2 . HIS A 1 216 ? -0.313  -10.298 14.196  1.00 24.94 ? 210 HIS A NE2 1 
ATOM   1415 N N   . ILE A 1 217 ? 2.144   -11.838 11.219  1.00 20.56 ? 211 ILE A N   1 
ATOM   1416 C CA  . ILE A 1 217 ? 1.255   -11.882 10.087  1.00 21.29 ? 211 ILE A CA  1 
ATOM   1417 C C   . ILE A 1 217 ? -0.192  -11.953 10.585  1.00 23.55 ? 211 ILE A C   1 
ATOM   1418 O O   . ILE A 1 217 ? -0.481  -12.548 11.629  1.00 24.06 ? 211 ILE A O   1 
ATOM   1419 C CB  . ILE A 1 217 ? 1.605   -13.032 9.132   1.00 21.00 ? 211 ILE A CB  1 
ATOM   1420 C CG1 . ILE A 1 217 ? 0.836   -12.865 7.811   1.00 21.02 ? 211 ILE A CG1 1 
ATOM   1421 C CG2 . ILE A 1 217 ? 1.322   -14.393 9.759   1.00 21.40 ? 211 ILE A CG2 1 
ATOM   1422 C CD1 . ILE A 1 217 ? 1.366   -13.725 6.700   1.00 21.15 ? 211 ILE A CD1 1 
ATOM   1423 N N   . THR A 1 218 ? -1.092  -11.314 9.848   1.00 24.38 ? 212 THR A N   1 
ATOM   1424 C CA  . THR A 1 218 ? -2.504  -11.332 10.180  1.00 25.98 ? 212 THR A CA  1 
ATOM   1425 C C   . THR A 1 218 ? -3.358  -11.376 8.927   1.00 25.82 ? 212 THR A C   1 
ATOM   1426 O O   . THR A 1 218 ? -2.930  -10.953 7.857   1.00 25.48 ? 212 THR A O   1 
ATOM   1427 C CB  . THR A 1 218 ? -2.922  -10.102 11.015  1.00 27.09 ? 212 THR A CB  1 
ATOM   1428 O OG1 . THR A 1 218 ? -4.307  -10.215 11.346  1.00 29.68 ? 212 THR A OG1 1 
ATOM   1429 C CG2 . THR A 1 218 ? -2.716  -8.792  10.251  1.00 27.70 ? 212 THR A CG2 1 
ATOM   1430 N N   . GLY A 1 219 ? -4.568  -11.898 9.087   1.00 25.20 ? 213 GLY A N   1 
ATOM   1431 C CA  . GLY A 1 219 ? -5.554  -11.909 8.025   1.00 24.73 ? 213 GLY A CA  1 
ATOM   1432 C C   . GLY A 1 219 ? -6.366  -10.638 8.049   1.00 23.89 ? 213 GLY A C   1 
ATOM   1433 O O   . GLY A 1 219 ? -6.569  -10.034 9.093   1.00 22.76 ? 213 GLY A O   1 
ATOM   1434 N N   . LEU A 1 220 ? -6.773  -10.209 6.868   1.00 24.50 ? 214 LEU A N   1 
ATOM   1435 C CA  . LEU A 1 220 ? -7.730  -9.134  6.707   1.00 26.32 ? 214 LEU A CA  1 
ATOM   1436 C C   . LEU A 1 220 ? -8.960  -9.852  6.178   1.00 26.03 ? 214 LEU A C   1 
ATOM   1437 O O   . LEU A 1 220 ? -8.906  -10.466 5.111   1.00 25.17 ? 214 LEU A O   1 
ATOM   1438 C CB  . LEU A 1 220 ? -7.221  -8.110  5.702   1.00 28.57 ? 214 LEU A CB  1 
ATOM   1439 C CG  . LEU A 1 220 ? -8.192  -7.031  5.214   1.00 30.52 ? 214 LEU A CG  1 
ATOM   1440 C CD1 . LEU A 1 220 ? -8.893  -6.323  6.356   1.00 30.72 ? 214 LEU A CD1 1 
ATOM   1441 C CD2 . LEU A 1 220 ? -7.428  -6.021  4.363   1.00 32.69 ? 214 LEU A CD2 1 
ATOM   1442 N N   . HIS A 1 221 ? -10.033 -9.825  6.964   1.00 26.58 ? 215 HIS A N   1 
ATOM   1443 C CA  . HIS A 1 221 ? -11.202 -10.675 6.725   1.00 27.65 ? 215 HIS A CA  1 
ATOM   1444 C C   . HIS A 1 221 ? -12.405 -9.832  6.429   1.00 26.24 ? 215 HIS A C   1 
ATOM   1445 O O   . HIS A 1 221 ? -12.603 -8.792  7.044   1.00 25.71 ? 215 HIS A O   1 
ATOM   1446 C CB  . HIS A 1 221 ? -11.522 -11.533 7.949   1.00 28.76 ? 215 HIS A CB  1 
ATOM   1447 C CG  . HIS A 1 221 ? -10.426 -12.477 8.315   1.00 30.30 ? 215 HIS A CG  1 
ATOM   1448 N ND1 . HIS A 1 221 ? -10.224 -13.669 7.656   1.00 31.65 ? 215 HIS A ND1 1 
ATOM   1449 C CD2 . HIS A 1 221 ? -9.448  -12.390 9.245   1.00 32.02 ? 215 HIS A CD2 1 
ATOM   1450 C CE1 . HIS A 1 221 ? -9.185  -14.288 8.180   1.00 32.09 ? 215 HIS A CE1 1 
ATOM   1451 N NE2 . HIS A 1 221 ? -8.695  -13.534 9.147   1.00 31.74 ? 215 HIS A NE2 1 
ATOM   1452 N N   . TYR A 1 222 ? -13.230 -10.335 5.521   1.00 25.77 ? 216 TYR A N   1 
ATOM   1453 C CA  . TYR A 1 222 ? -14.384 -9.620  5.031   1.00 25.49 ? 216 TYR A CA  1 
ATOM   1454 C C   . TYR A 1 222 ? -15.655 -10.440 5.227   1.00 25.21 ? 216 TYR A C   1 
ATOM   1455 O O   . TYR A 1 222 ? -15.736 -11.584 4.794   1.00 23.50 ? 216 TYR A O   1 
ATOM   1456 C CB  . TYR A 1 222 ? -14.201 -9.332  3.558   1.00 24.59 ? 216 TYR A CB  1 
ATOM   1457 C CG  . TYR A 1 222 ? -15.441 -8.773  2.914   1.00 24.50 ? 216 TYR A CG  1 
ATOM   1458 C CD1 . TYR A 1 222 ? -15.917 -7.521  3.274   1.00 24.12 ? 216 TYR A CD1 1 
ATOM   1459 C CD2 . TYR A 1 222 ? -16.150 -9.504  1.965   1.00 24.17 ? 216 TYR A CD2 1 
ATOM   1460 C CE1 . TYR A 1 222 ? -17.052 -6.992  2.696   1.00 24.87 ? 216 TYR A CE1 1 
ATOM   1461 C CE2 . TYR A 1 222 ? -17.293 -8.975  1.370   1.00 24.83 ? 216 TYR A CE2 1 
ATOM   1462 C CZ  . TYR A 1 222 ? -17.732 -7.723  1.737   1.00 23.74 ? 216 TYR A CZ  1 
ATOM   1463 O OH  . TYR A 1 222 ? -18.844 -7.175  1.175   1.00 23.81 ? 216 TYR A OH  1 
ATOM   1464 N N   . ASN A 1 223 ? -16.647 -9.834  5.858   1.00 26.58 ? 217 ASN A N   1 
ATOM   1465 C CA  . ASN A 1 223 ? -17.915 -10.483 6.071   1.00 28.76 ? 217 ASN A CA  1 
ATOM   1466 C C   . ASN A 1 223 ? -18.922 -9.997  5.014   1.00 28.96 ? 217 ASN A C   1 
ATOM   1467 O O   . ASN A 1 223 ? -19.370 -8.848  5.075   1.00 27.70 ? 217 ASN A O   1 
ATOM   1468 C CB  . ASN A 1 223 ? -18.406 -10.181 7.481   1.00 31.31 ? 217 ASN A CB  1 
ATOM   1469 C CG  . ASN A 1 223 ? -19.720 -10.882 7.809   1.00 33.48 ? 217 ASN A CG  1 
ATOM   1470 O OD1 . ASN A 1 223 ? -20.438 -11.362 6.921   1.00 34.01 ? 217 ASN A OD1 1 
ATOM   1471 N ND2 . ASN A 1 223 ? -20.035 -10.942 9.084   1.00 33.72 ? 217 ASN A ND2 1 
ATOM   1472 N N   . PRO A 1 224 ? -19.293 -10.878 4.059   1.00 30.66 ? 218 PRO A N   1 
ATOM   1473 C CA  . PRO A 1 224 ? -20.153 -10.449 2.943   1.00 31.96 ? 218 PRO A CA  1 
ATOM   1474 C C   . PRO A 1 224 ? -21.577 -10.139 3.370   1.00 33.44 ? 218 PRO A C   1 
ATOM   1475 O O   . PRO A 1 224 ? -22.290 -9.439  2.670   1.00 34.91 ? 218 PRO A O   1 
ATOM   1476 C CB  . PRO A 1 224 ? -20.097 -11.628 1.961   1.00 32.52 ? 218 PRO A CB  1 
ATOM   1477 C CG  . PRO A 1 224 ? -19.708 -12.814 2.781   1.00 32.42 ? 218 PRO A CG  1 
ATOM   1478 C CD  . PRO A 1 224 ? -19.011 -12.326 4.023   1.00 31.88 ? 218 PRO A CD  1 
ATOM   1479 N N   . ILE A 1 225 ? -21.966 -10.615 4.541   1.00 36.55 ? 219 ILE A N   1 
ATOM   1480 C CA  . ILE A 1 225 ? -23.314 -10.394 5.054   1.00 37.76 ? 219 ILE A CA  1 
ATOM   1481 C C   . ILE A 1 225 ? -23.443 -9.011  5.681   1.00 36.99 ? 219 ILE A C   1 
ATOM   1482 O O   . ILE A 1 225 ? -24.404 -8.306  5.401   1.00 36.77 ? 219 ILE A O   1 
ATOM   1483 C CB  . ILE A 1 225 ? -23.721 -11.518 6.031   1.00 38.13 ? 219 ILE A CB  1 
ATOM   1484 C CG1 . ILE A 1 225 ? -23.792 -12.853 5.270   1.00 38.74 ? 219 ILE A CG1 1 
ATOM   1485 C CG2 . ILE A 1 225 ? -25.067 -11.222 6.681   1.00 39.06 ? 219 ILE A CG2 1 
ATOM   1486 C CD1 . ILE A 1 225 ? -23.663 -14.080 6.152   1.00 41.74 ? 219 ILE A CD1 1 
ATOM   1487 N N   . THR A 1 226 ? -22.480 -8.611  6.507   1.00 35.49 ? 220 THR A N   1 
ATOM   1488 C CA  . THR A 1 226 ? -22.511 -7.282  7.141   1.00 35.10 ? 220 THR A CA  1 
ATOM   1489 C C   . THR A 1 226 ? -21.637 -6.248  6.422   1.00 31.60 ? 220 THR A C   1 
ATOM   1490 O O   . THR A 1 226 ? -21.613 -5.102  6.828   1.00 29.91 ? 220 THR A O   1 
ATOM   1491 C CB  . THR A 1 226 ? -22.028 -7.342  8.605   1.00 36.27 ? 220 THR A CB  1 
ATOM   1492 O OG1 . THR A 1 226 ? -20.683 -7.823  8.631   1.00 37.94 ? 220 THR A OG1 1 
ATOM   1493 C CG2 . THR A 1 226 ? -22.909 -8.278  9.434   1.00 37.44 ? 220 THR A CG2 1 
ATOM   1494 N N   . ASN A 1 227 ? -20.903 -6.665  5.386   1.00 31.21 ? 221 ASN A N   1 
ATOM   1495 C CA  . ASN A 1 227 ? -19.972 -5.781  4.656   1.00 31.33 ? 221 ASN A CA  1 
ATOM   1496 C C   . ASN A 1 227 ? -18.911 -5.136  5.530   1.00 31.09 ? 221 ASN A C   1 
ATOM   1497 O O   . ASN A 1 227 ? -18.558 -3.968  5.331   1.00 31.04 ? 221 ASN A O   1 
ATOM   1498 C CB  . ASN A 1 227 ? -20.741 -4.688  3.907   1.00 31.52 ? 221 ASN A CB  1 
ATOM   1499 C CG  . ASN A 1 227 ? -21.733 -5.267  2.923   1.00 32.27 ? 221 ASN A CG  1 
ATOM   1500 O OD1 . ASN A 1 227 ? -22.934 -5.116  3.088   1.00 31.93 ? 221 ASN A OD1 1 
ATOM   1501 N ND2 . ASN A 1 227 ? -21.228 -5.971  1.915   1.00 32.04 ? 221 ASN A ND2 1 
ATOM   1502 N N   . THR A 1 228 ? -18.413 -5.885  6.510   1.00 29.96 ? 222 THR A N   1 
ATOM   1503 C CA  . THR A 1 228 ? -17.432 -5.336  7.445   1.00 30.44 ? 222 THR A CA  1 
ATOM   1504 C C   . THR A 1 228 ? -16.109 -6.053  7.286   1.00 26.30 ? 222 THR A C   1 
ATOM   1505 O O   . THR A 1 228 ? -16.063 -7.228  6.959   1.00 25.80 ? 222 THR A O   1 
ATOM   1506 C CB  . THR A 1 228 ? -17.920 -5.419  8.903   1.00 32.84 ? 222 THR A CB  1 
ATOM   1507 O OG1 . THR A 1 228 ? -18.436 -6.722  9.160   1.00 34.45 ? 222 THR A OG1 1 
ATOM   1508 C CG2 . THR A 1 228 ? -19.028 -4.404  9.149   1.00 34.09 ? 222 THR A CG2 1 
ATOM   1509 N N   . PHE A 1 229 ? -15.028 -5.325  7.517   1.00 24.66 ? 223 PHE A N   1 
ATOM   1510 C CA  . PHE A 1 229 ? -13.700 -5.900  7.487   1.00 24.19 ? 223 PHE A CA  1 
ATOM   1511 C C   . PHE A 1 229 ? -13.177 -5.963  8.909   1.00 26.02 ? 223 PHE A C   1 
ATOM   1512 O O   . PHE A 1 229 ? -13.542 -5.146  9.729   1.00 24.87 ? 223 PHE A O   1 
ATOM   1513 C CB  . PHE A 1 229 ? -12.759 -5.037  6.648   1.00 23.50 ? 223 PHE A CB  1 
ATOM   1514 C CG  . PHE A 1 229 ? -13.132 -4.942  5.197   1.00 22.50 ? 223 PHE A CG  1 
ATOM   1515 C CD1 . PHE A 1 229 ? -13.962 -3.929  4.743   1.00 22.33 ? 223 PHE A CD1 1 
ATOM   1516 C CD2 . PHE A 1 229 ? -12.619 -5.846  4.275   1.00 22.93 ? 223 PHE A CD2 1 
ATOM   1517 C CE1 . PHE A 1 229 ? -14.289 -3.836  3.396   1.00 22.77 ? 223 PHE A CE1 1 
ATOM   1518 C CE2 . PHE A 1 229 ? -12.926 -5.749  2.925   1.00 22.01 ? 223 PHE A CE2 1 
ATOM   1519 C CZ  . PHE A 1 229 ? -13.765 -4.745  2.486   1.00 22.24 ? 223 PHE A CZ  1 
ATOM   1520 N N   . LYS A 1 230 ? -12.307 -6.924  9.194   1.00 27.79 ? 224 LYS A N   1 
ATOM   1521 C CA  . LYS A 1 230 ? -11.629 -6.979  10.489  1.00 28.42 ? 224 LYS A CA  1 
ATOM   1522 C C   . LYS A 1 230 ? -10.297 -7.709  10.341  1.00 26.64 ? 224 LYS A C   1 
ATOM   1523 O O   . LYS A 1 230 ? -10.104 -8.457  9.390   1.00 25.45 ? 224 LYS A O   1 
ATOM   1524 C CB  . LYS A 1 230 ? -12.500 -7.690  11.523  1.00 32.10 ? 224 LYS A CB  1 
ATOM   1525 C CG  . LYS A 1 230 ? -12.687 -9.168  11.235  1.00 36.08 ? 224 LYS A CG  1 
ATOM   1526 C CD  . LYS A 1 230 ? -13.627 -9.819  12.229  1.00 40.42 ? 224 LYS A CD  1 
ATOM   1527 C CE  . LYS A 1 230 ? -13.044 -9.820  13.627  1.00 42.38 ? 224 LYS A CE  1 
ATOM   1528 N NZ  . LYS A 1 230 ? -13.625 -10.943 14.414  1.00 46.36 ? 224 LYS A NZ  1 
ATOM   1529 N N   . LEU A 1 231 ? -9.385  -7.490  11.284  1.00 25.66 ? 225 LEU A N   1 
ATOM   1530 C CA  . LEU A 1 231 ? -8.135  -8.234  11.312  1.00 27.17 ? 225 LEU A CA  1 
ATOM   1531 C C   . LEU A 1 231 ? -8.282  -9.478  12.182  1.00 26.96 ? 225 LEU A C   1 
ATOM   1532 O O   . LEU A 1 231 ? -9.042  -9.489  13.133  1.00 26.69 ? 225 LEU A O   1 
ATOM   1533 C CB  . LEU A 1 231 ? -6.994  -7.350  11.828  1.00 28.07 ? 225 LEU A CB  1 
ATOM   1534 C CG  . LEU A 1 231 ? -6.737  -6.090  10.985  1.00 29.89 ? 225 LEU A CG  1 
ATOM   1535 C CD1 . LEU A 1 231 ? -5.564  -5.283  11.542  1.00 31.69 ? 225 LEU A CD1 1 
ATOM   1536 C CD2 . LEU A 1 231 ? -6.485  -6.476  9.541   1.00 29.19 ? 225 LEU A CD2 1 
ATOM   1537 N N   . GLY A 1 232 ? -7.555  -10.528 11.836  1.00 28.37 ? 226 GLY A N   1 
ATOM   1538 C CA  . GLY A 1 232 ? -7.567  -11.737 12.625  1.00 29.09 ? 226 GLY A CA  1 
ATOM   1539 C C   . GLY A 1 232 ? -6.735  -12.828 11.991  1.00 30.94 ? 226 GLY A C   1 
ATOM   1540 O O   . GLY A 1 232 ? -6.388  -12.743 10.810  1.00 29.52 ? 226 GLY A O   1 
ATOM   1541 N N   . PRO A 1 233 ? -6.430  -13.883 12.770  1.00 32.33 ? 227 PRO A N   1 
ATOM   1542 C CA  . PRO A 1 233 ? -5.647  -14.999 12.270  1.00 31.72 ? 227 PRO A CA  1 
ATOM   1543 C C   . PRO A 1 233 ? -6.355  -15.729 11.142  1.00 29.94 ? 227 PRO A C   1 
ATOM   1544 O O   . PRO A 1 233 ? -7.578  -15.683 11.038  1.00 30.58 ? 227 PRO A O   1 
ATOM   1545 C CB  . PRO A 1 233 ? -5.493  -15.902 13.497  1.00 33.37 ? 227 PRO A CB  1 
ATOM   1546 C CG  . PRO A 1 233 ? -6.649  -15.571 14.367  1.00 34.73 ? 227 PRO A CG  1 
ATOM   1547 C CD  . PRO A 1 233 ? -6.873  -14.099 14.162  1.00 34.15 ? 227 PRO A CD  1 
ATOM   1548 N N   . GLY A 1 234 ? -5.573  -16.386 10.301  1.00 29.47 ? 228 GLY A N   1 
ATOM   1549 C CA  . GLY A 1 234 ? -6.081  -17.026 9.097   1.00 28.86 ? 228 GLY A CA  1 
ATOM   1550 C C   . GLY A 1 234 ? -5.760  -16.142 7.911   1.00 29.18 ? 228 GLY A C   1 
ATOM   1551 O O   . GLY A 1 234 ? -6.245  -15.024 7.829   1.00 27.10 ? 228 GLY A O   1 
ATOM   1552 N N   . VAL A 1 235 ? -4.953  -16.663 6.993   1.00 30.69 ? 229 VAL A N   1 
ATOM   1553 C CA  . VAL A 1 235 ? -4.432  -15.897 5.858   1.00 30.81 ? 229 VAL A CA  1 
ATOM   1554 C C   . VAL A 1 235 ? -4.816  -16.529 4.522   1.00 30.21 ? 229 VAL A C   1 
ATOM   1555 O O   . VAL A 1 235 ? -4.101  -16.388 3.521   1.00 28.94 ? 229 VAL A O   1 
ATOM   1556 C CB  . VAL A 1 235 ? -2.893  -15.720 5.967   1.00 30.89 ? 229 VAL A CB  1 
ATOM   1557 C CG1 . VAL A 1 235 ? -2.553  -14.919 7.216   1.00 30.89 ? 229 VAL A CG1 1 
ATOM   1558 C CG2 . VAL A 1 235 ? -2.170  -17.061 5.995   1.00 31.25 ? 229 VAL A CG2 1 
ATOM   1559 N N   . ASP A 1 236 ? -5.963  -17.200 4.498   1.00 31.44 ? 230 ASP A N   1 
ATOM   1560 C CA  . ASP A 1 236 ? -6.465  -17.808 3.269   1.00 32.60 ? 230 ASP A CA  1 
ATOM   1561 C C   . ASP A 1 236 ? -7.080  -16.784 2.311   1.00 30.91 ? 230 ASP A C   1 
ATOM   1562 O O   . ASP A 1 236 ? -7.201  -17.079 1.126   1.00 28.93 ? 230 ASP A O   1 
ATOM   1563 C CB  . ASP A 1 236 ? -7.505  -18.904 3.562   1.00 36.86 ? 230 ASP A CB  1 
ATOM   1564 C CG  . ASP A 1 236 ? -6.885  -20.179 4.133   1.00 43.93 ? 230 ASP A CG  1 
ATOM   1565 O OD1 . ASP A 1 236 ? -5.638  -20.277 4.249   1.00 47.69 ? 230 ASP A OD1 1 
ATOM   1566 O OD2 . ASP A 1 236 ? -7.659  -21.107 4.465   1.00 54.49 ? 230 ASP A OD2 1 
ATOM   1567 N N   . VAL A 1 237 ? -7.445  -15.601 2.811   1.00 28.32 ? 231 VAL A N   1 
ATOM   1568 C CA  . VAL A 1 237 ? -8.110  -14.578 1.988   1.00 27.60 ? 231 VAL A CA  1 
ATOM   1569 C C   . VAL A 1 237 ? -7.125  -13.433 1.689   1.00 24.99 ? 231 VAL A C   1 
ATOM   1570 O O   . VAL A 1 237 ? -6.239  -13.601 0.846   1.00 24.02 ? 231 VAL A O   1 
ATOM   1571 C CB  . VAL A 1 237 ? -9.445  -14.130 2.646   1.00 28.89 ? 231 VAL A CB  1 
ATOM   1572 C CG1 . VAL A 1 237 ? -10.207 -13.151 1.761   1.00 30.73 ? 231 VAL A CG1 1 
ATOM   1573 C CG2 . VAL A 1 237 ? -10.334 -15.346 2.899   1.00 29.99 ? 231 VAL A CG2 1 
ATOM   1574 N N   . ASN A 1 238 ? -7.253  -12.287 2.359   1.00 24.47 ? 232 ASN A N   1 
ATOM   1575 C CA  . ASN A 1 238 ? -6.256  -11.219 2.265   1.00 24.22 ? 232 ASN A CA  1 
ATOM   1576 C C   . ASN A 1 238 ? -5.405  -11.250 3.521   1.00 23.11 ? 232 ASN A C   1 
ATOM   1577 O O   . ASN A 1 238 ? -5.879  -11.693 4.552   1.00 23.66 ? 232 ASN A O   1 
ATOM   1578 C CB  . ASN A 1 238 ? -6.926  -9.855  2.135   1.00 25.09 ? 232 ASN A CB  1 
ATOM   1579 C CG  . ASN A 1 238 ? -7.543  -9.627  0.761   1.00 27.70 ? 232 ASN A CG  1 
ATOM   1580 O OD1 . ASN A 1 238 ? -7.257  -8.641  0.085   1.00 31.45 ? 232 ASN A OD1 1 
ATOM   1581 N ND2 . ASN A 1 238 ? -8.383  -10.527 0.353   1.00 26.51 ? 232 ASN A ND2 1 
ATOM   1582 N N   . TYR A 1 239 ? -4.167  -10.769 3.451   1.00 22.17 ? 233 TYR A N   1 
ATOM   1583 C CA  . TYR A 1 239 ? -3.295  -10.730 4.647   1.00 22.03 ? 233 TYR A CA  1 
ATOM   1584 C C   . TYR A 1 239 ? -2.295  -9.555  4.650   1.00 23.09 ? 233 TYR A C   1 
ATOM   1585 O O   . TYR A 1 239 ? -2.032  -8.953  3.610   1.00 21.10 ? 233 TYR A O   1 
ATOM   1586 C CB  . TYR A 1 239 ? -2.555  -12.053 4.795   1.00 22.00 ? 233 TYR A CB  1 
ATOM   1587 C CG  . TYR A 1 239 ? -1.678  -12.399 3.623   1.00 21.98 ? 233 TYR A CG  1 
ATOM   1588 C CD1 . TYR A 1 239 ? -2.210  -12.949 2.452   1.00 22.85 ? 233 TYR A CD1 1 
ATOM   1589 C CD2 . TYR A 1 239 ? -0.318  -12.161 3.674   1.00 22.74 ? 233 TYR A CD2 1 
ATOM   1590 C CE1 . TYR A 1 239 ? -1.382  -13.251 1.370   1.00 23.48 ? 233 TYR A CE1 1 
ATOM   1591 C CE2 . TYR A 1 239 ? 0.508   -12.454 2.599   1.00 23.01 ? 233 TYR A CE2 1 
ATOM   1592 C CZ  . TYR A 1 239 ? -0.017  -13.002 1.460   1.00 22.59 ? 233 TYR A CZ  1 
ATOM   1593 O OH  . TYR A 1 239 ? 0.853   -13.281 0.424   1.00 23.80 ? 233 TYR A OH  1 
ATOM   1594 N N   . MET A 1 240 ? -1.775  -9.231  5.835   1.00 24.44 ? 234 MET A N   1 
ATOM   1595 C CA  . MET A 1 240 ? -0.712  -8.237  6.002   1.00 24.57 ? 234 MET A CA  1 
ATOM   1596 C C   . MET A 1 240 ? 0.445   -8.831  6.799   1.00 23.37 ? 234 MET A C   1 
ATOM   1597 O O   . MET A 1 240 ? 0.220   -9.524  7.790   1.00 22.48 ? 234 MET A O   1 
ATOM   1598 C CB  . MET A 1 240 ? -1.206  -7.030  6.796   1.00 27.42 ? 234 MET A CB  1 
ATOM   1599 C CG  . MET A 1 240 ? -2.420  -6.303  6.262   1.00 31.69 ? 234 MET A CG  1 
ATOM   1600 S SD  . MET A 1 240 ? -2.737  -4.828  7.284   1.00 34.95 ? 234 MET A SD  1 
ATOM   1601 C CE  . MET A 1 240 ? -1.290  -3.887  6.842   1.00 38.27 ? 234 MET A CE  1 
ATOM   1602 N N   . LEU A 1 241 ? 1.667   -8.507  6.384   1.00 21.73 ? 235 LEU A N   1 
ATOM   1603 C CA  . LEU A 1 241 ? 2.888   -8.979  7.005   1.00 20.62 ? 235 LEU A CA  1 
ATOM   1604 C C   . LEU A 1 241 ? 3.686   -7.796  7.571   1.00 20.36 ? 235 LEU A C   1 
ATOM   1605 O O   . LEU A 1 241 ? 3.916   -6.799  6.856   1.00 18.66 ? 235 LEU A O   1 
ATOM   1606 C CB  . LEU A 1 241 ? 3.728   -9.711  5.959   1.00 20.70 ? 235 LEU A CB  1 
ATOM   1607 C CG  . LEU A 1 241 ? 5.085   -10.281 6.391   1.00 20.56 ? 235 LEU A CG  1 
ATOM   1608 C CD1 . LEU A 1 241 ? 4.917   -11.405 7.403   1.00 20.01 ? 235 LEU A CD1 1 
ATOM   1609 C CD2 . LEU A 1 241 ? 5.793   -10.787 5.149   1.00 20.72 ? 235 LEU A CD2 1 
ATOM   1610 N N   . HIS A 1 242 ? 4.037   -7.895  8.858   1.00 18.78 ? 236 HIS A N   1 
ATOM   1611 C CA  . HIS A 1 242 ? 4.974   -6.991  9.501   1.00 18.84 ? 236 HIS A CA  1 
ATOM   1612 C C   . HIS A 1 242 ? 6.384   -7.592  9.514   1.00 18.98 ? 236 HIS A C   1 
ATOM   1613 O O   . HIS A 1 242 ? 6.597   -8.730  10.011  1.00 17.61 ? 236 HIS A O   1 
ATOM   1614 C CB  . HIS A 1 242 ? 4.543   -6.675  10.936  1.00 19.25 ? 236 HIS A CB  1 
ATOM   1615 C CG  . HIS A 1 242 ? 5.522   -5.818  11.681  1.00 19.93 ? 236 HIS A CG  1 
ATOM   1616 N ND1 . HIS A 1 242 ? 5.795   -5.984  13.025  1.00 20.50 ? 236 HIS A ND1 1 
ATOM   1617 C CD2 . HIS A 1 242 ? 6.307   -4.796  11.262  1.00 19.63 ? 236 HIS A CD2 1 
ATOM   1618 C CE1 . HIS A 1 242 ? 6.710   -5.106  13.398  1.00 20.30 ? 236 HIS A CE1 1 
ATOM   1619 N NE2 . HIS A 1 242 ? 7.044   -4.380  12.343  1.00 20.38 ? 236 HIS A NE2 1 
ATOM   1620 N N   . THR A 1 243 ? 7.337   -6.834  8.968   1.00 19.01 ? 237 THR A N   1 
ATOM   1621 C CA  . THR A 1 243 ? 8.750   -7.202  8.990   1.00 20.53 ? 237 THR A CA  1 
ATOM   1622 C C   . THR A 1 243 ? 9.567   -6.071  9.604   1.00 21.64 ? 237 THR A C   1 
ATOM   1623 O O   . THR A 1 243 ? 9.132   -4.915  9.640   1.00 19.53 ? 237 THR A O   1 
ATOM   1624 C CB  . THR A 1 243 ? 9.295   -7.576  7.572   1.00 21.37 ? 237 THR A CB  1 
ATOM   1625 O OG1 . THR A 1 243 ? 9.435   -6.420  6.737   1.00 23.06 ? 237 THR A OG1 1 
ATOM   1626 C CG2 . THR A 1 243 ? 8.378   -8.499  6.892   1.00 21.41 ? 237 THR A CG2 1 
ATOM   1627 N N   . GLN A 1 244 ? 10.742  -6.426  10.113  1.00 23.65 ? 238 GLN A N   1 
ATOM   1628 C CA  . GLN A 1 244 ? 11.701  -5.451  10.606  1.00 25.67 ? 238 GLN A CA  1 
ATOM   1629 C C   . GLN A 1 244 ? 13.090  -5.722  10.055  1.00 25.36 ? 238 GLN A C   1 
ATOM   1630 O O   . GLN A 1 244 ? 13.523  -6.872  9.935   1.00 24.01 ? 238 GLN A O   1 
ATOM   1631 C CB  . GLN A 1 244 ? 11.773  -5.462  12.122  1.00 28.23 ? 238 GLN A CB  1 
ATOM   1632 C CG  . GLN A 1 244 ? 10.474  -5.091  12.785  1.00 30.85 ? 238 GLN A CG  1 
ATOM   1633 C CD  . GLN A 1 244 ? 10.617  -4.923  14.283  1.00 35.46 ? 238 GLN A CD  1 
ATOM   1634 O OE1 . GLN A 1 244 ? 11.348  -5.679  14.941  1.00 38.05 ? 238 GLN A OE1 1 
ATOM   1635 N NE2 . GLN A 1 244 ? 9.923   -3.929  14.834  1.00 36.64 ? 238 GLN A NE2 1 
ATOM   1636 N N   . ASN A 1 245 ? 13.799  -4.636  9.778   1.00 25.17 ? 239 ASN A N   1 
ATOM   1637 C CA  . ASN A 1 245 ? 15.121  -4.703  9.204   1.00 28.01 ? 239 ASN A CA  1 
ATOM   1638 C C   . ASN A 1 245 ? 16.189  -5.125  10.227  1.00 27.76 ? 239 ASN A C   1 
ATOM   1639 O O   . ASN A 1 245 ? 16.249  -4.530  11.301  1.00 28.98 ? 239 ASN A O   1 
ATOM   1640 C CB  . ASN A 1 245 ? 15.483  -3.349  8.612   1.00 28.29 ? 239 ASN A CB  1 
ATOM   1641 C CG  . ASN A 1 245 ? 16.597  -3.454  7.608   1.00 28.75 ? 239 ASN A CG  1 
ATOM   1642 O OD1 . ASN A 1 245 ? 16.864  -4.529  7.093   1.00 30.96 ? 239 ASN A OD1 1 
ATOM   1643 N ND2 . ASN A 1 245 ? 17.240  -2.348  7.313   1.00 28.86 ? 239 ASN A ND2 1 
HETATM 1644 O O   . HOH B 2 .   ? -7.397  8.409   4.270   1.00 21.80 ? 301 HOH A O   1 
HETATM 1645 O O   . HOH B 2 .   ? 3.827   15.931  -4.320  1.00 25.92 ? 302 HOH A O   1 
HETATM 1646 O O   . HOH B 2 .   ? 1.032   0.859   -0.183  1.00 30.22 ? 303 HOH A O   1 
HETATM 1647 O O   . HOH B 2 .   ? 9.324   -11.704 -8.866  1.00 30.12 ? 304 HOH A O   1 
HETATM 1648 O O   . HOH B 2 .   ? -3.325  12.667  -0.915  1.00 19.43 ? 305 HOH A O   1 
HETATM 1649 O O   . HOH B 2 .   ? 5.194   -7.606  15.454  1.00 25.50 ? 306 HOH A O   1 
HETATM 1650 O O   . HOH B 2 .   ? -15.956 6.913   -4.295  1.00 19.37 ? 307 HOH A O   1 
HETATM 1651 O O   . HOH B 2 .   ? -1.843  5.691   -0.137  1.00 19.69 ? 308 HOH A O   1 
HETATM 1652 O O   . HOH B 2 .   ? 7.411   13.318  10.666  1.00 29.68 ? 309 HOH A O   1 
HETATM 1653 O O   . HOH B 2 .   ? 3.884   14.086  5.147   1.00 23.05 ? 310 HOH A O   1 
HETATM 1654 O O   . HOH B 2 .   ? 7.266   0.101   -8.487  1.00 28.38 ? 311 HOH A O   1 
HETATM 1655 O O   . HOH B 2 .   ? 8.961   10.985  3.359   1.00 21.97 ? 312 HOH A O   1 
HETATM 1656 O O   . HOH B 2 .   ? -6.162  -18.862 -0.455  1.00 32.71 ? 313 HOH A O   1 
HETATM 1657 O O   . HOH B 2 .   ? -6.960  -14.053 5.167   1.00 28.67 ? 314 HOH A O   1 
HETATM 1658 O O   . HOH B 2 .   ? -5.168  9.476   10.026  1.00 22.95 ? 315 HOH A O   1 
HETATM 1659 O O   . HOH B 2 .   ? -2.599  -13.594 12.927  1.00 28.51 ? 316 HOH A O   1 
HETATM 1660 O O   . HOH B 2 .   ? -3.573  -19.477 8.336   1.00 39.06 ? 317 HOH A O   1 
HETATM 1661 O O   . HOH B 2 .   ? -23.899 5.839   -2.452  1.00 33.23 ? 318 HOH A O   1 
HETATM 1662 O O   . HOH B 2 .   ? 8.175   -2.008  -9.770  1.00 38.97 ? 319 HOH A O   1 
HETATM 1663 O O   . HOH B 2 .   ? -11.257 -9.559  0.848   1.00 28.18 ? 320 HOH A O   1 
HETATM 1664 O O   . HOH B 2 .   ? -14.948 -9.185  8.836   1.00 26.88 ? 321 HOH A O   1 
HETATM 1665 O O   . HOH B 2 .   ? -9.882  -5.696  13.274  1.00 28.89 ? 322 HOH A O   1 
HETATM 1666 O O   . HOH B 2 .   ? -10.199 7.691   4.017   1.00 19.40 ? 323 HOH A O   1 
HETATM 1667 O O   . HOH B 2 .   ? -15.414 -2.571  8.105   1.00 27.72 ? 324 HOH A O   1 
HETATM 1668 O O   . HOH B 2 .   ? -3.691  23.502  1.002   1.00 25.51 ? 325 HOH A O   1 
HETATM 1669 O O   . HOH B 2 .   ? -9.634  -9.952  -7.030  1.00 27.15 ? 326 HOH A O   1 
HETATM 1670 O O   . HOH B 2 .   ? 3.848   7.966   17.613  1.00 23.62 ? 327 HOH A O   1 
HETATM 1671 O O   . HOH B 2 .   ? 14.210  -11.766 -2.216  1.00 44.78 ? 328 HOH A O   1 
HETATM 1672 O O   . HOH B 2 .   ? -6.040  -2.251  12.865  1.00 25.47 ? 329 HOH A O   1 
HETATM 1673 O O   . HOH B 2 .   ? 15.750  -8.458  -7.612  1.00 39.42 ? 330 HOH A O   1 
HETATM 1674 O O   . HOH B 2 .   ? 18.006  -6.512  1.722   1.00 26.54 ? 331 HOH A O   1 
HETATM 1675 O O   . HOH B 2 .   ? -11.633 -7.769  -7.284  1.00 38.55 ? 332 HOH A O   1 
HETATM 1676 O O   . HOH B 2 .   ? -17.357 -1.554  6.043   1.00 34.62 ? 333 HOH A O   1 
HETATM 1677 O O   . HOH B 2 .   ? -7.612  0.696   1.173   1.00 24.22 ? 334 HOH A O   1 
HETATM 1678 O O   . HOH B 2 .   ? 2.589   -9.921  -9.059  1.00 36.55 ? 335 HOH A O   1 
HETATM 1679 O O   . HOH B 2 .   ? -16.672 11.902  1.046   1.00 30.44 ? 336 HOH A O   1 
HETATM 1680 O O   . HOH B 2 .   ? 7.497   12.428  -9.886  1.00 32.33 ? 337 HOH A O   1 
HETATM 1681 O O   . HOH B 2 .   ? -5.239  5.057   -2.314  1.00 23.90 ? 338 HOH A O   1 
HETATM 1682 O O   . HOH B 2 .   ? 15.004  -4.569  -6.260  1.00 35.21 ? 339 HOH A O   1 
HETATM 1683 O O   . HOH B 2 .   ? -1.132  2.388   -0.121  1.00 36.36 ? 340 HOH A O   1 
HETATM 1684 O O   . HOH B 2 .   ? 0.296   18.182  -3.271  1.00 42.63 ? 341 HOH A O   1 
HETATM 1685 O O   . HOH B 2 .   ? 0.883   6.547   15.109  1.00 27.63 ? 342 HOH A O   1 
HETATM 1686 O O   . HOH B 2 .   ? 9.684   -17.062 -2.518  1.00 34.05 ? 343 HOH A O   1 
HETATM 1687 O O   . HOH B 2 .   ? 17.408  -5.676  -0.520  1.00 31.65 ? 344 HOH A O   1 
HETATM 1688 O O   . HOH B 2 .   ? -21.772 2.301   -2.117  1.00 31.38 ? 345 HOH A O   1 
HETATM 1689 O O   . HOH B 2 .   ? 9.533   2.493   12.750  1.00 32.82 ? 346 HOH A O   1 
HETATM 1690 O O   . HOH B 2 .   ? -1.114  16.494  11.552  1.00 37.99 ? 347 HOH A O   1 
HETATM 1691 O O   . HOH B 2 .   ? -13.334 -11.423 0.096   1.00 33.06 ? 348 HOH A O   1 
HETATM 1692 O O   . HOH B 2 .   ? 8.210   -12.536 15.870  1.00 43.04 ? 349 HOH A O   1 
HETATM 1693 O O   . HOH B 2 .   ? 2.595   15.088  8.614   1.00 32.83 ? 350 HOH A O   1 
HETATM 1694 O O   . HOH B 2 .   ? 0.049   10.566  16.133  1.00 32.17 ? 351 HOH A O   1 
HETATM 1695 O O   . HOH B 2 .   ? -13.449 -0.793  8.686   1.00 37.01 ? 352 HOH A O   1 
HETATM 1696 O O   . HOH B 2 .   ? 6.491   14.746  2.789   1.00 33.26 ? 353 HOH A O   1 
HETATM 1697 O O   . HOH B 2 .   ? 19.695  0.497   2.508   1.00 36.50 ? 354 HOH A O   1 
HETATM 1698 O O   . HOH B 2 .   ? 7.599   -5.423  -11.896 1.00 42.52 ? 355 HOH A O   1 
HETATM 1699 O O   . HOH B 2 .   ? -9.910  13.276  4.408   1.00 40.97 ? 356 HOH A O   1 
HETATM 1700 O O   . HOH B 2 .   ? 2.198   0.153   19.403  1.00 34.62 ? 357 HOH A O   1 
HETATM 1701 O O   . HOH B 2 .   ? -10.480 -1.281  -15.831 1.00 40.99 ? 358 HOH A O   1 
HETATM 1702 O O   . HOH B 2 .   ? -12.822 12.886  1.337   1.00 48.33 ? 359 HOH A O   1 
HETATM 1703 O O   . HOH B 2 .   ? 8.990   16.620  7.835   1.00 37.32 ? 360 HOH A O   1 
HETATM 1704 O O   . HOH B 2 .   ? 16.373  -12.092 6.644   1.00 41.51 ? 361 HOH A O   1 
HETATM 1705 O O   . HOH B 2 .   ? -10.254 15.025  -4.591  1.00 38.90 ? 362 HOH A O   1 
HETATM 1706 O O   . HOH B 2 .   ? -18.444 2.674   -12.742 1.00 34.94 ? 363 HOH A O   1 
HETATM 1707 O O   . HOH B 2 .   ? -8.190  -17.535 6.433   1.00 39.55 ? 364 HOH A O   1 
HETATM 1708 O O   . HOH B 2 .   ? -7.486  -5.604  -1.600  1.00 35.06 ? 365 HOH A O   1 
HETATM 1709 O O   . HOH B 2 .   ? -5.308  5.152   14.269  1.00 56.32 ? 366 HOH A O   1 
HETATM 1710 O O   . HOH B 2 .   ? -11.819 12.212  -5.349  1.00 35.50 ? 367 HOH A O   1 
HETATM 1711 O O   . HOH B 2 .   ? 12.281  11.138  0.554   1.00 43.32 ? 368 HOH A O   1 
HETATM 1712 O O   . HOH B 2 .   ? 13.368  10.067  -6.000  1.00 57.53 ? 369 HOH A O   1 
HETATM 1713 O O   . HOH B 2 .   ? -6.587  -3.700  -3.306  1.00 35.65 ? 370 HOH A O   1 
HETATM 1714 O O   . HOH B 2 .   ? -7.086  3.375   12.190  1.00 40.85 ? 371 HOH A O   1 
HETATM 1715 O O   . HOH B 2 .   ? 16.741  -3.198  -4.196  1.00 36.25 ? 372 HOH A O   1 
HETATM 1716 O O   . HOH B 2 .   ? -10.618 5.772   5.701   1.00 36.56 ? 373 HOH A O   1 
HETATM 1717 O O   . HOH B 2 .   ? 13.787  3.937   12.340  1.00 43.29 ? 374 HOH A O   1 
HETATM 1718 O O   . HOH B 2 .   ? -4.658  -6.956  0.885   1.00 36.84 ? 375 HOH A O   1 
# 
